data_1B3R
#
_entry.id   1B3R
#
_cell.length_a   94.760
_cell.length_b   134.480
_cell.length_c   102.260
_cell.angle_alpha   90.00
_cell.angle_beta   114.35
_cell.angle_gamma   90.00
#
_symmetry.space_group_name_H-M   'P 1 21 1'
#
loop_
_entity.id
_entity.type
_entity.pdbx_description
1 polymer 'PROTEIN (S-ADENOSYLHOMOCYSTEINE HYDROLASE)'
2 non-polymer NICOTINAMIDE-ADENINE-DINUCLEOTIDE
3 water water
#
_entity_poly.entity_id   1
_entity_poly.type   'polypeptide(L)'
_entity_poly.pdbx_seq_one_letter_code
;ADKLPYKVADIGLAAWGRKALDIAENEMPGLMRMREMYSASKPLKGARIAGCLHMTVETAVLIETLVALGAEVRWSSCNI
FSTQDHAAAAIAKAGIPVFAWKGETDEEYLWCIEQTLHFKDGPLNMILDDGGDLTNLIHTKHPQLLSGIRGISEETTTGV
HNLYKMMANGILKVPAINVNDSVTKSKFDNLYGCRESLIDGIKRATDVMIAGKVAVVAGYGDVGKGCAQALRGFGARVII
TEIDPINALQAAMEGYEVTTMDEACKEGNIFVTTTGCVDIILGRHFEQMKDDAIVCNIGHFDVEIDVKWLNENAVEKVNI
KPQVDRYLLKNGHRIILLAEGRLVNLGCAMGHPSFVMSNSFTNQVMAQIELWTHPDKYPVGVHFLPKKLDEAVAEAHLGK
LNVKLTKLTEKQAQYLGMPINGPFKPDHYRY
;
_entity_poly.pdbx_strand_id   A,B,C,D
#
loop_
_chem_comp.id
_chem_comp.type
_chem_comp.name
_chem_comp.formula
NAD non-polymer NICOTINAMIDE-ADENINE-DINUCLEOTIDE 'C21 H27 N7 O14 P2'
#
# COMPACT_ATOMS: atom_id res chain seq x y z
N LEU A 4 18.21 53.15 -5.67
CA LEU A 4 18.18 51.98 -6.53
C LEU A 4 16.78 51.41 -6.80
N PRO A 5 16.60 50.82 -8.00
CA PRO A 5 15.34 50.22 -8.45
C PRO A 5 15.28 48.75 -8.04
N TYR A 6 16.46 48.16 -7.86
CA TYR A 6 16.60 46.77 -7.48
C TYR A 6 18.06 46.54 -7.18
N LYS A 7 18.41 45.31 -6.87
CA LYS A 7 19.78 44.93 -6.59
C LYS A 7 19.81 43.41 -6.65
N VAL A 8 20.22 42.90 -7.82
CA VAL A 8 20.29 41.48 -8.08
C VAL A 8 21.75 41.18 -8.39
N ALA A 9 22.23 39.99 -8.04
CA ALA A 9 23.62 39.63 -8.30
C ALA A 9 23.99 39.73 -9.78
N ASP A 10 23.02 39.48 -10.66
CA ASP A 10 23.25 39.55 -12.09
C ASP A 10 21.92 39.55 -12.83
N ILE A 11 21.64 40.66 -13.53
CA ILE A 11 20.40 40.78 -14.27
C ILE A 11 20.54 40.16 -15.66
N GLY A 12 21.63 39.42 -15.86
CA GLY A 12 21.87 38.78 -17.14
C GLY A 12 21.11 37.46 -17.28
N LEU A 13 20.84 36.83 -16.13
CA LEU A 13 20.12 35.57 -16.10
C LEU A 13 18.62 35.76 -16.32
N ALA A 14 18.20 37.01 -16.41
CA ALA A 14 16.80 37.35 -16.58
C ALA A 14 16.07 36.52 -17.63
N ALA A 15 16.58 36.51 -18.85
CA ALA A 15 15.94 35.78 -19.94
C ALA A 15 15.84 34.29 -19.65
N TRP A 16 16.77 33.80 -18.84
CA TRP A 16 16.82 32.40 -18.44
C TRP A 16 15.85 32.19 -17.28
N GLY A 17 15.76 33.21 -16.42
CA GLY A 17 14.88 33.15 -15.28
C GLY A 17 13.46 33.00 -15.76
N ARG A 18 13.12 33.76 -16.78
CA ARG A 18 11.80 33.70 -17.35
C ARG A 18 11.52 32.29 -17.80
N LYS A 19 12.49 31.68 -18.47
CA LYS A 19 12.34 30.32 -18.97
C LYS A 19 11.92 29.42 -17.84
N ALA A 20 12.66 29.52 -16.73
CA ALA A 20 12.37 28.72 -15.55
C ALA A 20 10.95 29.02 -15.11
N LEU A 21 10.61 30.30 -15.00
CA LEU A 21 9.28 30.71 -14.57
C LEU A 21 8.13 30.14 -15.40
N ASP A 22 8.24 30.21 -16.71
CA ASP A 22 7.18 29.73 -17.60
C ASP A 22 6.97 28.23 -17.51
N ILE A 23 7.89 27.53 -16.90
CA ILE A 23 7.76 26.08 -16.73
C ILE A 23 7.15 25.77 -15.35
N ALA A 24 7.61 26.49 -14.34
CA ALA A 24 7.12 26.32 -12.98
C ALA A 24 5.64 26.69 -12.89
N GLU A 25 5.22 27.72 -13.62
CA GLU A 25 3.82 28.16 -13.62
C GLU A 25 2.86 26.97 -13.81
N ASN A 26 3.23 26.05 -14.72
CA ASN A 26 2.40 24.89 -15.01
C ASN A 26 2.14 24.04 -13.79
N GLU A 27 3.08 24.06 -12.86
CA GLU A 27 2.98 23.28 -11.62
C GLU A 27 2.60 24.14 -10.46
N MET A 28 2.17 25.37 -10.75
CA MET A 28 1.72 26.27 -9.70
C MET A 28 0.34 26.80 -10.10
N PRO A 29 -0.63 25.90 -10.37
CA PRO A 29 -1.98 26.28 -10.77
C PRO A 29 -2.71 27.15 -9.75
N GLY A 30 -2.22 27.14 -8.52
CA GLY A 30 -2.84 27.95 -7.50
C GLY A 30 -2.63 29.40 -7.84
N LEU A 31 -1.40 29.73 -8.20
CA LEU A 31 -1.06 31.10 -8.53
C LEU A 31 -1.70 31.53 -9.85
N MET A 32 -1.80 30.57 -10.76
CA MET A 32 -2.38 30.81 -12.06
C MET A 32 -3.90 31.05 -12.01
N ARG A 33 -4.61 30.38 -11.09
CA ARG A 33 -6.05 30.60 -10.99
C ARG A 33 -6.29 31.93 -10.35
N MET A 34 -5.48 32.27 -9.35
CA MET A 34 -5.62 33.55 -8.69
C MET A 34 -5.60 34.68 -9.73
N ARG A 35 -4.77 34.52 -10.75
CA ARG A 35 -4.67 35.52 -11.81
C ARG A 35 -5.88 35.49 -12.72
N GLU A 36 -6.18 34.34 -13.31
CA GLU A 36 -7.33 34.27 -14.20
C GLU A 36 -8.60 34.57 -13.45
N MET A 37 -8.50 34.59 -12.14
CA MET A 37 -9.64 34.86 -11.30
C MET A 37 -9.72 36.28 -10.76
N TYR A 38 -8.58 36.97 -10.65
CA TYR A 38 -8.58 38.31 -10.09
C TYR A 38 -7.73 39.36 -10.79
N SER A 39 -6.98 38.97 -11.82
CA SER A 39 -6.12 39.93 -12.52
C SER A 39 -6.91 41.09 -13.12
N ALA A 40 -8.07 40.80 -13.70
CA ALA A 40 -8.91 41.84 -14.28
C ALA A 40 -9.49 42.74 -13.18
N SER A 41 -10.04 42.11 -12.15
CA SER A 41 -10.65 42.83 -11.03
C SER A 41 -9.66 43.55 -10.12
N LYS A 42 -8.39 43.13 -10.13
CA LYS A 42 -7.37 43.75 -9.29
C LYS A 42 -7.82 43.97 -7.85
N PRO A 43 -7.99 42.88 -7.07
CA PRO A 43 -8.41 43.06 -5.67
C PRO A 43 -7.36 43.75 -4.79
N LEU A 44 -6.09 43.60 -5.15
CA LEU A 44 -5.00 44.18 -4.38
C LEU A 44 -4.61 45.54 -4.88
N LYS A 45 -5.50 46.14 -5.67
CA LYS A 45 -5.28 47.47 -6.22
C LYS A 45 -5.08 48.45 -5.07
N GLY A 46 -3.90 49.07 -5.02
CA GLY A 46 -3.63 50.04 -3.95
C GLY A 46 -2.71 49.54 -2.85
N ALA A 47 -2.57 48.24 -2.73
CA ALA A 47 -1.69 47.71 -1.72
C ALA A 47 -0.26 47.92 -2.16
N ARG A 48 0.59 48.16 -1.17
CA ARG A 48 2.01 48.35 -1.39
C ARG A 48 2.61 47.27 -0.48
N ILE A 49 2.82 46.11 -1.08
CA ILE A 49 3.32 44.95 -0.38
C ILE A 49 4.83 44.83 -0.30
N ALA A 50 5.32 44.67 0.92
CA ALA A 50 6.74 44.48 1.14
C ALA A 50 6.82 42.98 1.41
N GLY A 51 7.57 42.27 0.59
CA GLY A 51 7.69 40.85 0.79
C GLY A 51 9.09 40.48 1.19
N CYS A 52 9.19 39.54 2.14
CA CYS A 52 10.46 39.02 2.62
C CYS A 52 10.27 37.50 2.55
N LEU A 53 10.82 36.90 1.51
CA LEU A 53 10.66 35.48 1.31
C LEU A 53 11.65 35.01 0.24
N HIS A 54 12.29 33.89 0.52
CA HIS A 54 13.28 33.26 -0.35
C HIS A 54 12.95 33.59 -1.77
N MET A 55 13.88 34.17 -2.50
CA MET A 55 13.65 34.54 -3.90
C MET A 55 13.98 33.37 -4.81
N THR A 56 12.95 32.64 -5.20
CA THR A 56 13.08 31.48 -6.05
C THR A 56 12.15 31.57 -7.24
N VAL A 57 12.25 30.58 -8.12
CA VAL A 57 11.37 30.49 -9.29
C VAL A 57 9.91 30.49 -8.80
N GLU A 58 9.61 29.61 -7.86
CA GLU A 58 8.26 29.50 -7.29
C GLU A 58 7.81 30.79 -6.62
N THR A 59 8.73 31.51 -6.00
CA THR A 59 8.35 32.75 -5.33
C THR A 59 8.16 33.88 -6.34
N ALA A 60 8.88 33.80 -7.44
CA ALA A 60 8.78 34.80 -8.48
C ALA A 60 7.37 34.67 -9.05
N VAL A 61 6.92 33.44 -9.25
CA VAL A 61 5.58 33.21 -9.79
C VAL A 61 4.60 33.90 -8.85
N LEU A 62 4.82 33.73 -7.55
CA LEU A 62 3.95 34.35 -6.57
C LEU A 62 3.94 35.85 -6.78
N ILE A 63 5.13 36.47 -6.76
CA ILE A 63 5.23 37.93 -6.90
C ILE A 63 4.44 38.48 -8.08
N GLU A 64 4.62 37.87 -9.25
CA GLU A 64 3.90 38.33 -10.43
C GLU A 64 2.38 38.20 -10.26
N THR A 65 1.94 37.26 -9.43
CA THR A 65 0.52 37.07 -9.15
C THR A 65 0.04 38.25 -8.33
N LEU A 66 0.77 38.58 -7.27
CA LEU A 66 0.43 39.73 -6.43
C LEU A 66 0.36 40.98 -7.30
N VAL A 67 1.35 41.12 -8.19
CA VAL A 67 1.47 42.27 -9.11
C VAL A 67 0.32 42.31 -10.11
N ALA A 68 -0.03 41.13 -10.61
CA ALA A 68 -1.09 40.95 -11.58
C ALA A 68 -2.46 41.22 -10.99
N LEU A 69 -2.52 41.37 -9.67
CA LEU A 69 -3.77 41.63 -8.98
C LEU A 69 -3.91 43.09 -8.52
N GLY A 70 -3.05 43.95 -9.04
CA GLY A 70 -3.08 45.35 -8.69
C GLY A 70 -2.22 45.76 -7.53
N ALA A 71 -1.38 44.86 -7.05
CA ALA A 71 -0.51 45.18 -5.94
C ALA A 71 0.77 45.84 -6.40
N GLU A 72 1.39 46.60 -5.50
CA GLU A 72 2.66 47.24 -5.75
C GLU A 72 3.54 46.36 -4.84
N VAL A 73 4.70 45.93 -5.34
CA VAL A 73 5.55 45.04 -4.56
C VAL A 73 7.04 45.28 -4.59
N ARG A 74 7.66 45.21 -3.41
CA ARG A 74 9.11 45.33 -3.25
C ARG A 74 9.45 43.99 -2.59
N TRP A 75 10.56 43.37 -2.98
CA TRP A 75 10.90 42.07 -2.42
C TRP A 75 12.36 41.91 -1.99
N SER A 76 12.60 40.90 -1.17
CA SER A 76 13.93 40.53 -0.66
C SER A 76 13.78 39.11 -0.14
N SER A 77 14.88 38.39 0.00
CA SER A 77 14.82 37.01 0.50
C SER A 77 14.60 36.99 2.01
N CYS A 78 14.63 35.79 2.60
CA CYS A 78 14.44 35.62 4.03
C CYS A 78 15.50 34.63 4.48
N ASN A 79 16.51 34.49 3.63
CA ASN A 79 17.65 33.61 3.85
C ASN A 79 18.71 34.13 2.89
N ILE A 80 19.95 34.18 3.35
CA ILE A 80 21.06 34.68 2.53
C ILE A 80 21.47 33.86 1.30
N PHE A 81 21.20 32.56 1.33
CA PHE A 81 21.56 31.67 0.23
C PHE A 81 20.39 31.22 -0.66
N SER A 82 19.24 30.98 -0.03
CA SER A 82 18.02 30.51 -0.70
C SER A 82 17.68 31.11 -2.07
N THR A 83 18.03 32.37 -2.25
CA THR A 83 17.74 33.11 -3.48
C THR A 83 18.41 32.62 -4.78
N GLN A 84 17.57 32.22 -5.73
CA GLN A 84 18.08 31.77 -7.02
C GLN A 84 18.22 33.00 -7.87
N ASP A 85 19.45 33.35 -8.19
CA ASP A 85 19.74 34.55 -8.97
C ASP A 85 19.05 34.78 -10.32
N HIS A 86 18.89 33.73 -11.13
CA HIS A 86 18.20 33.91 -12.41
C HIS A 86 16.72 34.24 -12.18
N ALA A 87 16.18 33.81 -11.04
CA ALA A 87 14.79 34.07 -10.71
C ALA A 87 14.68 35.52 -10.26
N ALA A 88 15.61 35.95 -9.42
CA ALA A 88 15.67 37.33 -8.94
C ALA A 88 15.85 38.27 -10.14
N ALA A 89 16.80 37.93 -11.00
CA ALA A 89 17.12 38.70 -12.20
C ALA A 89 15.90 39.00 -13.08
N ALA A 90 15.06 37.99 -13.33
CA ALA A 90 13.85 38.12 -14.15
C ALA A 90 12.79 38.99 -13.48
N ILE A 91 12.75 38.99 -12.15
CA ILE A 91 11.80 39.79 -11.39
C ILE A 91 12.19 41.25 -11.52
N ALA A 92 13.50 41.52 -11.37
CA ALA A 92 14.04 42.87 -11.51
C ALA A 92 13.90 43.31 -12.99
N LYS A 93 14.17 42.38 -13.89
CA LYS A 93 14.06 42.62 -15.33
C LYS A 93 12.63 43.01 -15.70
N ALA A 94 11.66 42.47 -14.97
CA ALA A 94 10.26 42.77 -15.25
C ALA A 94 9.84 44.15 -14.69
N GLY A 95 10.76 44.79 -13.98
CA GLY A 95 10.48 46.09 -13.43
C GLY A 95 10.06 46.06 -11.97
N ILE A 96 10.24 44.91 -11.32
CA ILE A 96 9.88 44.78 -9.91
C ILE A 96 11.14 44.97 -9.07
N PRO A 97 11.05 45.80 -8.03
CA PRO A 97 12.17 46.07 -7.14
C PRO A 97 12.56 44.89 -6.22
N VAL A 98 13.51 44.06 -6.64
CA VAL A 98 13.96 42.97 -5.78
C VAL A 98 15.38 43.20 -5.32
N PHE A 99 15.56 43.11 -4.01
CA PHE A 99 16.86 43.32 -3.43
C PHE A 99 17.31 42.01 -2.87
N ALA A 100 17.83 41.15 -3.75
CA ALA A 100 18.26 39.85 -3.32
C ALA A 100 19.23 39.12 -4.24
N TRP A 101 20.16 38.40 -3.64
CA TRP A 101 21.15 37.61 -4.36
C TRP A 101 21.69 36.51 -3.44
N LYS A 102 22.10 35.38 -4.03
CA LYS A 102 22.63 34.27 -3.26
C LYS A 102 23.97 34.61 -2.63
N GLY A 103 24.10 34.28 -1.35
CA GLY A 103 25.34 34.50 -0.63
C GLY A 103 25.57 35.89 -0.06
N GLU A 104 24.51 36.53 0.43
CA GLU A 104 24.63 37.87 0.99
C GLU A 104 25.27 37.81 2.38
N THR A 105 25.95 38.89 2.74
CA THR A 105 26.56 38.96 4.05
C THR A 105 25.40 39.37 4.95
N ASP A 106 25.48 38.99 6.23
CA ASP A 106 24.45 39.32 7.21
C ASP A 106 24.08 40.82 7.17
N GLU A 107 25.07 41.64 6.83
CA GLU A 107 24.89 43.08 6.75
C GLU A 107 24.03 43.50 5.56
N GLU A 108 24.29 42.90 4.40
CA GLU A 108 23.55 43.22 3.17
C GLU A 108 22.09 42.79 3.28
N TYR A 109 21.84 41.75 4.06
CA TYR A 109 20.49 41.22 4.26
C TYR A 109 19.54 42.25 4.86
N LEU A 110 19.95 42.82 5.99
CA LEU A 110 19.16 43.84 6.66
C LEU A 110 18.90 44.97 5.67
N TRP A 111 19.96 45.42 5.00
CA TRP A 111 19.84 46.48 4.00
C TRP A 111 18.76 46.14 2.97
N CYS A 112 18.84 44.93 2.42
CA CYS A 112 17.87 44.43 1.44
C CYS A 112 16.44 44.59 1.96
N ILE A 113 16.21 44.21 3.21
CA ILE A 113 14.87 44.36 3.76
C ILE A 113 14.48 45.84 3.78
N GLU A 114 15.40 46.69 4.22
CA GLU A 114 15.15 48.14 4.30
C GLU A 114 14.63 48.75 3.00
N GLN A 115 15.13 48.24 1.88
CA GLN A 115 14.73 48.75 0.57
C GLN A 115 13.27 48.55 0.27
N THR A 116 12.72 47.41 0.69
CA THR A 116 11.33 47.07 0.43
C THR A 116 10.28 47.88 1.21
N LEU A 117 10.72 48.72 2.13
CA LEU A 117 9.80 49.49 2.96
C LEU A 117 9.19 50.77 2.40
N HIS A 118 9.76 51.31 1.33
CA HIS A 118 9.23 52.56 0.78
C HIS A 118 8.96 52.50 -0.74
N PHE A 119 7.79 53.00 -1.12
CA PHE A 119 7.33 53.03 -2.51
C PHE A 119 7.23 54.48 -2.98
N LYS A 120 7.14 54.67 -4.29
CA LYS A 120 7.06 55.99 -4.89
C LYS A 120 5.93 56.82 -4.29
N ASP A 121 4.78 56.19 -4.14
CA ASP A 121 3.61 56.88 -3.61
C ASP A 121 3.54 56.86 -2.09
N GLY A 122 4.45 56.14 -1.44
CA GLY A 122 4.44 56.10 0.01
C GLY A 122 5.05 54.82 0.57
N PRO A 123 5.07 54.68 1.90
CA PRO A 123 5.64 53.49 2.54
C PRO A 123 4.71 52.29 2.41
N LEU A 124 5.25 51.11 2.76
CA LEU A 124 4.48 49.88 2.69
C LEU A 124 3.24 49.91 3.60
N ASN A 125 2.14 49.33 3.11
CA ASN A 125 0.89 49.25 3.88
C ASN A 125 0.47 47.79 4.04
N MET A 126 1.39 46.87 3.75
CA MET A 126 1.09 45.45 3.81
C MET A 126 2.41 44.67 3.89
N ILE A 127 2.42 43.62 4.70
CA ILE A 127 3.60 42.79 4.88
C ILE A 127 3.31 41.35 4.47
N LEU A 128 4.26 40.77 3.75
CA LEU A 128 4.14 39.38 3.33
C LEU A 128 5.46 38.83 3.84
N ASP A 129 5.39 38.12 4.98
CA ASP A 129 6.58 37.63 5.62
C ASP A 129 6.66 36.12 5.71
N ASP A 130 7.90 35.66 5.79
CA ASP A 130 8.23 34.25 5.92
C ASP A 130 9.39 34.27 6.92
N GLY A 131 9.07 34.13 8.20
CA GLY A 131 10.11 34.13 9.21
C GLY A 131 9.97 35.16 10.33
N GLY A 132 9.29 36.27 10.06
CA GLY A 132 9.13 37.28 11.08
C GLY A 132 10.07 38.48 10.92
N ASP A 133 11.16 38.30 10.16
CA ASP A 133 12.16 39.36 9.91
C ASP A 133 11.59 40.70 9.53
N LEU A 134 10.76 40.74 8.50
CA LEU A 134 10.17 42.00 8.06
C LEU A 134 9.33 42.58 9.19
N THR A 135 8.45 41.76 9.78
CA THR A 135 7.58 42.22 10.85
C THR A 135 8.34 42.64 12.09
N ASN A 136 9.47 41.99 12.36
CA ASN A 136 10.24 42.38 13.52
C ASN A 136 10.94 43.69 13.24
N LEU A 137 11.48 43.82 12.02
CA LEU A 137 12.21 45.02 11.59
C LEU A 137 11.31 46.22 11.59
N ILE A 138 10.14 46.09 10.99
CA ILE A 138 9.17 47.16 10.93
C ILE A 138 8.76 47.62 12.34
N HIS A 139 8.61 46.67 13.26
CA HIS A 139 8.21 47.00 14.62
C HIS A 139 9.35 47.65 15.40
N THR A 140 10.47 46.94 15.51
CA THR A 140 11.62 47.42 16.25
C THR A 140 12.27 48.70 15.68
N LYS A 141 12.56 48.68 14.38
CA LYS A 141 13.24 49.79 13.73
C LYS A 141 12.40 50.74 12.91
N HIS A 142 11.11 50.49 12.77
CA HIS A 142 10.28 51.39 11.96
C HIS A 142 8.84 51.57 12.43
N PRO A 143 8.65 51.74 13.74
CA PRO A 143 7.32 51.92 14.32
C PRO A 143 6.47 53.06 13.76
N GLN A 144 7.10 54.00 13.07
CA GLN A 144 6.39 55.15 12.48
C GLN A 144 5.46 54.54 11.45
N LEU A 145 5.98 53.51 10.77
CA LEU A 145 5.26 52.84 9.72
C LEU A 145 4.11 51.94 10.16
N LEU A 146 4.20 51.39 11.37
CA LEU A 146 3.18 50.49 11.91
C LEU A 146 1.72 50.87 11.66
N SER A 147 1.33 52.06 12.08
CA SER A 147 -0.05 52.50 11.90
C SER A 147 -0.45 52.67 10.44
N GLY A 148 0.52 52.50 9.53
CA GLY A 148 0.26 52.63 8.11
C GLY A 148 0.03 51.30 7.44
N ILE A 149 0.53 50.24 8.06
CA ILE A 149 0.38 48.90 7.52
C ILE A 149 -1.00 48.36 7.90
N ARG A 150 -1.71 47.86 6.91
CA ARG A 150 -3.03 47.30 7.12
C ARG A 150 -2.97 45.87 7.69
N GLY A 151 -2.10 45.03 7.16
CA GLY A 151 -2.04 43.69 7.67
C GLY A 151 -0.76 42.96 7.39
N ILE A 152 -0.57 41.88 8.16
CA ILE A 152 0.58 40.99 8.07
C ILE A 152 0.10 39.64 7.58
N SER A 153 0.98 38.92 6.90
CA SER A 153 0.69 37.59 6.35
C SER A 153 1.94 36.77 6.73
N GLU A 154 1.78 35.72 7.53
CA GLU A 154 2.91 34.89 7.96
C GLU A 154 2.70 33.41 7.63
N GLU A 155 3.75 32.71 7.24
CA GLU A 155 3.61 31.32 6.87
C GLU A 155 4.59 30.32 7.46
N THR A 156 5.31 30.72 8.51
CA THR A 156 6.26 29.79 9.14
C THR A 156 5.98 29.60 10.61
N THR A 157 6.44 28.48 11.17
CA THR A 157 6.23 28.19 12.58
C THR A 157 7.00 29.19 13.44
N THR A 158 8.21 29.51 13.01
CA THR A 158 9.04 30.46 13.73
C THR A 158 8.34 31.82 13.69
N GLY A 159 8.01 32.24 12.48
CA GLY A 159 7.34 33.50 12.27
C GLY A 159 6.08 33.62 13.08
N VAL A 160 5.24 32.58 13.05
CA VAL A 160 3.98 32.59 13.78
C VAL A 160 4.16 32.59 15.29
N HIS A 161 5.09 31.78 15.79
CA HIS A 161 5.36 31.75 17.22
C HIS A 161 5.75 33.14 17.66
N ASN A 162 6.52 33.80 16.80
CA ASN A 162 6.98 35.16 17.03
C ASN A 162 5.78 36.09 17.20
N LEU A 163 4.82 35.98 16.28
CA LEU A 163 3.62 36.81 16.29
C LEU A 163 2.85 36.66 17.59
N TYR A 164 2.59 35.40 17.98
CA TYR A 164 1.88 35.11 19.22
C TYR A 164 2.64 35.68 20.42
N LYS A 165 3.96 35.55 20.40
CA LYS A 165 4.82 36.07 21.47
C LYS A 165 4.78 37.59 21.53
N MET A 166 4.87 38.27 20.38
CA MET A 166 4.82 39.73 20.35
C MET A 166 3.47 40.17 20.88
N MET A 167 2.42 39.51 20.41
CA MET A 167 1.05 39.83 20.82
C MET A 167 0.89 39.60 22.31
N ALA A 168 1.55 38.57 22.82
CA ALA A 168 1.47 38.27 24.24
C ALA A 168 2.11 39.42 25.02
N ASN A 169 3.14 40.02 24.43
CA ASN A 169 3.86 41.13 25.06
C ASN A 169 3.22 42.47 24.71
N GLY A 170 2.11 42.42 23.97
CA GLY A 170 1.42 43.63 23.59
C GLY A 170 2.23 44.54 22.68
N ILE A 171 3.23 43.95 22.01
CA ILE A 171 4.09 44.69 21.08
C ILE A 171 3.53 44.65 19.66
N LEU A 172 2.72 43.62 19.35
CA LEU A 172 2.11 43.48 18.03
C LEU A 172 1.13 44.65 17.86
N LYS A 173 1.26 45.36 16.74
CA LYS A 173 0.44 46.54 16.47
C LYS A 173 -0.39 46.43 15.19
N VAL A 174 -0.21 45.36 14.44
CA VAL A 174 -0.95 45.18 13.18
C VAL A 174 -1.45 43.74 13.09
N PRO A 175 -2.71 43.54 12.65
CA PRO A 175 -3.30 42.20 12.52
C PRO A 175 -2.48 41.32 11.62
N ALA A 176 -2.45 40.04 11.93
CA ALA A 176 -1.69 39.12 11.11
C ALA A 176 -2.58 37.95 10.84
N ILE A 177 -2.31 37.25 9.75
CA ILE A 177 -3.05 36.08 9.41
C ILE A 177 -2.02 34.97 9.34
N ASN A 178 -2.31 33.89 10.04
CA ASN A 178 -1.42 32.75 10.12
C ASN A 178 -1.89 31.75 9.08
N VAL A 179 -1.14 31.73 7.99
CA VAL A 179 -1.37 30.89 6.85
C VAL A 179 -0.58 29.60 7.04
N ASN A 180 0.25 29.59 8.08
CA ASN A 180 1.09 28.44 8.37
C ASN A 180 0.27 27.22 8.75
N ASP A 181 -0.76 27.44 9.55
CA ASP A 181 -1.61 26.34 9.99
C ASP A 181 -2.80 26.02 9.12
N SER A 182 -2.83 26.52 7.90
CA SER A 182 -3.94 26.18 7.03
C SER A 182 -3.68 24.71 6.67
N VAL A 183 -4.73 23.93 6.50
CA VAL A 183 -4.50 22.54 6.15
C VAL A 183 -3.75 22.42 4.83
N THR A 184 -4.06 23.26 3.83
CA THR A 184 -3.35 23.20 2.55
C THR A 184 -1.89 23.65 2.62
N LYS A 185 -1.56 24.55 3.55
CA LYS A 185 -0.17 24.97 3.71
C LYS A 185 0.58 23.85 4.43
N SER A 186 0.12 23.51 5.64
CA SER A 186 0.71 22.44 6.43
C SER A 186 0.79 21.09 5.74
N LYS A 187 -0.30 20.61 5.17
CA LYS A 187 -0.25 19.30 4.52
C LYS A 187 0.77 19.23 3.41
N PHE A 188 0.86 20.24 2.56
CA PHE A 188 1.80 20.20 1.44
C PHE A 188 3.21 20.42 1.82
N ASP A 189 3.43 21.33 2.75
CA ASP A 189 4.76 21.64 3.21
C ASP A 189 5.36 20.58 4.12
N ASN A 190 4.61 20.11 5.10
CA ASN A 190 5.10 19.09 6.03
C ASN A 190 4.96 17.66 5.47
N LEU A 191 3.72 17.19 5.32
CA LEU A 191 3.42 15.82 4.84
C LEU A 191 3.84 15.52 3.42
N TYR A 192 3.08 16.03 2.47
CA TYR A 192 3.32 15.79 1.07
C TYR A 192 4.68 16.16 0.51
N GLY A 193 5.21 17.34 0.88
CA GLY A 193 6.51 17.77 0.40
C GLY A 193 7.61 16.76 0.69
N CYS A 194 7.84 16.52 1.98
CA CYS A 194 8.85 15.58 2.45
C CYS A 194 8.61 14.15 1.95
N ARG A 195 7.36 13.80 1.68
CA ARG A 195 7.11 12.46 1.20
C ARG A 195 7.79 12.28 -0.14
N GLU A 196 7.64 13.28 -0.99
CA GLU A 196 8.23 13.26 -2.34
C GLU A 196 9.77 13.32 -2.29
N SER A 197 10.27 14.32 -1.57
CA SER A 197 11.71 14.57 -1.50
C SER A 197 12.67 13.80 -0.55
N LEU A 198 12.19 13.29 0.58
CA LEU A 198 13.09 12.56 1.49
C LEU A 198 13.95 11.57 0.75
N ILE A 199 13.32 10.63 0.06
CA ILE A 199 14.05 9.60 -0.68
C ILE A 199 14.95 10.17 -1.77
N ASP A 200 14.57 11.30 -2.36
CA ASP A 200 15.43 11.87 -3.40
C ASP A 200 16.76 12.29 -2.78
N GLY A 201 16.70 12.87 -1.57
CA GLY A 201 17.91 13.25 -0.88
C GLY A 201 18.77 12.02 -0.65
N ILE A 202 18.22 11.00 -0.01
CA ILE A 202 18.96 9.77 0.27
C ILE A 202 19.56 9.13 -0.97
N LYS A 203 18.82 9.11 -2.07
CA LYS A 203 19.33 8.51 -3.32
C LYS A 203 20.45 9.37 -3.99
N ARG A 204 20.23 10.67 -4.10
CA ARG A 204 21.21 11.54 -4.70
C ARG A 204 22.51 11.46 -3.92
N ALA A 205 22.40 11.37 -2.61
CA ALA A 205 23.56 11.29 -1.76
C ALA A 205 24.23 9.91 -1.75
N THR A 206 23.43 8.84 -1.79
CA THR A 206 23.96 7.49 -1.66
C THR A 206 23.67 6.47 -2.77
N ASP A 207 22.65 6.73 -3.58
CA ASP A 207 22.27 5.80 -4.64
C ASP A 207 22.08 4.41 -4.06
N VAL A 208 21.56 4.36 -2.82
CA VAL A 208 21.33 3.13 -2.05
C VAL A 208 19.99 2.43 -2.30
N MET A 209 19.99 1.12 -2.24
CA MET A 209 18.77 0.35 -2.40
C MET A 209 17.99 0.51 -1.09
N ILE A 210 16.75 1.02 -1.16
CA ILE A 210 15.94 1.23 0.04
C ILE A 210 15.19 -0.02 0.51
N ALA A 211 14.67 -0.79 -0.43
CA ALA A 211 13.92 -1.98 -0.09
C ALA A 211 14.76 -2.95 0.67
N GLY A 212 14.18 -3.59 1.66
CA GLY A 212 14.90 -4.56 2.44
C GLY A 212 15.68 -3.96 3.59
N LYS A 213 15.59 -2.64 3.77
CA LYS A 213 16.30 -1.96 4.86
C LYS A 213 15.37 -1.51 5.98
N VAL A 214 15.85 -1.53 7.21
CA VAL A 214 15.04 -1.08 8.33
C VAL A 214 15.31 0.40 8.39
N ALA A 215 14.27 1.20 8.25
CA ALA A 215 14.41 2.63 8.30
C ALA A 215 13.80 3.03 9.63
N VAL A 216 14.49 3.84 10.43
CA VAL A 216 13.96 4.26 11.72
C VAL A 216 13.68 5.73 11.60
N VAL A 217 12.42 6.12 11.75
CA VAL A 217 12.03 7.51 11.63
C VAL A 217 11.64 8.02 13.02
N ALA A 218 12.29 9.09 13.47
CA ALA A 218 11.99 9.64 14.78
C ALA A 218 10.93 10.72 14.69
N GLY A 219 9.74 10.39 15.17
CA GLY A 219 8.64 11.32 15.14
C GLY A 219 7.62 10.78 14.17
N TYR A 220 6.37 11.19 14.34
CA TYR A 220 5.29 10.76 13.48
C TYR A 220 4.27 11.88 13.36
N GLY A 221 4.76 13.09 13.17
CA GLY A 221 3.90 14.22 12.97
C GLY A 221 3.73 14.23 11.46
N ASP A 222 3.45 15.37 10.86
CA ASP A 222 3.26 15.41 9.42
C ASP A 222 4.50 14.98 8.63
N VAL A 223 5.67 15.44 9.04
CA VAL A 223 6.90 15.08 8.33
C VAL A 223 7.14 13.57 8.52
N GLY A 224 7.01 13.11 9.76
CA GLY A 224 7.22 11.71 10.06
C GLY A 224 6.30 10.81 9.28
N LYS A 225 5.04 11.22 9.14
CA LYS A 225 4.05 10.43 8.41
C LYS A 225 4.43 10.30 6.96
N GLY A 226 4.79 11.41 6.34
CA GLY A 226 5.19 11.40 4.94
C GLY A 226 6.48 10.63 4.74
N CYS A 227 7.47 10.85 5.62
CA CYS A 227 8.74 10.13 5.49
C CYS A 227 8.54 8.63 5.64
N ALA A 228 7.70 8.22 6.60
CA ALA A 228 7.41 6.81 6.87
C ALA A 228 6.72 6.16 5.68
N GLN A 229 5.68 6.83 5.19
CA GLN A 229 4.92 6.35 4.06
C GLN A 229 5.80 6.17 2.83
N ALA A 230 6.70 7.12 2.59
CA ALA A 230 7.64 7.09 1.47
C ALA A 230 8.53 5.84 1.49
N LEU A 231 9.29 5.70 2.57
CA LEU A 231 10.19 4.58 2.79
C LEU A 231 9.41 3.27 2.71
N ARG A 232 8.20 3.25 3.26
CA ARG A 232 7.39 2.05 3.23
C ARG A 232 7.07 1.66 1.80
N GLY A 233 6.69 2.62 0.97
CA GLY A 233 6.38 2.33 -0.43
C GLY A 233 7.56 1.77 -1.23
N PHE A 234 8.76 1.92 -0.68
CA PHE A 234 9.97 1.46 -1.32
C PHE A 234 10.37 0.10 -0.86
N GLY A 235 9.74 -0.40 0.20
CA GLY A 235 10.08 -1.74 0.67
C GLY A 235 10.90 -1.82 1.95
N ALA A 236 10.98 -0.72 2.68
CA ALA A 236 11.73 -0.74 3.92
C ALA A 236 10.84 -1.14 5.08
N ARG A 237 11.45 -1.63 6.13
CA ARG A 237 10.72 -1.98 7.33
C ARG A 237 10.92 -0.80 8.27
N VAL A 238 9.95 0.12 8.24
CA VAL A 238 9.97 1.33 9.04
C VAL A 238 9.64 1.09 10.52
N ILE A 239 10.43 1.69 11.41
CA ILE A 239 10.22 1.61 12.87
C ILE A 239 10.08 3.04 13.30
N ILE A 240 9.07 3.32 14.10
CA ILE A 240 8.81 4.68 14.53
C ILE A 240 9.22 4.92 15.98
N THR A 241 9.51 6.17 16.34
CA THR A 241 9.84 6.51 17.71
C THR A 241 8.94 7.72 17.98
N GLU A 242 8.46 7.90 19.22
CA GLU A 242 7.57 9.02 19.53
C GLU A 242 7.47 9.33 21.02
N ILE A 243 7.00 10.53 21.33
CA ILE A 243 6.81 10.94 22.71
C ILE A 243 5.32 11.14 23.02
N ASP A 244 4.54 11.41 21.96
CA ASP A 244 3.11 11.67 22.08
C ASP A 244 2.37 10.37 21.85
N PRO A 245 1.59 9.92 22.84
CA PRO A 245 0.83 8.67 22.75
C PRO A 245 -0.14 8.56 21.57
N ILE A 246 -0.74 9.67 21.15
CA ILE A 246 -1.69 9.68 20.03
C ILE A 246 -1.01 9.42 18.68
N ASN A 247 0.06 10.17 18.37
CA ASN A 247 0.79 10.00 17.12
C ASN A 247 1.30 8.58 17.09
N ALA A 248 1.86 8.15 18.22
CA ALA A 248 2.36 6.78 18.39
C ALA A 248 1.26 5.76 18.10
N LEU A 249 0.04 5.99 18.61
CA LEU A 249 -1.06 5.09 18.35
C LEU A 249 -1.37 5.08 16.83
N GLN A 250 -1.40 6.25 16.19
CA GLN A 250 -1.65 6.36 14.76
C GLN A 250 -0.67 5.51 13.95
N ALA A 251 0.60 5.52 14.36
CA ALA A 251 1.62 4.73 13.68
C ALA A 251 1.32 3.24 13.87
N ALA A 252 1.05 2.86 15.12
CA ALA A 252 0.73 1.49 15.46
C ALA A 252 -0.44 0.99 14.65
N MET A 253 -1.46 1.83 14.50
CA MET A 253 -2.62 1.47 13.73
C MET A 253 -2.36 1.28 12.24
N GLU A 254 -1.22 1.75 11.75
CA GLU A 254 -0.87 1.60 10.33
C GLU A 254 0.10 0.46 10.12
N GLY A 255 0.49 -0.22 11.18
CA GLY A 255 1.38 -1.34 11.01
C GLY A 255 2.84 -1.11 11.34
N TYR A 256 3.19 0.10 11.74
CA TYR A 256 4.57 0.43 12.08
C TYR A 256 4.89 0.06 13.51
N GLU A 257 6.09 -0.46 13.73
CA GLU A 257 6.51 -0.78 15.08
C GLU A 257 6.89 0.54 15.68
N VAL A 258 6.65 0.74 16.97
CA VAL A 258 6.99 1.98 17.65
C VAL A 258 7.82 1.66 18.89
N THR A 259 9.08 2.10 18.91
CA THR A 259 9.93 1.89 20.08
C THR A 259 10.65 3.19 20.47
N THR A 260 11.80 3.01 21.10
CA THR A 260 12.62 4.09 21.54
C THR A 260 13.90 3.97 20.73
N MET A 261 14.53 5.13 20.48
CA MET A 261 15.77 5.15 19.71
C MET A 261 16.76 4.26 20.38
N ASP A 262 16.75 4.28 21.72
CA ASP A 262 17.65 3.44 22.55
C ASP A 262 17.62 1.97 22.18
N GLU A 263 16.58 1.56 21.45
CA GLU A 263 16.47 0.18 21.02
C GLU A 263 16.57 0.15 19.52
N ALA A 264 15.92 1.08 18.85
CA ALA A 264 15.93 1.12 17.41
C ALA A 264 17.31 1.27 16.80
N CYS A 265 18.20 2.03 17.44
CA CYS A 265 19.57 2.23 16.93
C CYS A 265 20.33 0.96 16.59
N LYS A 266 20.09 -0.09 17.36
CA LYS A 266 20.74 -1.36 17.15
C LYS A 266 20.23 -2.05 15.91
N GLU A 267 19.12 -1.59 15.37
CA GLU A 267 18.51 -2.25 14.21
C GLU A 267 18.50 -1.63 12.84
N GLY A 268 18.25 -0.33 12.77
CA GLY A 268 18.18 0.33 11.49
C GLY A 268 19.42 0.50 10.64
N ASN A 269 19.17 0.71 9.34
CA ASN A 269 20.21 0.92 8.34
C ASN A 269 20.14 2.33 7.81
N ILE A 270 18.99 2.97 8.00
CA ILE A 270 18.73 4.33 7.59
C ILE A 270 18.03 4.94 8.78
N PHE A 271 18.41 6.17 9.17
CA PHE A 271 17.80 6.90 10.28
C PHE A 271 17.37 8.28 9.81
N VAL A 272 16.11 8.63 10.04
CA VAL A 272 15.60 9.93 9.63
C VAL A 272 15.01 10.61 10.85
N THR A 273 15.38 11.86 11.10
CA THR A 273 14.81 12.57 12.22
C THR A 273 13.75 13.52 11.66
N THR A 274 12.66 13.63 12.40
CA THR A 274 11.49 14.40 12.00
C THR A 274 10.88 15.16 13.20
N THR A 275 11.57 15.03 14.30
CA THR A 275 11.17 15.59 15.57
C THR A 275 10.99 17.09 15.79
N GLY A 276 12.01 17.87 15.45
CA GLY A 276 11.96 19.31 15.69
C GLY A 276 12.45 19.57 17.12
N CYS A 277 13.05 18.54 17.71
CA CYS A 277 13.56 18.58 19.07
C CYS A 277 15.03 18.19 19.04
N VAL A 278 15.74 18.53 20.10
CA VAL A 278 17.16 18.27 20.25
C VAL A 278 17.46 16.89 20.82
N ASP A 279 18.70 16.48 20.69
CA ASP A 279 19.17 15.22 21.23
C ASP A 279 18.40 13.99 20.82
N ILE A 280 18.17 13.83 19.51
CA ILE A 280 17.46 12.65 19.00
C ILE A 280 18.43 11.48 18.76
N ILE A 281 19.52 11.72 18.05
CA ILE A 281 20.50 10.65 17.83
C ILE A 281 21.81 11.05 18.48
N LEU A 282 22.08 10.47 19.63
CA LEU A 282 23.29 10.75 20.37
C LEU A 282 24.38 9.72 20.10
N GLY A 283 25.56 9.98 20.64
CA GLY A 283 26.66 9.08 20.41
C GLY A 283 26.42 7.68 20.92
N ARG A 284 25.66 7.54 22.01
CA ARG A 284 25.39 6.21 22.53
C ARG A 284 24.65 5.41 21.50
N HIS A 285 23.89 6.10 20.65
CA HIS A 285 23.16 5.43 19.59
C HIS A 285 24.12 5.08 18.48
N PHE A 286 24.92 6.05 18.03
CA PHE A 286 25.90 5.81 16.96
C PHE A 286 26.76 4.60 17.27
N GLU A 287 27.22 4.46 18.50
CA GLU A 287 28.06 3.32 18.87
C GLU A 287 27.38 1.97 18.72
N GLN A 288 26.05 1.99 18.59
CA GLN A 288 25.26 0.76 18.46
C GLN A 288 24.85 0.43 17.04
N MET A 289 24.88 1.43 16.17
CA MET A 289 24.48 1.26 14.78
C MET A 289 25.29 0.28 13.98
N LYS A 290 24.62 -0.32 13.00
CA LYS A 290 25.25 -1.28 12.10
C LYS A 290 26.23 -0.54 11.21
N ASP A 291 27.01 -1.30 10.45
CA ASP A 291 28.02 -0.74 9.55
C ASP A 291 27.41 0.00 8.39
N ASP A 292 27.81 1.26 8.24
CA ASP A 292 27.32 2.11 7.16
C ASP A 292 25.87 2.53 7.24
N ALA A 293 25.41 2.73 8.46
CA ALA A 293 24.06 3.19 8.68
C ALA A 293 24.01 4.58 8.06
N ILE A 294 22.86 4.95 7.50
CA ILE A 294 22.74 6.28 6.94
C ILE A 294 21.96 7.04 7.98
N VAL A 295 22.40 8.22 8.32
CA VAL A 295 21.74 9.02 9.34
C VAL A 295 21.54 10.40 8.79
N CYS A 296 20.28 10.80 8.59
CA CYS A 296 19.99 12.10 8.05
C CYS A 296 18.87 12.70 8.88
N ASN A 297 18.70 14.02 8.72
CA ASN A 297 17.72 14.80 9.44
C ASN A 297 16.86 15.56 8.42
N ILE A 298 15.56 15.67 8.66
CA ILE A 298 14.68 16.39 7.72
C ILE A 298 13.74 17.27 8.51
N GLY A 299 13.96 17.29 9.84
CA GLY A 299 13.15 18.12 10.73
C GLY A 299 13.66 19.54 10.94
N HIS A 300 14.26 19.78 12.10
CA HIS A 300 14.78 21.09 12.47
C HIS A 300 16.28 21.17 12.13
N PHE A 301 16.67 22.18 11.35
CA PHE A 301 18.05 22.37 10.94
C PHE A 301 19.01 22.04 12.07
N ASP A 302 19.93 21.11 11.81
CA ASP A 302 20.99 20.64 12.73
C ASP A 302 20.83 20.19 14.22
N VAL A 303 19.77 20.59 14.92
CA VAL A 303 19.63 20.23 16.33
C VAL A 303 19.35 18.76 16.67
N GLU A 304 18.78 18.04 15.72
CA GLU A 304 18.39 16.66 15.99
C GLU A 304 19.43 15.57 16.11
N ILE A 305 20.55 15.70 15.40
CA ILE A 305 21.60 14.69 15.47
C ILE A 305 22.86 15.26 16.13
N ASP A 306 23.55 14.48 16.95
CA ASP A 306 24.76 14.96 17.63
C ASP A 306 25.93 14.83 16.66
N VAL A 307 26.01 15.74 15.70
CA VAL A 307 27.08 15.74 14.71
C VAL A 307 28.45 15.99 15.35
N LYS A 308 28.50 16.88 16.34
CA LYS A 308 29.75 17.16 17.04
C LYS A 308 30.33 15.86 17.62
N TRP A 309 29.50 15.01 18.19
CA TRP A 309 30.01 13.78 18.74
C TRP A 309 30.74 13.01 17.65
N LEU A 310 30.12 12.91 16.47
CA LEU A 310 30.73 12.20 15.36
C LEU A 310 32.08 12.84 15.12
N ASN A 311 32.09 14.15 14.97
CA ASN A 311 33.31 14.90 14.71
C ASN A 311 34.37 14.67 15.79
N GLU A 312 33.94 14.67 17.05
CA GLU A 312 34.89 14.51 18.14
C GLU A 312 35.26 13.10 18.53
N ASN A 313 34.51 12.09 18.09
CA ASN A 313 34.83 10.71 18.47
C ASN A 313 35.14 9.71 17.35
N ALA A 314 35.16 10.18 16.12
CA ALA A 314 35.43 9.28 15.00
C ALA A 314 36.93 9.22 14.76
N VAL A 315 37.42 8.06 14.34
CA VAL A 315 38.84 7.88 14.04
C VAL A 315 39.20 8.54 12.70
N GLU A 316 38.32 8.41 11.72
CA GLU A 316 38.52 9.02 10.41
C GLU A 316 37.26 9.81 10.11
N LYS A 317 37.25 10.49 8.97
CA LYS A 317 36.11 11.27 8.49
C LYS A 317 36.47 11.56 7.07
N VAL A 318 35.63 11.16 6.13
CA VAL A 318 35.96 11.43 4.75
C VAL A 318 34.78 11.99 3.98
N ASN A 319 35.01 13.05 3.22
CA ASN A 319 33.94 13.62 2.45
C ASN A 319 33.85 12.69 1.26
N ILE A 320 32.68 12.13 1.05
CA ILE A 320 32.46 11.25 -0.06
C ILE A 320 32.04 12.07 -1.29
N LYS A 321 31.29 13.15 -1.08
CA LYS A 321 30.84 14.03 -2.15
C LYS A 321 30.17 15.14 -1.38
N PRO A 322 29.82 16.26 -2.05
CA PRO A 322 29.18 17.32 -1.27
C PRO A 322 27.96 16.85 -0.51
N GLN A 323 27.93 17.18 0.79
CA GLN A 323 26.85 16.84 1.72
C GLN A 323 26.81 15.36 2.16
N VAL A 324 27.81 14.57 1.75
CA VAL A 324 27.93 13.17 2.13
C VAL A 324 29.27 12.94 2.83
N ASP A 325 29.23 12.68 4.14
CA ASP A 325 30.42 12.43 4.98
C ASP A 325 30.35 11.03 5.59
N ARG A 326 31.50 10.39 5.79
CA ARG A 326 31.54 9.04 6.34
C ARG A 326 32.58 8.95 7.47
N TYR A 327 32.12 8.58 8.65
CA TYR A 327 32.99 8.49 9.82
C TYR A 327 33.36 7.07 10.21
N LEU A 328 34.61 6.85 10.57
CA LEU A 328 34.99 5.51 11.02
C LEU A 328 34.95 5.67 12.52
N LEU A 329 34.21 4.79 13.20
CA LEU A 329 34.11 4.86 14.67
C LEU A 329 35.12 3.91 15.28
N LYS A 330 35.44 4.13 16.55
CA LYS A 330 36.41 3.26 17.20
C LYS A 330 36.03 1.78 17.17
N ASN A 331 34.73 1.49 17.14
CA ASN A 331 34.27 0.10 17.08
C ASN A 331 34.40 -0.54 15.71
N GLY A 332 34.85 0.24 14.73
CA GLY A 332 35.05 -0.29 13.38
C GLY A 332 33.94 -0.08 12.38
N HIS A 333 32.84 0.50 12.82
CA HIS A 333 31.72 0.74 11.93
C HIS A 333 31.82 2.11 11.35
N ARG A 334 31.20 2.29 10.19
CA ARG A 334 31.21 3.57 9.52
C ARG A 334 29.80 4.15 9.60
N ILE A 335 29.73 5.46 9.79
CA ILE A 335 28.46 6.15 9.88
C ILE A 335 28.39 7.14 8.72
N ILE A 336 27.47 6.94 7.80
CA ILE A 336 27.32 7.86 6.66
C ILE A 336 26.31 8.91 7.09
N LEU A 337 26.78 10.15 7.24
CA LEU A 337 25.94 11.27 7.68
C LEU A 337 25.63 12.18 6.50
N LEU A 338 24.36 12.53 6.32
CA LEU A 338 23.93 13.38 5.21
C LEU A 338 23.72 14.84 5.59
N ALA A 339 24.03 15.73 4.65
CA ALA A 339 23.88 17.18 4.79
C ALA A 339 24.40 17.73 6.09
N GLU A 340 25.39 17.07 6.67
CA GLU A 340 25.96 17.51 7.94
C GLU A 340 24.90 17.63 9.03
N GLY A 341 23.87 16.76 8.96
CA GLY A 341 22.79 16.76 9.94
C GLY A 341 21.75 17.82 9.66
N ARG A 342 21.87 18.48 8.51
CA ARG A 342 20.94 19.52 8.10
C ARG A 342 19.85 18.88 7.24
N LEU A 343 18.82 19.64 6.88
CA LEU A 343 17.71 19.11 6.09
C LEU A 343 18.20 18.38 4.86
N VAL A 344 18.08 17.06 4.85
CA VAL A 344 18.51 16.27 3.71
C VAL A 344 17.77 16.63 2.41
N ASN A 345 16.50 16.99 2.49
CA ASN A 345 15.77 17.33 1.26
C ASN A 345 16.35 18.56 0.58
N LEU A 346 16.67 19.57 1.38
CA LEU A 346 17.24 20.80 0.86
C LEU A 346 18.75 20.65 0.60
N GLY A 347 19.43 19.93 1.49
CA GLY A 347 20.86 19.73 1.36
C GLY A 347 21.33 18.73 0.31
N CYS A 348 20.57 17.67 0.05
CA CYS A 348 20.97 16.67 -0.94
C CYS A 348 20.02 16.53 -2.12
N ALA A 349 18.90 17.21 -2.06
CA ALA A 349 17.97 17.10 -3.16
C ALA A 349 17.67 18.52 -3.58
N MET A 350 16.47 18.74 -4.10
CA MET A 350 16.10 20.06 -4.56
C MET A 350 14.97 20.68 -3.78
N GLY A 351 14.70 20.14 -2.58
CA GLY A 351 13.63 20.66 -1.74
C GLY A 351 12.29 20.16 -2.22
N HIS A 352 11.23 20.91 -1.91
CA HIS A 352 9.86 20.54 -2.30
C HIS A 352 9.50 20.92 -3.73
N PRO A 353 8.61 20.14 -4.36
CA PRO A 353 8.17 20.40 -5.74
C PRO A 353 7.42 21.71 -5.83
N SER A 354 7.31 22.23 -7.04
CA SER A 354 6.62 23.50 -7.22
C SER A 354 5.20 23.42 -6.71
N PHE A 355 4.54 22.30 -6.99
CA PHE A 355 3.15 22.11 -6.56
C PHE A 355 2.97 22.33 -5.05
N VAL A 356 3.91 21.89 -4.22
CA VAL A 356 3.70 22.14 -2.81
C VAL A 356 3.80 23.61 -2.59
N MET A 357 4.75 24.25 -3.26
CA MET A 357 4.93 25.71 -3.11
C MET A 357 3.66 26.42 -3.54
N SER A 358 3.06 25.94 -4.61
CA SER A 358 1.82 26.52 -5.10
C SER A 358 0.75 26.56 -4.02
N ASN A 359 0.76 25.60 -3.10
CA ASN A 359 -0.23 25.61 -2.03
C ASN A 359 0.14 26.63 -0.96
N SER A 360 1.39 26.66 -0.54
CA SER A 360 1.80 27.62 0.47
C SER A 360 1.60 29.07 -0.04
N PHE A 361 2.05 29.36 -1.26
CA PHE A 361 1.91 30.71 -1.82
C PHE A 361 0.48 31.17 -2.10
N THR A 362 -0.36 30.30 -2.65
CA THR A 362 -1.74 30.69 -2.88
C THR A 362 -2.32 31.03 -1.52
N ASN A 363 -1.88 30.33 -0.49
CA ASN A 363 -2.37 30.65 0.84
C ASN A 363 -1.97 32.07 1.18
N GLN A 364 -0.78 32.46 0.76
CA GLN A 364 -0.32 33.81 1.00
C GLN A 364 -1.10 34.87 0.19
N VAL A 365 -1.34 34.62 -1.10
CA VAL A 365 -2.10 35.55 -1.93
C VAL A 365 -3.46 35.76 -1.29
N MET A 366 -4.06 34.65 -0.86
CA MET A 366 -5.37 34.67 -0.20
C MET A 366 -5.37 35.61 0.98
N ALA A 367 -4.38 35.45 1.86
CA ALA A 367 -4.24 36.28 3.07
C ALA A 367 -4.10 37.77 2.73
N GLN A 368 -3.30 38.06 1.71
CA GLN A 368 -3.09 39.43 1.25
C GLN A 368 -4.41 40.03 0.80
N ILE A 369 -5.07 39.35 -0.14
CA ILE A 369 -6.33 39.81 -0.68
C ILE A 369 -7.37 40.10 0.40
N GLU A 370 -7.51 39.17 1.35
CA GLU A 370 -8.51 39.32 2.39
C GLU A 370 -8.26 40.42 3.40
N LEU A 371 -7.05 40.49 3.93
CA LEU A 371 -6.70 41.52 4.91
C LEU A 371 -6.85 42.89 4.30
N TRP A 372 -6.35 43.02 3.07
CA TRP A 372 -6.38 44.24 2.31
C TRP A 372 -7.79 44.72 1.99
N THR A 373 -8.65 43.75 1.67
CA THR A 373 -10.02 44.02 1.29
C THR A 373 -11.04 44.17 2.43
N HIS A 374 -10.57 43.94 3.66
CA HIS A 374 -11.43 44.02 4.83
C HIS A 374 -10.69 44.77 5.95
N PRO A 375 -10.38 46.05 5.71
CA PRO A 375 -9.67 46.90 6.67
C PRO A 375 -10.25 46.88 8.08
N ASP A 376 -11.56 47.03 8.18
CA ASP A 376 -12.18 47.04 9.50
C ASP A 376 -12.77 45.66 9.82
N LYS A 377 -11.93 44.65 9.80
CA LYS A 377 -12.40 43.29 10.08
C LYS A 377 -11.53 42.54 11.08
N TYR A 378 -10.23 42.79 10.99
CA TYR A 378 -9.30 42.10 11.84
C TYR A 378 -8.70 42.94 12.95
N PRO A 379 -8.97 42.55 14.20
CA PRO A 379 -8.44 43.25 15.37
C PRO A 379 -6.93 42.95 15.43
N VAL A 380 -6.18 43.77 16.14
CA VAL A 380 -4.76 43.51 16.21
C VAL A 380 -4.62 42.18 16.92
N GLY A 381 -4.10 41.20 16.19
CA GLY A 381 -3.91 39.87 16.74
C GLY A 381 -3.44 38.97 15.62
N VAL A 382 -3.15 37.71 15.94
CA VAL A 382 -2.71 36.78 14.92
C VAL A 382 -3.83 35.77 14.68
N HIS A 383 -4.52 35.92 13.57
CA HIS A 383 -5.65 35.07 13.22
C HIS A 383 -5.28 33.94 12.23
N PHE A 384 -6.20 33.01 12.03
CA PHE A 384 -6.00 31.89 11.11
C PHE A 384 -6.67 32.29 9.80
N LEU A 385 -6.35 31.61 8.71
CA LEU A 385 -7.00 31.92 7.43
C LEU A 385 -8.41 31.37 7.44
N PRO A 386 -9.41 32.22 7.13
CA PRO A 386 -10.79 31.73 7.09
C PRO A 386 -10.83 30.42 6.27
N LYS A 387 -11.59 29.43 6.75
CA LYS A 387 -11.67 28.14 6.08
C LYS A 387 -12.14 28.23 4.66
N LYS A 388 -13.02 29.18 4.38
CA LYS A 388 -13.48 29.27 3.01
C LYS A 388 -12.30 29.63 2.08
N LEU A 389 -11.32 30.34 2.61
CA LEU A 389 -10.14 30.68 1.83
C LEU A 389 -9.21 29.48 1.72
N ASP A 390 -9.08 28.72 2.81
CA ASP A 390 -8.25 27.51 2.82
C ASP A 390 -8.86 26.55 1.75
N GLU A 391 -10.17 26.31 1.82
CA GLU A 391 -10.84 25.45 0.85
C GLU A 391 -10.64 26.02 -0.55
N ALA A 392 -10.63 27.35 -0.63
CA ALA A 392 -10.45 28.06 -1.91
C ALA A 392 -9.07 27.78 -2.49
N VAL A 393 -8.03 27.75 -1.65
CA VAL A 393 -6.72 27.47 -2.21
C VAL A 393 -6.68 26.01 -2.64
N ALA A 394 -7.42 25.15 -1.94
CA ALA A 394 -7.46 23.74 -2.28
C ALA A 394 -8.09 23.60 -3.64
N GLU A 395 -9.20 24.28 -3.86
CA GLU A 395 -9.92 24.21 -5.13
C GLU A 395 -9.13 24.67 -6.36
N ALA A 396 -8.29 25.69 -6.20
CA ALA A 396 -7.48 26.22 -7.29
C ALA A 396 -6.57 25.14 -7.90
N HIS A 397 -6.28 24.10 -7.10
CA HIS A 397 -5.42 23.00 -7.54
C HIS A 397 -6.18 21.83 -8.12
N LEU A 398 -7.45 21.69 -7.75
CA LEU A 398 -8.26 20.61 -8.32
C LEU A 398 -8.31 21.10 -9.75
N GLY A 399 -8.37 20.22 -10.72
CA GLY A 399 -8.41 20.75 -12.06
C GLY A 399 -7.10 20.30 -12.61
N LYS A 400 -6.01 20.80 -12.06
CA LYS A 400 -4.74 20.31 -12.57
C LYS A 400 -4.70 18.86 -12.17
N LEU A 401 -5.29 18.56 -11.01
CA LEU A 401 -5.34 17.18 -10.48
C LEU A 401 -6.32 16.28 -11.22
N ASN A 402 -7.10 16.84 -12.14
CA ASN A 402 -8.07 16.06 -12.91
C ASN A 402 -9.19 15.60 -11.95
N VAL A 403 -9.47 16.45 -10.96
CA VAL A 403 -10.49 16.17 -9.96
C VAL A 403 -11.77 16.88 -10.30
N LYS A 404 -12.89 16.15 -10.25
CA LYS A 404 -14.18 16.73 -10.52
C LYS A 404 -14.99 16.87 -9.21
N LEU A 405 -14.93 18.07 -8.66
CA LEU A 405 -15.59 18.41 -7.41
C LEU A 405 -17.09 18.51 -7.63
N THR A 406 -17.87 17.94 -6.72
CA THR A 406 -19.31 17.97 -6.92
C THR A 406 -19.92 19.10 -6.11
N LYS A 407 -21.01 19.65 -6.62
CA LYS A 407 -21.69 20.75 -5.97
C LYS A 407 -22.95 20.33 -5.26
N LEU A 408 -23.02 20.71 -4.00
CA LEU A 408 -24.14 20.41 -3.12
C LEU A 408 -25.40 21.10 -3.65
N THR A 409 -26.51 20.36 -3.77
CA THR A 409 -27.77 20.95 -4.23
C THR A 409 -28.31 21.81 -3.10
N GLU A 410 -29.37 22.55 -3.38
CA GLU A 410 -29.95 23.39 -2.36
C GLU A 410 -30.62 22.56 -1.27
N LYS A 411 -31.12 21.38 -1.63
CA LYS A 411 -31.75 20.55 -0.63
C LYS A 411 -30.71 19.97 0.28
N GLN A 412 -29.66 19.41 -0.32
CA GLN A 412 -28.56 18.81 0.44
C GLN A 412 -27.91 19.86 1.32
N ALA A 413 -27.68 21.05 0.77
CA ALA A 413 -27.07 22.13 1.52
C ALA A 413 -27.92 22.43 2.73
N GLN A 414 -29.23 22.46 2.50
CA GLN A 414 -30.18 22.72 3.57
C GLN A 414 -30.23 21.57 4.57
N TYR A 415 -30.13 20.34 4.09
CA TYR A 415 -30.15 19.18 4.99
C TYR A 415 -28.88 19.21 5.83
N LEU A 416 -27.76 19.53 5.20
CA LEU A 416 -26.44 19.58 5.85
C LEU A 416 -26.25 20.84 6.67
N GLY A 417 -27.07 21.85 6.39
CA GLY A 417 -26.98 23.07 7.15
C GLY A 417 -25.67 23.76 6.88
N MET A 418 -25.32 23.86 5.60
CA MET A 418 -24.11 24.56 5.22
C MET A 418 -24.37 25.22 3.87
N PRO A 419 -23.69 26.34 3.61
CA PRO A 419 -23.89 27.06 2.35
C PRO A 419 -23.36 26.21 1.21
N ILE A 420 -23.96 26.33 0.03
CA ILE A 420 -23.50 25.55 -1.11
C ILE A 420 -22.03 25.77 -1.38
N ASN A 421 -21.57 27.00 -1.17
CA ASN A 421 -20.17 27.37 -1.41
C ASN A 421 -19.46 27.63 -0.09
N GLY A 422 -20.25 28.03 0.92
CA GLY A 422 -19.72 28.37 2.23
C GLY A 422 -18.85 27.27 2.74
N PRO A 423 -18.14 27.49 3.85
CA PRO A 423 -17.23 26.50 4.47
C PRO A 423 -18.01 25.21 4.64
N PHE A 424 -17.34 24.08 4.50
CA PHE A 424 -18.00 22.79 4.60
C PHE A 424 -17.66 21.97 5.83
N LYS A 425 -16.83 22.54 6.71
CA LYS A 425 -16.41 21.84 7.90
C LYS A 425 -16.27 22.82 9.04
N PRO A 426 -16.45 22.34 10.29
CA PRO A 426 -16.30 23.27 11.40
C PRO A 426 -14.82 23.52 11.62
N ASP A 427 -14.52 24.59 12.35
CA ASP A 427 -13.14 24.94 12.58
C ASP A 427 -12.33 23.88 13.33
N HIS A 428 -12.98 23.02 14.10
CA HIS A 428 -12.25 21.99 14.84
C HIS A 428 -12.08 20.72 14.01
N TYR A 429 -12.46 20.78 12.73
CA TYR A 429 -12.33 19.61 11.87
C TYR A 429 -10.86 19.38 11.56
N ARG A 430 -10.39 18.19 11.88
CA ARG A 430 -9.00 17.82 11.60
C ARG A 430 -9.29 16.95 10.40
N TYR A 431 -8.61 17.19 9.30
CA TYR A 431 -8.92 16.40 8.12
C TYR A 431 -8.21 15.05 8.14
N LEU B 4 -38.52 -0.87 39.50
CA LEU B 4 -38.23 -2.29 39.26
C LEU B 4 -36.74 -2.49 39.57
N PRO B 5 -36.32 -3.75 39.73
CA PRO B 5 -34.89 -3.96 40.00
C PRO B 5 -34.08 -3.76 38.71
N TYR B 6 -34.75 -3.97 37.57
CA TYR B 6 -34.17 -3.86 36.24
C TYR B 6 -35.16 -4.50 35.27
N LYS B 7 -34.80 -4.62 33.99
CA LYS B 7 -35.69 -5.26 33.04
C LYS B 7 -35.01 -5.78 31.77
N VAL B 8 -34.58 -7.03 31.80
CA VAL B 8 -33.91 -7.70 30.68
C VAL B 8 -34.93 -8.65 30.05
N ALA B 9 -34.65 -9.09 28.83
CA ALA B 9 -35.54 -10.01 28.14
C ALA B 9 -35.45 -11.42 28.75
N ASP B 10 -34.22 -11.84 29.07
CA ASP B 10 -34.00 -13.17 29.63
C ASP B 10 -32.77 -13.15 30.54
N ILE B 11 -33.01 -13.01 31.84
CA ILE B 11 -31.91 -12.98 32.80
C ILE B 11 -31.16 -14.31 32.76
N GLY B 12 -31.84 -15.36 32.30
CA GLY B 12 -31.22 -16.67 32.20
C GLY B 12 -30.00 -16.60 31.29
N LEU B 13 -30.02 -15.64 30.38
CA LEU B 13 -28.92 -15.43 29.44
C LEU B 13 -27.69 -14.78 30.07
N ALA B 14 -27.79 -14.46 31.37
CA ALA B 14 -26.73 -13.79 32.14
C ALA B 14 -25.36 -14.48 32.23
N ALA B 15 -25.35 -15.81 32.24
CA ALA B 15 -24.10 -16.55 32.31
C ALA B 15 -23.40 -16.47 30.95
N TRP B 16 -24.19 -16.54 29.88
CA TRP B 16 -23.70 -16.47 28.51
C TRP B 16 -22.99 -15.13 28.33
N GLY B 17 -23.61 -14.07 28.85
CA GLY B 17 -23.05 -12.74 28.75
C GLY B 17 -21.66 -12.60 29.35
N ARG B 18 -21.55 -12.85 30.64
CA ARG B 18 -20.29 -12.74 31.37
C ARG B 18 -19.13 -13.38 30.62
N LYS B 19 -19.43 -14.47 29.93
CA LYS B 19 -18.42 -15.15 29.15
C LYS B 19 -17.93 -14.23 28.02
N ALA B 20 -18.87 -13.53 27.37
CA ALA B 20 -18.52 -12.62 26.28
C ALA B 20 -17.82 -11.39 26.83
N LEU B 21 -18.35 -10.87 27.93
CA LEU B 21 -17.77 -9.71 28.58
C LEU B 21 -16.30 -9.95 28.86
N ASP B 22 -16.00 -11.10 29.44
CA ASP B 22 -14.63 -11.43 29.78
C ASP B 22 -13.66 -11.58 28.61
N ILE B 23 -14.17 -11.92 27.43
CA ILE B 23 -13.30 -12.05 26.28
C ILE B 23 -13.03 -10.66 25.73
N ALA B 24 -14.06 -9.82 25.77
CA ALA B 24 -13.97 -8.46 25.28
C ALA B 24 -13.00 -7.65 26.12
N GLU B 25 -13.00 -7.89 27.43
CA GLU B 25 -12.13 -7.18 28.34
C GLU B 25 -10.71 -7.17 27.85
N ASN B 26 -10.28 -8.28 27.27
CA ASN B 26 -8.93 -8.36 26.74
C ASN B 26 -8.69 -7.37 25.62
N GLU B 27 -9.62 -7.27 24.67
CA GLU B 27 -9.48 -6.33 23.55
C GLU B 27 -9.87 -4.91 23.90
N MET B 28 -10.17 -4.64 25.16
CA MET B 28 -10.54 -3.30 25.55
C MET B 28 -9.60 -2.93 26.68
N PRO B 29 -8.30 -2.80 26.37
CA PRO B 29 -7.29 -2.44 27.36
C PRO B 29 -7.55 -1.12 28.06
N GLY B 30 -8.21 -0.20 27.38
CA GLY B 30 -8.48 1.11 27.97
C GLY B 30 -9.28 1.10 29.25
N LEU B 31 -10.51 0.61 29.17
CA LEU B 31 -11.39 0.56 30.34
C LEU B 31 -10.75 -0.28 31.47
N MET B 32 -9.94 -1.28 31.10
CA MET B 32 -9.26 -2.13 32.08
C MET B 32 -8.09 -1.40 32.76
N ARG B 33 -7.45 -0.46 32.06
CA ARG B 33 -6.36 0.28 32.69
C ARG B 33 -7.01 1.31 33.59
N MET B 34 -8.20 1.76 33.22
CA MET B 34 -8.90 2.72 34.05
C MET B 34 -9.12 2.03 35.37
N ARG B 35 -9.56 0.78 35.30
CA ARG B 35 -9.84 -0.02 36.49
C ARG B 35 -8.61 -0.19 37.37
N GLU B 36 -7.47 -0.56 36.77
CA GLU B 36 -6.25 -0.74 37.56
C GLU B 36 -5.70 0.56 38.11
N MET B 37 -5.97 1.66 37.41
CA MET B 37 -5.48 2.96 37.84
C MET B 37 -6.37 3.63 38.87
N TYR B 38 -7.65 3.30 38.84
CA TYR B 38 -8.60 3.93 39.75
C TYR B 38 -9.46 3.09 40.69
N SER B 39 -9.44 1.77 40.60
CA SER B 39 -10.28 0.97 41.49
C SER B 39 -9.65 0.87 42.89
N ALA B 40 -9.32 2.04 43.44
CA ALA B 40 -8.70 2.16 44.75
C ALA B 40 -9.03 3.57 45.19
N SER B 41 -8.70 4.51 44.32
CA SER B 41 -8.98 5.91 44.58
C SER B 41 -10.48 6.11 44.47
N LYS B 42 -11.12 5.23 43.72
CA LYS B 42 -12.58 5.28 43.52
C LYS B 42 -13.00 6.74 43.25
N PRO B 43 -12.45 7.36 42.19
CA PRO B 43 -12.71 8.74 41.77
C PRO B 43 -14.15 9.15 41.51
N LEU B 44 -14.98 8.15 41.19
CA LEU B 44 -16.40 8.40 40.93
C LEU B 44 -17.25 8.10 42.15
N LYS B 45 -16.58 7.94 43.30
CA LYS B 45 -17.27 7.70 44.57
C LYS B 45 -18.25 8.84 44.76
N GLY B 46 -19.54 8.50 44.77
CA GLY B 46 -20.56 9.53 44.95
C GLY B 46 -21.42 9.71 43.71
N ALA B 47 -20.79 9.66 42.55
CA ALA B 47 -21.51 9.82 41.32
C ALA B 47 -22.64 8.78 41.24
N ARG B 48 -23.78 9.23 40.72
CA ARG B 48 -24.96 8.40 40.53
C ARG B 48 -25.23 8.60 39.05
N ILE B 49 -24.50 7.86 38.23
CA ILE B 49 -24.58 7.97 36.79
C ILE B 49 -25.76 7.30 36.12
N ALA B 50 -26.56 8.10 35.40
CA ALA B 50 -27.65 7.54 34.62
C ALA B 50 -26.96 7.44 33.25
N GLY B 51 -27.11 6.32 32.57
CA GLY B 51 -26.46 6.18 31.29
C GLY B 51 -27.41 5.72 30.20
N CYS B 52 -27.38 6.39 29.05
CA CYS B 52 -28.24 6.04 27.93
C CYS B 52 -27.32 5.62 26.77
N LEU B 53 -26.95 4.34 26.75
CA LEU B 53 -26.06 3.81 25.73
C LEU B 53 -26.36 2.36 25.39
N HIS B 54 -26.34 2.07 24.09
CA HIS B 54 -26.63 0.74 23.53
C HIS B 54 -26.09 -0.33 24.46
N MET B 55 -26.98 -1.12 25.06
CA MET B 55 -26.54 -2.16 25.98
C MET B 55 -25.94 -3.36 25.28
N THR B 56 -24.63 -3.29 25.02
CA THR B 56 -23.90 -4.34 24.35
C THR B 56 -22.79 -4.81 25.28
N VAL B 57 -22.06 -5.83 24.86
CA VAL B 57 -20.99 -6.34 25.68
C VAL B 57 -19.95 -5.27 26.05
N GLU B 58 -19.50 -4.49 25.06
CA GLU B 58 -18.52 -3.43 25.29
C GLU B 58 -19.05 -2.40 26.28
N THR B 59 -20.28 -1.96 26.05
CA THR B 59 -20.89 -1.00 26.97
C THR B 59 -20.97 -1.59 28.39
N ALA B 60 -21.23 -2.89 28.47
CA ALA B 60 -21.31 -3.59 29.74
C ALA B 60 -19.93 -3.55 30.42
N VAL B 61 -18.87 -3.69 29.63
CA VAL B 61 -17.51 -3.62 30.17
C VAL B 61 -17.28 -2.17 30.63
N LEU B 62 -17.90 -1.22 29.94
CA LEU B 62 -17.78 0.19 30.31
C LEU B 62 -18.45 0.36 31.68
N ILE B 63 -19.75 0.06 31.73
CA ILE B 63 -20.56 0.17 32.94
C ILE B 63 -19.81 -0.31 34.18
N GLU B 64 -19.30 -1.55 34.13
CA GLU B 64 -18.57 -2.13 35.25
C GLU B 64 -17.28 -1.39 35.60
N THR B 65 -16.71 -0.66 34.62
CA THR B 65 -15.51 0.12 34.91
C THR B 65 -15.96 1.30 35.79
N LEU B 66 -17.08 1.92 35.41
CA LEU B 66 -17.66 3.06 36.16
C LEU B 66 -17.93 2.60 37.59
N VAL B 67 -18.66 1.49 37.67
CA VAL B 67 -19.02 0.90 38.94
C VAL B 67 -17.76 0.58 39.74
N ALA B 68 -16.72 0.11 39.04
CA ALA B 68 -15.46 -0.27 39.66
C ALA B 68 -14.67 0.93 40.17
N LEU B 69 -14.98 2.12 39.64
CA LEU B 69 -14.29 3.34 40.03
C LEU B 69 -15.03 4.12 41.09
N GLY B 70 -16.02 3.47 41.74
CA GLY B 70 -16.79 4.09 42.82
C GLY B 70 -18.15 4.63 42.42
N ALA B 71 -18.47 4.55 41.14
CA ALA B 71 -19.74 5.05 40.64
C ALA B 71 -20.93 4.15 40.92
N GLU B 72 -22.07 4.78 41.19
CA GLU B 72 -23.33 4.11 41.41
C GLU B 72 -23.91 4.33 40.01
N VAL B 73 -24.43 3.30 39.37
CA VAL B 73 -24.94 3.46 38.01
C VAL B 73 -26.31 2.81 37.70
N ARG B 74 -27.07 3.46 36.82
CA ARG B 74 -28.37 2.96 36.33
C ARG B 74 -28.29 3.12 34.80
N TRP B 75 -28.59 2.06 34.05
CA TRP B 75 -28.47 2.13 32.61
C TRP B 75 -29.72 1.91 31.75
N SER B 76 -29.70 2.48 30.55
CA SER B 76 -30.78 2.37 29.57
C SER B 76 -30.09 2.36 28.20
N SER B 77 -30.69 1.69 27.22
CA SER B 77 -30.09 1.66 25.90
C SER B 77 -30.64 2.79 25.02
N CYS B 78 -29.75 3.51 24.35
CA CYS B 78 -30.18 4.61 23.48
C CYS B 78 -30.72 4.15 22.13
N ASN B 79 -31.04 2.87 22.01
CA ASN B 79 -31.60 2.35 20.78
C ASN B 79 -32.41 1.13 21.14
N ILE B 80 -33.64 1.06 20.61
CA ILE B 80 -34.51 -0.07 20.92
C ILE B 80 -33.98 -1.43 20.51
N PHE B 81 -33.19 -1.50 19.45
CA PHE B 81 -32.67 -2.79 18.98
C PHE B 81 -31.18 -3.06 19.26
N SER B 82 -30.43 -2.03 19.57
CA SER B 82 -29.00 -2.16 19.80
C SER B 82 -28.56 -2.99 20.99
N THR B 83 -29.46 -3.18 21.94
CA THR B 83 -29.11 -3.92 23.15
C THR B 83 -28.98 -5.43 22.96
N GLN B 84 -27.86 -5.95 23.43
CA GLN B 84 -27.55 -7.38 23.36
C GLN B 84 -28.00 -7.93 24.70
N ASP B 85 -29.01 -8.79 24.65
CA ASP B 85 -29.56 -9.35 25.86
C ASP B 85 -28.65 -10.10 26.82
N HIS B 86 -27.75 -10.96 26.33
CA HIS B 86 -26.88 -11.65 27.28
C HIS B 86 -25.95 -10.69 28.03
N ALA B 87 -25.74 -9.51 27.45
CA ALA B 87 -24.89 -8.47 28.05
C ALA B 87 -25.67 -7.70 29.09
N ALA B 88 -26.90 -7.32 28.77
CA ALA B 88 -27.74 -6.62 29.71
C ALA B 88 -28.03 -7.59 30.86
N ALA B 89 -28.21 -8.86 30.52
CA ALA B 89 -28.49 -9.92 31.49
C ALA B 89 -27.39 -10.01 32.53
N ALA B 90 -26.14 -10.07 32.08
CA ALA B 90 -25.00 -10.14 33.00
C ALA B 90 -25.00 -8.92 33.93
N ILE B 91 -25.21 -7.73 33.37
CA ILE B 91 -25.25 -6.51 34.18
C ILE B 91 -26.35 -6.58 35.23
N ALA B 92 -27.56 -6.92 34.79
CA ALA B 92 -28.71 -7.02 35.68
C ALA B 92 -28.37 -8.01 36.77
N LYS B 93 -27.82 -9.16 36.36
CA LYS B 93 -27.43 -10.19 37.29
C LYS B 93 -26.39 -9.65 38.28
N ALA B 94 -25.44 -8.86 37.77
CA ALA B 94 -24.36 -8.27 38.57
C ALA B 94 -24.89 -7.33 39.65
N GLY B 95 -26.19 -7.08 39.62
CA GLY B 95 -26.83 -6.21 40.59
C GLY B 95 -26.95 -4.77 40.12
N ILE B 96 -26.83 -4.54 38.82
CA ILE B 96 -26.93 -3.19 38.27
C ILE B 96 -28.28 -2.96 37.58
N PRO B 97 -28.94 -1.85 37.90
CA PRO B 97 -30.25 -1.51 37.32
C PRO B 97 -30.17 -1.17 35.83
N VAL B 98 -30.30 -2.18 34.98
CA VAL B 98 -30.33 -1.99 33.54
C VAL B 98 -31.74 -2.29 33.06
N PHE B 99 -32.29 -1.39 32.27
CA PHE B 99 -33.62 -1.57 31.72
C PHE B 99 -33.41 -1.51 30.22
N ALA B 100 -33.35 -2.67 29.57
CA ALA B 100 -33.13 -2.72 28.14
C ALA B 100 -33.18 -4.12 27.59
N TRP B 101 -33.78 -4.25 26.42
CA TRP B 101 -33.92 -5.52 25.72
C TRP B 101 -34.01 -5.19 24.22
N LYS B 102 -33.53 -6.12 23.40
CA LYS B 102 -33.52 -5.95 21.95
C LYS B 102 -34.94 -6.02 21.42
N GLY B 103 -35.40 -4.94 20.80
CA GLY B 103 -36.74 -4.91 20.24
C GLY B 103 -37.81 -4.23 21.06
N GLU B 104 -37.48 -3.09 21.66
CA GLU B 104 -38.44 -2.37 22.49
C GLU B 104 -39.39 -1.50 21.68
N THR B 105 -40.32 -0.85 22.38
CA THR B 105 -41.28 0.05 21.74
C THR B 105 -40.87 1.46 22.15
N ASP B 106 -41.34 2.45 21.41
CA ASP B 106 -41.01 3.84 21.74
C ASP B 106 -41.50 4.11 23.15
N GLU B 107 -42.55 3.39 23.53
CA GLU B 107 -43.14 3.52 24.85
C GLU B 107 -42.20 2.94 25.91
N GLU B 108 -41.74 1.71 25.67
CA GLU B 108 -40.83 1.04 26.59
C GLU B 108 -39.49 1.78 26.62
N TYR B 109 -39.14 2.37 25.49
CA TYR B 109 -37.90 3.12 25.37
C TYR B 109 -37.88 4.30 26.34
N LEU B 110 -38.86 5.19 26.21
CA LEU B 110 -38.95 6.35 27.09
C LEU B 110 -39.05 5.92 28.55
N TRP B 111 -39.78 4.82 28.78
CA TRP B 111 -39.97 4.28 30.12
C TRP B 111 -38.60 3.92 30.69
N CYS B 112 -37.86 3.14 29.92
CA CYS B 112 -36.54 2.68 30.31
C CYS B 112 -35.66 3.84 30.75
N ILE B 113 -35.67 4.91 29.99
CA ILE B 113 -34.86 6.07 30.33
C ILE B 113 -35.27 6.64 31.66
N GLU B 114 -36.57 6.83 31.88
CA GLU B 114 -37.08 7.39 33.14
C GLU B 114 -36.71 6.54 34.36
N GLN B 115 -36.58 5.24 34.14
CA GLN B 115 -36.23 4.32 35.21
C GLN B 115 -34.82 4.46 35.76
N THR B 116 -34.01 5.36 35.20
CA THR B 116 -32.63 5.53 35.67
C THR B 116 -32.37 6.86 36.36
N LEU B 117 -33.41 7.71 36.40
CA LEU B 117 -33.28 9.03 37.00
C LEU B 117 -33.16 9.05 38.52
N HIS B 118 -33.65 8.00 39.18
CA HIS B 118 -33.61 8.01 40.63
C HIS B 118 -32.92 6.81 41.25
N PHE B 119 -32.00 7.12 42.14
CA PHE B 119 -31.21 6.12 42.85
C PHE B 119 -31.76 5.91 44.26
N LYS B 120 -31.16 4.94 44.96
CA LYS B 120 -31.55 4.58 46.33
C LYS B 120 -31.44 5.77 47.27
N ASP B 121 -30.46 6.63 47.01
CA ASP B 121 -30.23 7.80 47.84
C ASP B 121 -30.25 9.08 47.04
N GLY B 122 -31.36 9.30 46.33
CA GLY B 122 -31.47 10.51 45.55
C GLY B 122 -31.41 10.30 44.05
N PRO B 123 -31.72 11.33 43.25
CA PRO B 123 -31.71 11.25 41.80
C PRO B 123 -30.30 11.42 41.23
N LEU B 124 -30.14 11.04 39.96
CA LEU B 124 -28.85 11.13 39.27
C LEU B 124 -28.16 12.49 39.47
N ASN B 125 -26.84 12.46 39.50
CA ASN B 125 -26.03 13.66 39.67
C ASN B 125 -25.01 13.74 38.53
N MET B 126 -25.12 12.82 37.59
CA MET B 126 -24.23 12.74 36.43
C MET B 126 -25.01 12.16 35.25
N ILE B 127 -24.53 12.43 34.03
CA ILE B 127 -25.15 11.91 32.83
C ILE B 127 -24.10 11.42 31.84
N LEU B 128 -24.31 10.25 31.27
CA LEU B 128 -23.41 9.70 30.25
C LEU B 128 -24.37 9.35 29.11
N ASP B 129 -24.40 10.21 28.10
CA ASP B 129 -25.33 10.03 27.01
C ASP B 129 -24.68 9.76 25.64
N ASP B 130 -25.49 9.19 24.76
CA ASP B 130 -25.12 8.88 23.39
C ASP B 130 -26.44 9.17 22.69
N GLY B 131 -26.47 10.24 21.90
CA GLY B 131 -27.69 10.63 21.19
C GLY B 131 -28.62 11.38 22.13
N GLY B 132 -28.57 12.71 22.09
CA GLY B 132 -29.38 13.60 22.92
C GLY B 132 -30.34 13.09 24.00
N ASP B 133 -31.24 12.17 23.61
CA ASP B 133 -32.24 11.55 24.47
C ASP B 133 -32.20 11.73 26.00
N LEU B 134 -31.17 11.21 26.67
CA LEU B 134 -31.10 11.37 28.13
C LEU B 134 -31.03 12.83 28.55
N THR B 135 -30.16 13.61 27.91
CA THR B 135 -30.05 15.02 28.28
C THR B 135 -31.37 15.70 28.00
N ASN B 136 -32.01 15.30 26.90
CA ASN B 136 -33.26 15.91 26.51
C ASN B 136 -34.41 15.65 27.45
N LEU B 137 -34.76 14.38 27.63
CA LEU B 137 -35.85 13.97 28.50
C LEU B 137 -35.80 14.72 29.84
N ILE B 138 -34.62 14.87 30.41
CA ILE B 138 -34.49 15.58 31.68
C ILE B 138 -34.70 17.06 31.46
N HIS B 139 -34.19 17.58 30.35
CA HIS B 139 -34.31 19.00 30.04
C HIS B 139 -35.71 19.52 29.73
N THR B 140 -36.55 18.66 29.19
CA THR B 140 -37.90 19.05 28.84
C THR B 140 -38.97 18.49 29.78
N LYS B 141 -38.78 17.25 30.24
CA LYS B 141 -39.75 16.62 31.10
C LYS B 141 -39.33 16.45 32.56
N HIS B 142 -38.12 16.85 32.92
CA HIS B 142 -37.66 16.73 34.31
C HIS B 142 -36.64 17.80 34.69
N PRO B 143 -36.89 19.07 34.31
CA PRO B 143 -36.00 20.20 34.62
C PRO B 143 -35.67 20.46 36.10
N GLN B 144 -36.35 19.78 37.02
CA GLN B 144 -36.09 19.97 38.44
C GLN B 144 -34.79 19.26 38.82
N LEU B 145 -34.48 18.20 38.09
CA LEU B 145 -33.29 17.38 38.32
C LEU B 145 -32.01 18.09 37.87
N LEU B 146 -32.12 18.86 36.78
CA LEU B 146 -31.01 19.61 36.18
C LEU B 146 -30.01 20.20 37.18
N SER B 147 -30.50 20.89 38.20
CA SER B 147 -29.63 21.50 39.20
C SER B 147 -28.77 20.50 39.96
N GLY B 148 -29.31 19.30 40.20
CA GLY B 148 -28.56 18.29 40.93
C GLY B 148 -27.57 17.53 40.08
N ILE B 149 -27.64 17.72 38.76
CA ILE B 149 -26.76 17.07 37.80
C ILE B 149 -25.50 17.89 37.63
N ARG B 150 -24.35 17.33 37.99
CA ARG B 150 -23.08 18.04 37.89
C ARG B 150 -22.45 18.14 36.49
N GLY B 151 -22.71 17.16 35.62
CA GLY B 151 -22.12 17.21 34.30
C GLY B 151 -22.65 16.19 33.32
N ILE B 152 -22.29 16.37 32.05
CA ILE B 152 -22.74 15.48 30.98
C ILE B 152 -21.56 15.12 30.07
N SER B 153 -21.64 13.93 29.47
CA SER B 153 -20.64 13.43 28.54
C SER B 153 -21.48 13.05 27.33
N GLU B 154 -21.12 13.57 26.16
CA GLU B 154 -21.85 13.27 24.93
C GLU B 154 -20.81 12.83 23.93
N GLU B 155 -21.10 11.76 23.19
CA GLU B 155 -20.15 11.21 22.24
C GLU B 155 -20.66 11.00 20.82
N THR B 156 -21.71 11.72 20.43
CA THR B 156 -22.25 11.60 19.08
C THR B 156 -22.43 12.96 18.44
N THR B 157 -22.35 13.00 17.10
CA THR B 157 -22.49 14.25 16.37
C THR B 157 -23.87 14.86 16.67
N THR B 158 -24.88 14.02 16.65
CA THR B 158 -26.24 14.47 16.91
C THR B 158 -26.24 15.13 18.27
N GLY B 159 -26.03 14.31 19.29
CA GLY B 159 -26.02 14.80 20.65
C GLY B 159 -25.25 16.09 20.87
N VAL B 160 -24.14 16.25 20.16
CA VAL B 160 -23.31 17.43 20.31
C VAL B 160 -23.91 18.65 19.62
N HIS B 161 -24.55 18.44 18.48
CA HIS B 161 -25.16 19.57 17.76
C HIS B 161 -26.26 20.15 18.62
N ASN B 162 -26.96 19.22 19.27
CA ASN B 162 -28.06 19.50 20.16
C ASN B 162 -27.56 20.26 21.39
N LEU B 163 -26.47 19.80 21.98
CA LEU B 163 -25.89 20.48 23.14
C LEU B 163 -25.57 21.90 22.74
N TYR B 164 -25.12 22.07 21.49
CA TYR B 164 -24.78 23.38 20.97
C TYR B 164 -26.03 24.25 20.70
N LYS B 165 -27.06 23.64 20.12
CA LYS B 165 -28.33 24.32 19.84
C LYS B 165 -28.98 24.70 21.16
N MET B 166 -29.08 23.72 22.06
CA MET B 166 -29.65 23.93 23.38
C MET B 166 -28.89 25.07 24.04
N MET B 167 -27.57 25.02 23.98
CA MET B 167 -26.76 26.06 24.57
C MET B 167 -27.18 27.41 24.03
N ALA B 168 -27.25 27.50 22.71
CA ALA B 168 -27.64 28.73 22.01
C ALA B 168 -28.96 29.27 22.52
N ASN B 169 -29.93 28.38 22.68
CA ASN B 169 -31.25 28.80 23.14
C ASN B 169 -31.30 29.06 24.64
N GLY B 170 -30.18 28.84 25.33
CA GLY B 170 -30.13 29.07 26.76
C GLY B 170 -30.79 27.96 27.55
N ILE B 171 -31.04 26.82 26.91
CA ILE B 171 -31.68 25.69 27.57
C ILE B 171 -30.68 24.82 28.34
N LEU B 172 -29.44 24.78 27.85
CA LEU B 172 -28.41 23.97 28.50
C LEU B 172 -28.16 24.50 29.91
N LYS B 173 -28.55 23.69 30.89
CA LYS B 173 -28.41 24.02 32.29
C LYS B 173 -27.18 23.39 32.95
N VAL B 174 -26.82 22.18 32.52
CA VAL B 174 -25.67 21.48 33.07
C VAL B 174 -24.54 21.38 32.03
N PRO B 175 -23.27 21.61 32.46
CA PRO B 175 -22.06 21.57 31.63
C PRO B 175 -21.85 20.24 30.94
N ALA B 176 -21.38 20.31 29.69
CA ALA B 176 -21.14 19.11 28.91
C ALA B 176 -19.69 19.03 28.43
N ILE B 177 -19.30 17.82 28.06
CA ILE B 177 -18.00 17.53 27.52
C ILE B 177 -18.25 16.67 26.32
N ASN B 178 -17.84 17.19 25.17
CA ASN B 178 -17.97 16.54 23.89
C ASN B 178 -16.82 15.56 23.73
N VAL B 179 -17.16 14.29 23.76
CA VAL B 179 -16.20 13.20 23.62
C VAL B 179 -16.18 12.74 22.17
N ASN B 180 -17.17 13.20 21.42
CA ASN B 180 -17.29 12.82 20.03
C ASN B 180 -16.10 13.28 19.21
N ASP B 181 -15.61 14.48 19.49
CA ASP B 181 -14.49 15.03 18.74
C ASP B 181 -13.09 14.71 19.26
N SER B 182 -12.99 13.89 20.30
CA SER B 182 -11.66 13.56 20.77
C SER B 182 -10.99 12.87 19.58
N VAL B 183 -9.70 13.10 19.41
CA VAL B 183 -9.00 12.47 18.32
C VAL B 183 -8.99 10.98 18.53
N THR B 184 -8.96 10.52 19.79
CA THR B 184 -8.96 9.07 20.01
C THR B 184 -10.34 8.47 19.79
N LYS B 185 -11.38 9.23 20.05
CA LYS B 185 -12.71 8.70 19.83
C LYS B 185 -13.05 8.76 18.36
N SER B 186 -12.83 9.91 17.72
CA SER B 186 -13.14 10.05 16.30
C SER B 186 -12.37 9.14 15.35
N LYS B 187 -11.05 9.16 15.40
CA LYS B 187 -10.27 8.32 14.50
C LYS B 187 -10.72 6.87 14.55
N PHE B 188 -11.15 6.43 15.73
CA PHE B 188 -11.57 5.05 15.87
C PHE B 188 -13.00 4.80 15.44
N ASP B 189 -13.93 5.52 16.05
CA ASP B 189 -15.33 5.37 15.72
C ASP B 189 -15.57 5.51 14.21
N ASN B 190 -14.83 6.44 13.58
CA ASN B 190 -14.96 6.73 12.14
C ASN B 190 -13.98 6.05 11.18
N LEU B 191 -12.70 6.31 11.36
CA LEU B 191 -11.66 5.78 10.48
C LEU B 191 -11.35 4.31 10.66
N TYR B 192 -10.79 3.94 11.81
CA TYR B 192 -10.40 2.56 12.09
C TYR B 192 -11.55 1.56 12.19
N GLY B 193 -12.64 1.98 12.78
CA GLY B 193 -13.77 1.07 12.86
C GLY B 193 -14.25 0.69 11.46
N CYS B 194 -14.72 1.66 10.69
CA CYS B 194 -15.26 1.37 9.38
C CYS B 194 -14.29 0.70 8.44
N ARG B 195 -13.00 1.00 8.58
CA ARG B 195 -11.99 0.39 7.72
C ARG B 195 -12.02 -1.15 7.87
N GLU B 196 -12.15 -1.61 9.11
CA GLU B 196 -12.21 -3.03 9.43
C GLU B 196 -13.59 -3.63 9.10
N SER B 197 -14.64 -3.05 9.68
CA SER B 197 -15.99 -3.58 9.46
C SER B 197 -16.66 -3.44 8.08
N LEU B 198 -16.30 -2.44 7.26
CA LEU B 198 -16.97 -2.32 5.97
C LEU B 198 -16.97 -3.60 5.17
N ILE B 199 -15.79 -4.09 4.81
CA ILE B 199 -15.67 -5.30 4.00
C ILE B 199 -16.33 -6.51 4.67
N ASP B 200 -16.48 -6.47 6.00
CA ASP B 200 -17.10 -7.55 6.74
C ASP B 200 -18.58 -7.59 6.32
N GLY B 201 -19.22 -6.43 6.34
CA GLY B 201 -20.61 -6.37 5.90
C GLY B 201 -20.71 -6.89 4.48
N ILE B 202 -20.00 -6.28 3.53
CA ILE B 202 -20.08 -6.72 2.14
C ILE B 202 -19.81 -8.19 1.96
N LYS B 203 -18.73 -8.71 2.54
CA LYS B 203 -18.43 -10.14 2.39
C LYS B 203 -19.52 -11.03 2.97
N ARG B 204 -19.84 -10.86 4.25
CA ARG B 204 -20.89 -11.67 4.88
C ARG B 204 -22.21 -11.64 4.11
N ALA B 205 -22.54 -10.50 3.55
CA ALA B 205 -23.77 -10.39 2.81
C ALA B 205 -23.68 -10.91 1.40
N THR B 206 -22.52 -10.79 0.78
CA THR B 206 -22.40 -11.22 -0.63
C THR B 206 -21.38 -12.30 -0.95
N ASP B 207 -20.32 -12.37 -0.14
CA ASP B 207 -19.20 -13.31 -0.31
C ASP B 207 -18.57 -13.01 -1.66
N VAL B 208 -18.63 -11.73 -2.00
CA VAL B 208 -18.15 -11.22 -3.27
C VAL B 208 -16.67 -10.92 -3.27
N MET B 209 -16.03 -11.23 -4.39
CA MET B 209 -14.61 -10.96 -4.60
C MET B 209 -14.50 -9.42 -4.68
N ILE B 210 -13.59 -8.83 -3.92
CA ILE B 210 -13.42 -7.38 -3.97
C ILE B 210 -12.36 -6.95 -5.01
N ALA B 211 -11.29 -7.72 -5.09
CA ALA B 211 -10.21 -7.43 -6.02
C ALA B 211 -10.68 -7.40 -7.45
N GLY B 212 -10.15 -6.45 -8.20
CA GLY B 212 -10.47 -6.31 -9.61
C GLY B 212 -11.72 -5.52 -9.87
N LYS B 213 -12.38 -5.07 -8.81
CA LYS B 213 -13.63 -4.31 -8.97
C LYS B 213 -13.42 -2.82 -8.81
N VAL B 214 -14.30 -2.02 -9.39
CA VAL B 214 -14.25 -0.57 -9.23
C VAL B 214 -15.18 -0.30 -8.06
N ALA B 215 -14.71 0.37 -7.03
CA ALA B 215 -15.52 0.68 -5.88
C ALA B 215 -15.59 2.19 -5.71
N VAL B 216 -16.78 2.76 -5.83
CA VAL B 216 -17.00 4.20 -5.73
C VAL B 216 -17.41 4.52 -4.32
N VAL B 217 -16.71 5.44 -3.67
CA VAL B 217 -16.99 5.81 -2.29
C VAL B 217 -17.35 7.27 -2.27
N ALA B 218 -18.57 7.58 -1.83
CA ALA B 218 -19.03 8.95 -1.77
C ALA B 218 -18.59 9.55 -0.48
N GLY B 219 -17.79 10.60 -0.56
CA GLY B 219 -17.32 11.26 0.63
C GLY B 219 -15.92 10.76 0.91
N TYR B 220 -15.10 11.62 1.49
CA TYR B 220 -13.73 11.28 1.82
C TYR B 220 -13.35 11.90 3.15
N GLY B 221 -14.26 11.77 4.13
CA GLY B 221 -13.97 12.27 5.47
C GLY B 221 -13.39 11.05 6.17
N ASP B 222 -13.36 11.05 7.49
CA ASP B 222 -12.81 9.91 8.21
C ASP B 222 -13.37 8.56 7.79
N VAL B 223 -14.69 8.46 7.66
CA VAL B 223 -15.33 7.20 7.26
C VAL B 223 -14.92 6.81 5.83
N GLY B 224 -14.92 7.79 4.93
CA GLY B 224 -14.54 7.54 3.53
C GLY B 224 -13.07 7.19 3.38
N LYS B 225 -12.22 7.82 4.19
CA LYS B 225 -10.79 7.55 4.16
C LYS B 225 -10.63 6.08 4.53
N GLY B 226 -11.23 5.67 5.64
CA GLY B 226 -11.17 4.28 6.07
C GLY B 226 -11.72 3.33 5.05
N CYS B 227 -12.90 3.61 4.52
CA CYS B 227 -13.49 2.72 3.53
C CYS B 227 -12.64 2.60 2.27
N ALA B 228 -12.09 3.71 1.80
CA ALA B 228 -11.26 3.68 0.61
C ALA B 228 -10.01 2.86 0.86
N GLN B 229 -9.36 3.13 1.97
CA GLN B 229 -8.14 2.44 2.34
C GLN B 229 -8.41 0.95 2.38
N ALA B 230 -9.55 0.56 2.96
CA ALA B 230 -9.98 -0.85 3.09
C ALA B 230 -10.08 -1.53 1.77
N LEU B 231 -10.92 -0.98 0.89
CA LEU B 231 -11.16 -1.53 -0.44
C LEU B 231 -9.87 -1.59 -1.21
N ARG B 232 -9.12 -0.50 -1.15
CA ARG B 232 -7.84 -0.38 -1.84
C ARG B 232 -6.90 -1.54 -1.48
N GLY B 233 -6.91 -1.94 -0.22
CA GLY B 233 -6.04 -3.02 0.21
C GLY B 233 -6.47 -4.41 -0.24
N PHE B 234 -7.70 -4.50 -0.73
CA PHE B 234 -8.28 -5.76 -1.20
C PHE B 234 -8.11 -5.97 -2.66
N GLY B 235 -7.66 -4.94 -3.37
CA GLY B 235 -7.41 -5.06 -4.79
C GLY B 235 -8.40 -4.36 -5.69
N ALA B 236 -9.22 -3.49 -5.12
CA ALA B 236 -10.20 -2.78 -5.92
C ALA B 236 -9.66 -1.40 -6.38
N ARG B 237 -10.34 -0.79 -7.35
CA ARG B 237 -10.00 0.54 -7.87
C ARG B 237 -11.05 1.53 -7.33
N VAL B 238 -10.70 2.20 -6.26
CA VAL B 238 -11.58 3.13 -5.58
C VAL B 238 -11.70 4.50 -6.22
N ILE B 239 -12.91 4.90 -6.56
CA ILE B 239 -13.17 6.22 -7.13
C ILE B 239 -13.88 6.94 -6.00
N ILE B 240 -13.51 8.17 -5.72
CA ILE B 240 -14.10 8.94 -4.61
C ILE B 240 -14.90 10.11 -5.17
N THR B 241 -15.92 10.55 -4.44
CA THR B 241 -16.72 11.70 -4.89
C THR B 241 -16.77 12.64 -3.68
N GLU B 242 -16.64 13.96 -3.89
CA GLU B 242 -16.62 14.89 -2.75
C GLU B 242 -17.19 16.27 -3.04
N ILE B 243 -17.60 16.98 -2.00
CA ILE B 243 -18.10 18.34 -2.19
C ILE B 243 -17.11 19.33 -1.61
N ASP B 244 -16.26 18.82 -0.73
CA ASP B 244 -15.24 19.65 -0.11
C ASP B 244 -13.94 19.60 -0.89
N PRO B 245 -13.40 20.76 -1.29
CA PRO B 245 -12.15 20.79 -2.05
C PRO B 245 -10.95 20.24 -1.27
N ILE B 246 -10.89 20.48 0.03
CA ILE B 246 -9.77 19.98 0.82
C ILE B 246 -9.76 18.44 0.90
N ASN B 247 -10.92 17.83 1.10
CA ASN B 247 -10.99 16.38 1.18
C ASN B 247 -10.77 15.76 -0.19
N ALA B 248 -11.19 16.47 -1.22
CA ALA B 248 -11.01 16.03 -2.61
C ALA B 248 -9.51 16.04 -2.95
N LEU B 249 -8.80 17.05 -2.46
CA LEU B 249 -7.36 17.17 -2.70
C LEU B 249 -6.67 15.98 -2.04
N GLN B 250 -7.01 15.69 -0.79
CA GLN B 250 -6.41 14.57 -0.05
C GLN B 250 -6.59 13.25 -0.79
N ALA B 251 -7.76 13.02 -1.37
CA ALA B 251 -8.00 11.78 -2.11
C ALA B 251 -7.08 11.72 -3.33
N ALA B 252 -7.02 12.84 -4.05
CA ALA B 252 -6.19 12.94 -5.26
C ALA B 252 -4.74 12.68 -4.93
N MET B 253 -4.26 13.34 -3.87
CA MET B 253 -2.88 13.20 -3.43
C MET B 253 -2.56 11.76 -3.06
N GLU B 254 -3.60 10.97 -2.79
CA GLU B 254 -3.39 9.58 -2.44
C GLU B 254 -3.52 8.64 -3.63
N GLY B 255 -3.87 9.18 -4.79
CA GLY B 255 -3.96 8.32 -5.96
C GLY B 255 -5.34 7.90 -6.37
N TYR B 256 -6.39 8.38 -5.70
CA TYR B 256 -7.76 8.01 -6.04
C TYR B 256 -8.33 8.98 -7.06
N GLU B 257 -9.01 8.46 -8.07
CA GLU B 257 -9.68 9.34 -9.02
C GLU B 257 -10.81 9.96 -8.24
N VAL B 258 -11.14 11.20 -8.49
CA VAL B 258 -12.23 11.85 -7.78
C VAL B 258 -13.15 12.41 -8.83
N THR B 259 -14.37 11.88 -8.96
CA THR B 259 -15.34 12.45 -9.91
C THR B 259 -16.64 12.71 -9.19
N THR B 260 -17.70 12.81 -9.97
CA THR B 260 -19.06 13.03 -9.52
C THR B 260 -19.79 11.68 -9.62
N MET B 261 -20.84 11.48 -8.83
CA MET B 261 -21.58 10.24 -8.90
C MET B 261 -22.22 10.13 -10.28
N ASP B 262 -22.61 11.27 -10.86
CA ASP B 262 -23.24 11.30 -12.19
C ASP B 262 -22.39 10.56 -13.20
N GLU B 263 -21.08 10.52 -12.94
CA GLU B 263 -20.16 9.82 -13.83
C GLU B 263 -19.82 8.47 -13.27
N ALA B 264 -19.38 8.45 -12.03
CA ALA B 264 -18.97 7.21 -11.37
C ALA B 264 -20.00 6.09 -11.37
N CYS B 265 -21.28 6.44 -11.43
CA CYS B 265 -22.33 5.43 -11.43
C CYS B 265 -22.20 4.51 -12.63
N LYS B 266 -21.73 5.07 -13.75
CA LYS B 266 -21.55 4.27 -14.95
C LYS B 266 -20.37 3.32 -14.86
N GLU B 267 -19.52 3.49 -13.86
CA GLU B 267 -18.33 2.67 -13.75
C GLU B 267 -18.22 1.74 -12.55
N GLY B 268 -18.77 2.17 -11.42
CA GLY B 268 -18.71 1.35 -10.22
C GLY B 268 -19.38 -0.01 -10.17
N ASN B 269 -18.71 -0.93 -9.49
CA ASN B 269 -19.15 -2.31 -9.24
C ASN B 269 -19.67 -2.44 -7.80
N ILE B 270 -19.19 -1.59 -6.91
CA ILE B 270 -19.61 -1.57 -5.52
C ILE B 270 -19.76 -0.09 -5.24
N PHE B 271 -20.73 0.32 -4.44
CA PHE B 271 -20.91 1.72 -4.13
C PHE B 271 -21.07 1.80 -2.63
N VAL B 272 -20.33 2.69 -1.98
CA VAL B 272 -20.41 2.85 -0.54
C VAL B 272 -20.62 4.34 -0.28
N THR B 273 -21.63 4.70 0.51
CA THR B 273 -21.86 6.12 0.78
C THR B 273 -21.33 6.40 2.18
N THR B 274 -20.73 7.57 2.36
CA THR B 274 -20.06 7.96 3.60
C THR B 274 -20.43 9.38 4.02
N THR B 275 -21.14 10.02 3.12
CA THR B 275 -21.57 11.39 3.22
C THR B 275 -22.18 11.96 4.48
N GLY B 276 -23.26 11.36 4.93
CA GLY B 276 -23.96 11.88 6.09
C GLY B 276 -24.96 12.91 5.56
N CYS B 277 -25.23 12.83 4.25
CA CYS B 277 -26.12 13.73 3.56
C CYS B 277 -27.07 12.98 2.65
N VAL B 278 -28.19 13.59 2.36
CA VAL B 278 -29.24 13.03 1.51
C VAL B 278 -28.92 13.03 0.04
N ASP B 279 -29.69 12.25 -0.70
CA ASP B 279 -29.58 12.15 -2.15
C ASP B 279 -28.23 11.86 -2.75
N ILE B 280 -27.46 10.95 -2.15
CA ILE B 280 -26.17 10.63 -2.73
C ILE B 280 -26.38 9.76 -3.98
N ILE B 281 -27.18 8.70 -3.84
CA ILE B 281 -27.48 7.79 -4.95
C ILE B 281 -28.98 7.80 -5.31
N LEU B 282 -29.29 8.31 -6.50
CA LEU B 282 -30.67 8.40 -6.95
C LEU B 282 -31.04 7.41 -8.07
N GLY B 283 -32.30 7.53 -8.50
CA GLY B 283 -32.81 6.70 -9.55
C GLY B 283 -31.95 6.87 -10.78
N ARG B 284 -31.64 8.10 -11.17
CA ARG B 284 -30.82 8.33 -12.36
C ARG B 284 -29.49 7.62 -12.38
N HIS B 285 -28.98 7.28 -11.18
CA HIS B 285 -27.72 6.56 -11.04
C HIS B 285 -27.93 5.05 -11.27
N PHE B 286 -28.95 4.49 -10.62
CA PHE B 286 -29.28 3.07 -10.75
C PHE B 286 -29.48 2.66 -12.22
N GLU B 287 -30.05 3.58 -12.99
CA GLU B 287 -30.30 3.34 -14.40
C GLU B 287 -29.02 3.17 -15.17
N GLN B 288 -27.94 3.73 -14.65
CA GLN B 288 -26.62 3.67 -15.29
C GLN B 288 -25.77 2.45 -14.87
N MET B 289 -25.87 2.11 -13.59
CA MET B 289 -25.11 1.02 -13.00
C MET B 289 -24.98 -0.28 -13.76
N LYS B 290 -23.81 -0.89 -13.62
CA LYS B 290 -23.53 -2.15 -14.26
C LYS B 290 -24.44 -3.20 -13.63
N ASP B 291 -24.66 -4.29 -14.35
CA ASP B 291 -25.53 -5.39 -13.87
C ASP B 291 -25.01 -5.94 -12.55
N ASP B 292 -25.90 -6.03 -11.56
CA ASP B 292 -25.59 -6.57 -10.25
C ASP B 292 -24.64 -5.75 -9.40
N ALA B 293 -24.68 -4.44 -9.54
CA ALA B 293 -23.80 -3.60 -8.74
C ALA B 293 -24.23 -3.83 -7.29
N ILE B 294 -23.31 -3.73 -6.34
CA ILE B 294 -23.66 -3.87 -4.93
C ILE B 294 -23.65 -2.47 -4.39
N VAL B 295 -24.77 -2.02 -3.84
CA VAL B 295 -24.88 -0.65 -3.31
C VAL B 295 -25.14 -0.73 -1.83
N CYS B 296 -24.37 0.00 -1.03
CA CYS B 296 -24.56 -0.02 0.42
C CYS B 296 -24.18 1.33 1.03
N ASN B 297 -24.47 1.49 2.32
CA ASN B 297 -24.22 2.75 3.04
C ASN B 297 -23.60 2.50 4.43
N ILE B 298 -22.75 3.40 4.87
CA ILE B 298 -22.13 3.22 6.17
C ILE B 298 -22.03 4.57 6.86
N GLY B 299 -22.69 5.56 6.28
CA GLY B 299 -22.70 6.90 6.84
C GLY B 299 -23.89 7.11 7.77
N HIS B 300 -24.83 7.96 7.33
CA HIS B 300 -26.04 8.27 8.10
C HIS B 300 -27.13 7.26 7.79
N PHE B 301 -27.84 6.81 8.81
CA PHE B 301 -28.92 5.84 8.65
C PHE B 301 -29.84 6.21 7.51
N ASP B 302 -29.96 5.30 6.57
CA ASP B 302 -30.78 5.42 5.37
C ASP B 302 -30.99 6.68 4.49
N VAL B 303 -30.71 7.91 4.92
CA VAL B 303 -30.96 9.09 4.05
C VAL B 303 -30.11 9.25 2.78
N GLU B 304 -29.04 8.49 2.68
CA GLU B 304 -28.13 8.58 1.55
C GLU B 304 -28.51 7.89 0.24
N ILE B 305 -28.95 6.63 0.28
CA ILE B 305 -29.32 5.97 -0.97
C ILE B 305 -30.83 6.14 -1.17
N ASP B 306 -31.28 6.33 -2.41
CA ASP B 306 -32.69 6.49 -2.69
C ASP B 306 -33.36 5.14 -2.78
N VAL B 307 -33.67 4.51 -1.63
CA VAL B 307 -34.32 3.20 -1.68
C VAL B 307 -35.75 3.23 -2.21
N LYS B 308 -36.53 4.27 -1.86
CA LYS B 308 -37.89 4.39 -2.34
C LYS B 308 -37.95 4.29 -3.84
N TRP B 309 -36.95 4.83 -4.53
CA TRP B 309 -36.96 4.77 -5.98
C TRP B 309 -36.88 3.31 -6.43
N LEU B 310 -35.93 2.58 -5.85
CA LEU B 310 -35.70 1.18 -6.17
C LEU B 310 -36.97 0.38 -5.97
N ASN B 311 -37.61 0.61 -4.83
CA ASN B 311 -38.85 -0.05 -4.47
C ASN B 311 -39.96 0.24 -5.46
N GLU B 312 -40.10 1.52 -5.80
CA GLU B 312 -41.13 2.01 -6.71
C GLU B 312 -40.90 1.87 -8.20
N ASN B 313 -39.67 1.62 -8.63
CA ASN B 313 -39.41 1.52 -10.07
C ASN B 313 -38.93 0.18 -10.54
N ALA B 314 -38.40 -0.61 -9.62
CA ALA B 314 -37.89 -1.92 -9.98
C ALA B 314 -39.02 -2.80 -10.46
N VAL B 315 -38.72 -3.70 -11.40
CA VAL B 315 -39.69 -4.65 -11.92
C VAL B 315 -39.82 -5.85 -10.95
N GLU B 316 -38.81 -6.09 -10.12
CA GLU B 316 -38.85 -7.20 -9.17
C GLU B 316 -37.95 -6.83 -8.03
N LYS B 317 -38.13 -7.52 -6.92
CA LYS B 317 -37.31 -7.34 -5.73
C LYS B 317 -37.39 -8.70 -5.07
N VAL B 318 -36.25 -9.26 -4.71
CA VAL B 318 -36.28 -10.55 -4.05
C VAL B 318 -35.26 -10.56 -2.96
N ASN B 319 -35.75 -10.74 -1.75
CA ASN B 319 -34.88 -10.77 -0.59
C ASN B 319 -34.09 -12.06 -0.70
N ILE B 320 -32.77 -11.92 -0.81
CA ILE B 320 -31.88 -13.06 -0.94
C ILE B 320 -31.46 -13.62 0.44
N LYS B 321 -31.53 -12.77 1.47
CA LYS B 321 -31.20 -13.15 2.84
C LYS B 321 -31.36 -11.89 3.67
N PRO B 322 -31.32 -12.00 4.99
CA PRO B 322 -31.48 -10.81 5.82
C PRO B 322 -30.45 -9.75 5.48
N GLN B 323 -30.95 -8.57 5.14
CA GLN B 323 -30.11 -7.43 4.78
C GLN B 323 -29.54 -7.53 3.35
N VAL B 324 -30.09 -8.41 2.52
CA VAL B 324 -29.64 -8.52 1.14
C VAL B 324 -30.82 -8.63 0.17
N ASP B 325 -31.10 -7.54 -0.54
CA ASP B 325 -32.18 -7.50 -1.53
C ASP B 325 -31.58 -7.34 -2.92
N ARG B 326 -32.21 -7.93 -3.92
CA ARG B 326 -31.70 -7.80 -5.27
C ARG B 326 -32.82 -7.37 -6.21
N TYR B 327 -32.76 -6.11 -6.64
CA TYR B 327 -33.75 -5.53 -7.54
C TYR B 327 -33.50 -5.75 -9.03
N LEU B 328 -34.56 -5.83 -9.82
CA LEU B 328 -34.44 -6.00 -11.26
C LEU B 328 -35.07 -4.76 -11.83
N LEU B 329 -34.31 -4.04 -12.63
CA LEU B 329 -34.76 -2.79 -13.20
C LEU B 329 -35.32 -3.07 -14.57
N LYS B 330 -36.05 -2.09 -15.09
CA LYS B 330 -36.63 -2.25 -16.42
C LYS B 330 -35.55 -2.43 -17.50
N ASN B 331 -34.35 -1.89 -17.24
CA ASN B 331 -33.27 -2.03 -18.22
C ASN B 331 -32.70 -3.44 -18.26
N GLY B 332 -33.23 -4.31 -17.40
CA GLY B 332 -32.76 -5.68 -17.36
C GLY B 332 -31.54 -5.90 -16.49
N HIS B 333 -31.16 -4.89 -15.70
CA HIS B 333 -30.00 -5.00 -14.83
C HIS B 333 -30.44 -5.15 -13.40
N ARG B 334 -29.73 -5.97 -12.66
CA ARG B 334 -30.03 -6.18 -11.26
C ARG B 334 -29.21 -5.21 -10.42
N ILE B 335 -29.60 -5.03 -9.17
CA ILE B 335 -28.91 -4.14 -8.24
C ILE B 335 -29.03 -4.79 -6.87
N ILE B 336 -27.91 -5.16 -6.28
CA ILE B 336 -27.91 -5.78 -4.97
C ILE B 336 -27.81 -4.67 -3.95
N LEU B 337 -28.77 -4.61 -3.04
CA LEU B 337 -28.82 -3.58 -2.03
C LEU B 337 -28.57 -4.22 -0.67
N LEU B 338 -27.82 -3.54 0.19
CA LEU B 338 -27.48 -4.07 1.49
C LEU B 338 -28.05 -3.30 2.70
N ALA B 339 -28.63 -4.06 3.65
CA ALA B 339 -29.25 -3.55 4.88
C ALA B 339 -30.28 -2.48 4.58
N GLU B 340 -30.87 -2.57 3.40
CA GLU B 340 -31.86 -1.59 2.95
C GLU B 340 -31.39 -0.13 3.13
N GLY B 341 -30.14 0.15 2.73
CA GLY B 341 -29.63 1.51 2.88
C GLY B 341 -29.25 1.91 4.30
N ARG B 342 -29.48 1.02 5.25
CA ARG B 342 -29.10 1.31 6.63
C ARG B 342 -27.59 0.98 6.71
N LEU B 343 -26.99 1.13 7.89
CA LEU B 343 -25.56 0.87 8.02
C LEU B 343 -25.20 -0.58 7.71
N VAL B 344 -24.33 -0.78 6.73
CA VAL B 344 -23.92 -2.11 6.33
C VAL B 344 -23.07 -2.86 7.36
N ASN B 345 -22.24 -2.17 8.15
CA ASN B 345 -21.41 -2.87 9.13
C ASN B 345 -22.18 -3.39 10.33
N LEU B 346 -23.16 -2.62 10.79
CA LEU B 346 -23.99 -3.05 11.91
C LEU B 346 -25.07 -3.99 11.34
N GLY B 347 -25.63 -3.59 10.21
CA GLY B 347 -26.69 -4.35 9.57
C GLY B 347 -26.35 -5.72 8.98
N CYS B 348 -25.21 -5.84 8.29
CA CYS B 348 -24.79 -7.11 7.68
C CYS B 348 -23.57 -7.71 8.38
N ALA B 349 -23.14 -7.11 9.49
CA ALA B 349 -21.98 -7.60 10.24
C ALA B 349 -22.18 -7.22 11.69
N MET B 350 -21.07 -7.19 12.42
CA MET B 350 -21.15 -6.90 13.83
C MET B 350 -20.74 -5.50 14.27
N GLY B 351 -20.67 -4.58 13.32
CA GLY B 351 -20.26 -3.25 13.69
C GLY B 351 -18.79 -3.30 14.04
N HIS B 352 -18.34 -2.30 14.79
CA HIS B 352 -16.93 -2.17 15.20
C HIS B 352 -16.36 -3.10 16.26
N PRO B 353 -15.06 -3.43 16.14
CA PRO B 353 -14.34 -4.29 17.07
C PRO B 353 -14.23 -3.64 18.46
N SER B 354 -14.11 -4.48 19.47
CA SER B 354 -14.01 -4.05 20.86
C SER B 354 -12.95 -2.99 21.09
N PHE B 355 -11.77 -3.21 20.49
CA PHE B 355 -10.65 -2.30 20.62
C PHE B 355 -11.03 -0.88 20.22
N VAL B 356 -11.93 -0.75 19.25
CA VAL B 356 -12.35 0.60 18.87
C VAL B 356 -13.35 1.12 19.87
N MET B 357 -14.20 0.25 20.42
CA MET B 357 -15.16 0.73 21.42
C MET B 357 -14.39 1.12 22.67
N SER B 358 -13.29 0.44 22.93
CA SER B 358 -12.45 0.72 24.08
C SER B 358 -12.01 2.18 24.06
N ASN B 359 -11.67 2.67 22.88
CA ASN B 359 -11.23 4.06 22.72
C ASN B 359 -12.38 5.02 22.94
N SER B 360 -13.53 4.71 22.33
CA SER B 360 -14.70 5.56 22.46
C SER B 360 -15.24 5.59 23.88
N PHE B 361 -15.31 4.42 24.52
CA PHE B 361 -15.83 4.36 25.87
C PHE B 361 -14.84 4.88 26.89
N THR B 362 -13.54 4.65 26.69
CA THR B 362 -12.58 5.17 27.65
C THR B 362 -12.68 6.69 27.68
N ASN B 363 -13.11 7.29 26.57
CA ASN B 363 -13.28 8.74 26.52
C ASN B 363 -14.42 9.09 27.50
N GLN B 364 -15.45 8.26 27.54
CA GLN B 364 -16.60 8.45 28.43
C GLN B 364 -16.14 8.42 29.91
N VAL B 365 -15.36 7.41 30.26
CA VAL B 365 -14.84 7.28 31.62
C VAL B 365 -13.99 8.49 32.00
N MET B 366 -13.22 8.96 31.03
CA MET B 366 -12.35 10.10 31.22
C MET B 366 -13.16 11.35 31.56
N ALA B 367 -14.19 11.61 30.77
CA ALA B 367 -15.04 12.80 30.96
C ALA B 367 -15.73 12.79 32.31
N GLN B 368 -16.32 11.63 32.62
CA GLN B 368 -17.06 11.39 33.84
C GLN B 368 -16.17 11.68 35.05
N ILE B 369 -14.95 11.13 35.04
CA ILE B 369 -14.01 11.36 36.13
C ILE B 369 -13.62 12.84 36.24
N GLU B 370 -13.47 13.52 35.10
CA GLU B 370 -13.09 14.94 35.07
C GLU B 370 -14.17 15.89 35.57
N LEU B 371 -15.38 15.76 35.02
CA LEU B 371 -16.52 16.59 35.39
C LEU B 371 -16.84 16.43 36.88
N TRP B 372 -17.16 15.20 37.26
CA TRP B 372 -17.49 14.87 38.63
C TRP B 372 -16.41 15.37 39.58
N THR B 373 -15.17 14.95 39.34
CA THR B 373 -14.07 15.34 40.18
C THR B 373 -13.76 16.83 40.10
N HIS B 374 -14.32 17.54 39.13
CA HIS B 374 -14.04 18.97 39.03
C HIS B 374 -15.31 19.81 39.09
N PRO B 375 -15.87 19.92 40.32
CA PRO B 375 -17.08 20.62 40.72
C PRO B 375 -17.38 21.97 40.10
N ASP B 376 -16.39 22.87 40.07
CA ASP B 376 -16.64 24.20 39.54
C ASP B 376 -15.77 24.71 38.40
N LYS B 377 -14.95 23.86 37.80
CA LYS B 377 -14.11 24.37 36.73
C LYS B 377 -14.77 24.40 35.36
N TYR B 378 -15.89 23.70 35.19
CA TYR B 378 -16.53 23.72 33.88
C TYR B 378 -17.83 24.49 33.84
N PRO B 379 -17.86 25.64 33.13
CA PRO B 379 -19.06 26.45 33.01
C PRO B 379 -20.11 25.72 32.18
N VAL B 380 -21.35 26.18 32.25
CA VAL B 380 -22.42 25.56 31.47
C VAL B 380 -21.98 25.66 30.02
N GLY B 381 -22.25 24.63 29.23
CA GLY B 381 -21.87 24.68 27.83
C GLY B 381 -21.15 23.43 27.43
N VAL B 382 -21.13 23.13 26.14
CA VAL B 382 -20.46 21.95 25.59
C VAL B 382 -18.97 22.21 25.34
N HIS B 383 -18.14 21.62 26.18
CA HIS B 383 -16.67 21.76 26.14
C HIS B 383 -16.02 20.55 25.52
N PHE B 384 -14.79 20.70 25.06
CA PHE B 384 -14.05 19.59 24.48
C PHE B 384 -13.24 18.91 25.60
N LEU B 385 -13.03 17.61 25.47
CA LEU B 385 -12.26 16.87 26.44
C LEU B 385 -10.81 17.38 26.40
N PRO B 386 -10.30 17.85 27.54
CA PRO B 386 -8.92 18.34 27.55
C PRO B 386 -7.91 17.36 26.96
N LYS B 387 -7.11 17.87 26.05
CA LYS B 387 -6.09 17.10 25.36
C LYS B 387 -5.28 16.13 26.20
N LYS B 388 -4.82 16.55 27.37
CA LYS B 388 -4.03 15.64 28.16
C LYS B 388 -4.81 14.34 28.44
N LEU B 389 -6.14 14.45 28.51
CA LEU B 389 -7.01 13.30 28.74
C LEU B 389 -7.15 12.51 27.45
N ASP B 390 -7.08 13.22 26.33
CA ASP B 390 -7.18 12.56 25.05
C ASP B 390 -5.87 11.77 24.85
N GLU B 391 -4.76 12.35 25.28
CA GLU B 391 -3.46 11.68 25.18
C GLU B 391 -3.45 10.44 26.08
N ALA B 392 -4.12 10.56 27.22
CA ALA B 392 -4.25 9.50 28.22
C ALA B 392 -4.98 8.27 27.68
N VAL B 393 -6.09 8.47 26.99
CA VAL B 393 -6.79 7.31 26.49
C VAL B 393 -5.94 6.67 25.39
N ALA B 394 -5.17 7.49 24.68
CA ALA B 394 -4.28 6.97 23.63
C ALA B 394 -3.26 6.04 24.26
N GLU B 395 -2.61 6.53 25.31
CA GLU B 395 -1.62 5.78 26.08
C GLU B 395 -2.18 4.56 26.83
N ALA B 396 -3.48 4.52 27.10
CA ALA B 396 -4.04 3.36 27.76
C ALA B 396 -4.00 2.16 26.82
N HIS B 397 -3.96 2.42 25.50
CA HIS B 397 -3.95 1.35 24.50
C HIS B 397 -2.59 0.87 24.01
N LEU B 398 -1.56 1.69 24.21
CA LEU B 398 -0.20 1.30 23.86
C LEU B 398 0.07 0.22 24.91
N GLY B 399 0.90 -0.77 24.63
CA GLY B 399 1.08 -1.76 25.68
C GLY B 399 0.36 -2.98 25.15
N LYS B 400 -0.96 -2.88 25.00
CA LYS B 400 -1.71 -3.98 24.44
C LYS B 400 -1.09 -4.12 23.05
N LEU B 401 -0.86 -2.96 22.42
CA LEU B 401 -0.25 -2.85 21.10
C LEU B 401 1.25 -3.05 21.19
N ASN B 402 1.77 -3.08 22.41
CA ASN B 402 3.21 -3.22 22.64
C ASN B 402 4.00 -2.15 21.88
N VAL B 403 3.71 -0.91 22.27
CA VAL B 403 4.31 0.27 21.73
C VAL B 403 5.19 0.78 22.87
N LYS B 404 6.33 1.37 22.55
CA LYS B 404 7.21 1.92 23.58
C LYS B 404 7.37 3.43 23.41
N LEU B 405 6.53 4.16 24.13
CA LEU B 405 6.57 5.60 24.07
C LEU B 405 7.90 5.99 24.67
N THR B 406 8.54 6.98 24.08
CA THR B 406 9.82 7.43 24.58
C THR B 406 9.55 8.69 25.36
N LYS B 407 10.21 8.85 26.50
CA LYS B 407 9.98 10.01 27.35
C LYS B 407 10.88 11.19 27.08
N LEU B 408 10.25 12.35 26.98
CA LEU B 408 10.96 13.58 26.74
C LEU B 408 11.90 13.82 27.93
N THR B 409 13.15 14.20 27.69
CA THR B 409 14.07 14.48 28.81
C THR B 409 13.79 15.90 29.29
N GLU B 410 14.19 16.23 30.51
CA GLU B 410 13.99 17.58 31.03
C GLU B 410 14.55 18.61 30.05
N LYS B 411 15.70 18.27 29.44
CA LYS B 411 16.35 19.15 28.48
C LYS B 411 15.50 19.35 27.24
N GLN B 412 15.03 18.27 26.62
CA GLN B 412 14.19 18.41 25.44
C GLN B 412 12.88 19.10 25.79
N ALA B 413 12.31 18.73 26.94
CA ALA B 413 11.05 19.30 27.38
C ALA B 413 11.13 20.82 27.40
N GLN B 414 12.15 21.34 28.05
CA GLN B 414 12.34 22.78 28.13
C GLN B 414 12.61 23.36 26.73
N TYR B 415 13.39 22.63 25.94
CA TYR B 415 13.70 23.10 24.59
C TYR B 415 12.43 23.25 23.76
N LEU B 416 11.52 22.29 23.88
CA LEU B 416 10.26 22.30 23.15
C LEU B 416 9.24 23.22 23.83
N GLY B 417 9.52 23.55 25.09
CA GLY B 417 8.61 24.40 25.84
C GLY B 417 7.32 23.68 26.20
N MET B 418 7.44 22.38 26.50
CA MET B 418 6.28 21.58 26.87
C MET B 418 6.62 20.65 28.04
N PRO B 419 5.59 20.18 28.76
CA PRO B 419 5.83 19.29 29.90
C PRO B 419 6.23 17.87 29.47
N ILE B 420 7.01 17.20 30.32
CA ILE B 420 7.45 15.83 30.05
C ILE B 420 6.25 14.95 29.70
N ASN B 421 5.11 15.24 30.32
CA ASN B 421 3.89 14.49 30.06
C ASN B 421 2.67 15.33 29.79
N GLY B 422 2.80 16.65 29.88
CA GLY B 422 1.69 17.55 29.66
C GLY B 422 1.36 17.49 28.18
N PRO B 423 0.33 18.21 27.70
CA PRO B 423 -0.02 18.19 26.28
C PRO B 423 1.20 18.45 25.37
N PHE B 424 1.30 17.64 24.33
CA PHE B 424 2.39 17.68 23.38
C PHE B 424 2.09 18.45 22.10
N LYS B 425 0.82 18.83 21.92
CA LYS B 425 0.40 19.56 20.72
C LYS B 425 -0.57 20.65 21.14
N PRO B 426 -0.68 21.71 20.32
CA PRO B 426 -1.59 22.80 20.62
C PRO B 426 -2.99 22.41 20.21
N ASP B 427 -3.97 23.09 20.77
CA ASP B 427 -5.36 22.82 20.47
C ASP B 427 -5.75 22.76 18.98
N HIS B 428 -5.04 23.46 18.10
CA HIS B 428 -5.36 23.44 16.67
C HIS B 428 -4.70 22.31 15.89
N TYR B 429 -3.87 21.52 16.54
CA TYR B 429 -3.20 20.44 15.88
C TYR B 429 -4.18 19.39 15.35
N ARG B 430 -4.16 19.20 14.03
CA ARG B 430 -4.96 18.17 13.36
C ARG B 430 -3.89 17.08 13.28
N TYR B 431 -4.16 15.87 13.75
CA TYR B 431 -3.10 14.89 13.73
C TYR B 431 -2.97 14.31 12.33
N LEU C 4 49.14 -5.02 -24.69
CA LEU C 4 49.31 -3.89 -23.79
C LEU C 4 49.03 -4.36 -22.36
N PRO C 5 49.43 -3.57 -21.36
CA PRO C 5 49.17 -4.00 -19.98
C PRO C 5 47.67 -3.84 -19.65
N TYR C 6 47.05 -2.85 -20.27
CA TYR C 6 45.64 -2.51 -20.10
C TYR C 6 45.46 -1.15 -20.78
N LYS C 7 44.26 -0.59 -20.72
CA LYS C 7 44.03 0.71 -21.31
C LYS C 7 42.83 1.40 -20.68
N VAL C 8 43.12 2.35 -19.81
CA VAL C 8 42.10 3.14 -19.11
C VAL C 8 42.31 4.58 -19.54
N ALA C 9 41.25 5.39 -19.44
CA ALA C 9 41.34 6.80 -19.82
C ALA C 9 42.28 7.59 -18.93
N ASP C 10 42.23 7.32 -17.63
CA ASP C 10 43.06 8.02 -16.67
C ASP C 10 43.38 7.15 -15.46
N ILE C 11 44.50 6.44 -15.52
CA ILE C 11 44.93 5.57 -14.42
C ILE C 11 45.12 6.40 -13.14
N GLY C 12 45.25 7.71 -13.29
CA GLY C 12 45.41 8.58 -12.14
C GLY C 12 44.14 8.57 -11.31
N LEU C 13 43.03 8.20 -11.95
CA LEU C 13 41.74 8.14 -11.29
C LEU C 13 41.55 6.88 -10.42
N ALA C 14 42.56 6.01 -10.44
CA ALA C 14 42.57 4.75 -9.70
C ALA C 14 42.36 4.78 -8.19
N ALA C 15 42.81 5.85 -7.53
CA ALA C 15 42.65 5.96 -6.08
C ALA C 15 41.20 6.33 -5.75
N TRP C 16 40.59 7.09 -6.65
CA TRP C 16 39.21 7.53 -6.55
C TRP C 16 38.28 6.32 -6.62
N GLY C 17 38.53 5.46 -7.61
CA GLY C 17 37.74 4.27 -7.78
C GLY C 17 37.71 3.33 -6.58
N ARG C 18 38.88 2.93 -6.09
CA ARG C 18 38.98 2.01 -4.96
C ARG C 18 38.08 2.46 -3.83
N LYS C 19 38.04 3.77 -3.62
CA LYS C 19 37.21 4.34 -2.59
C LYS C 19 35.75 4.02 -2.85
N ALA C 20 35.37 4.02 -4.13
CA ALA C 20 34.00 3.70 -4.51
C ALA C 20 33.80 2.21 -4.36
N LEU C 21 34.72 1.42 -4.93
CA LEU C 21 34.65 -0.05 -4.83
C LEU C 21 34.39 -0.48 -3.40
N ASP C 22 35.15 0.08 -2.48
CA ASP C 22 35.00 -0.29 -1.08
C ASP C 22 33.68 0.04 -0.42
N ILE C 23 33.01 1.08 -0.88
CA ILE C 23 31.72 1.44 -0.30
C ILE C 23 30.66 0.48 -0.84
N ALA C 24 30.84 0.12 -2.12
CA ALA C 24 29.93 -0.77 -2.82
C ALA C 24 29.94 -2.17 -2.24
N GLU C 25 31.13 -2.63 -1.85
CA GLU C 25 31.30 -3.98 -1.29
C GLU C 25 30.35 -4.23 -0.14
N ASN C 26 30.06 -3.19 0.63
CA ASN C 26 29.15 -3.33 1.74
C ASN C 26 27.74 -3.61 1.22
N GLU C 27 27.35 -2.95 0.13
CA GLU C 27 26.02 -3.17 -0.44
C GLU C 27 25.93 -4.37 -1.38
N MET C 28 27.03 -5.06 -1.63
CA MET C 28 27.01 -6.23 -2.49
C MET C 28 27.45 -7.47 -1.69
N PRO C 29 26.69 -7.82 -0.63
CA PRO C 29 27.03 -8.97 0.21
C PRO C 29 27.16 -10.29 -0.52
N GLY C 30 26.53 -10.40 -1.68
CA GLY C 30 26.61 -11.63 -2.43
C GLY C 30 28.02 -11.96 -2.84
N LEU C 31 28.64 -11.08 -3.63
CA LEU C 31 30.01 -11.29 -4.12
C LEU C 31 31.00 -11.43 -2.97
N MET C 32 30.73 -10.72 -1.87
CA MET C 32 31.58 -10.77 -0.69
C MET C 32 31.47 -12.10 0.06
N ARG C 33 30.29 -12.75 0.01
CA ARG C 33 30.18 -14.03 0.69
C ARG C 33 30.87 -15.07 -0.17
N MET C 34 30.89 -14.83 -1.48
CA MET C 34 31.55 -15.73 -2.38
C MET C 34 33.04 -15.72 -2.05
N ARG C 35 33.55 -14.52 -1.75
CA ARG C 35 34.95 -14.35 -1.38
C ARG C 35 35.26 -15.08 -0.08
N GLU C 36 34.47 -14.84 0.97
CA GLU C 36 34.71 -15.51 2.25
C GLU C 36 34.47 -17.02 2.19
N MET C 37 33.63 -17.46 1.28
CA MET C 37 33.33 -18.87 1.15
C MET C 37 34.34 -19.62 0.31
N TYR C 38 34.92 -18.92 -0.67
CA TYR C 38 35.86 -19.57 -1.58
C TYR C 38 37.29 -19.08 -1.71
N SER C 39 37.67 -17.97 -1.07
CA SER C 39 39.03 -17.46 -1.19
C SER C 39 40.02 -18.28 -0.37
N ALA C 40 39.97 -19.59 -0.57
CA ALA C 40 40.81 -20.55 0.13
C ALA C 40 40.80 -21.75 -0.79
N SER C 41 39.58 -22.20 -1.09
CA SER C 41 39.38 -23.33 -1.98
C SER C 41 39.80 -22.90 -3.39
N LYS C 42 39.82 -21.59 -3.62
CA LYS C 42 40.19 -21.03 -4.92
C LYS C 42 39.65 -21.89 -6.06
N PRO C 43 38.32 -22.08 -6.12
CA PRO C 43 37.59 -22.88 -7.12
C PRO C 43 37.82 -22.55 -8.60
N LEU C 44 38.18 -21.31 -8.88
CA LEU C 44 38.40 -20.89 -10.25
C LEU C 44 39.88 -20.94 -10.59
N LYS C 45 40.65 -21.58 -9.70
CA LYS C 45 42.07 -21.77 -9.91
C LYS C 45 42.20 -22.44 -11.26
N GLY C 46 42.83 -21.76 -12.19
CA GLY C 46 43.02 -22.34 -13.50
C GLY C 46 42.28 -21.57 -14.56
N ALA C 47 41.08 -21.14 -14.22
CA ALA C 47 40.28 -20.37 -15.15
C ALA C 47 41.03 -19.12 -15.60
N ARG C 48 40.88 -18.80 -16.88
CA ARG C 48 41.46 -17.63 -17.50
C ARG C 48 40.23 -17.00 -18.11
N ILE C 49 39.50 -16.25 -17.28
CA ILE C 49 38.25 -15.62 -17.70
C ILE C 49 38.30 -14.33 -18.48
N ALA C 50 37.78 -14.38 -19.70
CA ALA C 50 37.67 -13.19 -20.53
C ALA C 50 36.28 -12.67 -20.19
N GLY C 51 36.17 -11.41 -19.78
CA GLY C 51 34.88 -10.89 -19.45
C GLY C 51 34.53 -9.69 -20.26
N CYS C 52 33.32 -9.69 -20.82
CA CYS C 52 32.84 -8.54 -21.58
C CYS C 52 31.63 -8.03 -20.80
N LEU C 53 31.83 -7.00 -19.98
CA LEU C 53 30.75 -6.46 -19.15
C LEU C 53 31.07 -5.04 -18.73
N HIS C 54 30.07 -4.17 -18.80
CA HIS C 54 30.20 -2.74 -18.46
C HIS C 54 31.14 -2.54 -17.30
N MET C 55 32.29 -1.93 -17.55
CA MET C 55 33.25 -1.70 -16.49
C MET C 55 32.79 -0.62 -15.55
N THR C 56 32.11 -1.02 -14.49
CA THR C 56 31.63 -0.08 -13.48
C THR C 56 32.12 -0.53 -12.11
N VAL C 57 31.84 0.26 -11.10
CA VAL C 57 32.28 -0.08 -9.77
C VAL C 57 31.82 -1.48 -9.37
N GLU C 58 30.52 -1.76 -9.54
CA GLU C 58 29.96 -3.07 -9.21
C GLU C 58 30.64 -4.19 -10.00
N THR C 59 30.89 -3.94 -11.28
CA THR C 59 31.54 -4.94 -12.12
C THR C 59 32.99 -5.18 -11.67
N ALA C 60 33.60 -4.12 -11.12
CA ALA C 60 34.96 -4.20 -10.65
C ALA C 60 34.95 -5.07 -9.39
N VAL C 61 33.91 -4.93 -8.58
CA VAL C 61 33.78 -5.72 -7.37
C VAL C 61 33.59 -7.19 -7.81
N LEU C 62 32.91 -7.41 -8.93
CA LEU C 62 32.71 -8.77 -9.45
C LEU C 62 34.08 -9.32 -9.81
N ILE C 63 34.76 -8.62 -10.72
CA ILE C 63 36.10 -9.00 -11.20
C ILE C 63 37.00 -9.47 -10.05
N GLU C 64 37.16 -8.63 -9.03
CA GLU C 64 38.01 -8.98 -7.90
C GLU C 64 37.52 -10.21 -7.14
N THR C 65 36.23 -10.50 -7.22
CA THR C 65 35.71 -11.68 -6.57
C THR C 65 36.22 -12.89 -7.36
N LEU C 66 36.19 -12.79 -8.68
CA LEU C 66 36.67 -13.86 -9.57
C LEU C 66 38.15 -14.09 -9.31
N VAL C 67 38.88 -12.99 -9.31
CA VAL C 67 40.31 -12.98 -9.06
C VAL C 67 40.60 -13.60 -7.69
N ALA C 68 39.80 -13.24 -6.70
CA ALA C 68 39.99 -13.76 -5.34
C ALA C 68 39.67 -15.25 -5.20
N LEU C 69 38.91 -15.80 -6.13
CA LEU C 69 38.54 -17.21 -6.07
C LEU C 69 39.50 -18.06 -6.89
N GLY C 70 40.64 -17.47 -7.24
CA GLY C 70 41.68 -18.16 -8.01
C GLY C 70 41.62 -18.02 -9.51
N ALA C 71 40.80 -17.09 -10.00
CA ALA C 71 40.66 -16.90 -11.44
C ALA C 71 41.63 -15.90 -12.04
N GLU C 72 42.12 -16.20 -13.23
CA GLU C 72 43.01 -15.31 -13.95
C GLU C 72 41.99 -14.59 -14.84
N VAL C 73 42.00 -13.26 -14.86
CA VAL C 73 41.01 -12.49 -15.63
C VAL C 73 41.49 -11.30 -16.50
N ARG C 74 40.82 -11.11 -17.62
CA ARG C 74 41.09 -10.00 -18.54
C ARG C 74 39.71 -9.44 -18.84
N TRP C 75 39.54 -8.12 -18.75
CA TRP C 75 38.23 -7.54 -18.96
C TRP C 75 38.08 -6.49 -20.08
N SER C 76 36.86 -6.41 -20.62
CA SER C 76 36.47 -5.47 -21.68
C SER C 76 35.04 -5.03 -21.37
N SER C 77 34.71 -3.77 -21.62
CA SER C 77 33.35 -3.31 -21.34
C SER C 77 32.42 -3.57 -22.53
N CYS C 78 31.27 -4.18 -22.30
CA CYS C 78 30.33 -4.47 -23.39
C CYS C 78 29.53 -3.25 -23.86
N ASN C 79 30.01 -2.06 -23.54
CA ASN C 79 29.36 -0.85 -24.01
C ASN C 79 30.39 0.27 -23.99
N ILE C 80 30.52 0.95 -25.11
CA ILE C 80 31.49 2.02 -25.24
C ILE C 80 31.42 3.09 -24.17
N PHE C 81 30.20 3.43 -23.73
CA PHE C 81 30.04 4.47 -22.72
C PHE C 81 29.79 3.99 -21.29
N SER C 82 29.29 2.78 -21.13
CA SER C 82 28.97 2.26 -19.80
C SER C 82 30.08 2.22 -18.77
N THR C 83 31.32 2.14 -19.24
CA THR C 83 32.46 2.05 -18.33
C THR C 83 32.73 3.32 -17.51
N GLN C 84 32.97 3.12 -16.22
CA GLN C 84 33.27 4.19 -15.29
C GLN C 84 34.77 4.14 -15.14
N ASP C 85 35.42 5.23 -15.55
CA ASP C 85 36.88 5.31 -15.49
C ASP C 85 37.59 5.12 -14.16
N HIS C 86 37.10 5.72 -13.07
CA HIS C 86 37.78 5.51 -11.80
C HIS C 86 37.75 4.05 -11.34
N ALA C 87 36.79 3.29 -11.87
CA ALA C 87 36.63 1.87 -11.55
C ALA C 87 37.58 1.02 -12.38
N ALA C 88 37.65 1.31 -13.68
CA ALA C 88 38.57 0.60 -14.57
C ALA C 88 40.00 0.94 -14.16
N ALA C 89 40.20 2.20 -13.75
CA ALA C 89 41.51 2.67 -13.29
C ALA C 89 41.97 1.83 -12.10
N ALA C 90 41.09 1.61 -11.12
CA ALA C 90 41.41 0.81 -9.93
C ALA C 90 41.77 -0.62 -10.30
N ILE C 91 41.01 -1.21 -11.22
CA ILE C 91 41.29 -2.58 -11.65
C ILE C 91 42.64 -2.64 -12.36
N ALA C 92 42.86 -1.73 -13.30
CA ALA C 92 44.10 -1.67 -14.06
C ALA C 92 45.22 -1.55 -13.06
N LYS C 93 45.03 -0.65 -12.09
CA LYS C 93 46.01 -0.42 -11.03
C LYS C 93 46.21 -1.69 -10.19
N ALA C 94 45.14 -2.44 -10.00
CA ALA C 94 45.17 -3.68 -9.21
C ALA C 94 46.00 -4.73 -9.93
N GLY C 95 46.42 -4.39 -11.14
CA GLY C 95 47.24 -5.30 -11.93
C GLY C 95 46.40 -6.18 -12.83
N ILE C 96 45.16 -5.79 -13.09
CA ILE C 96 44.27 -6.57 -13.94
C ILE C 96 44.20 -5.97 -15.34
N PRO C 97 44.30 -6.81 -16.37
CA PRO C 97 44.24 -6.38 -17.77
C PRO C 97 42.85 -5.92 -18.19
N VAL C 98 42.52 -4.66 -17.91
CA VAL C 98 41.23 -4.11 -18.30
C VAL C 98 41.46 -3.17 -19.45
N PHE C 99 40.65 -3.30 -20.49
CA PHE C 99 40.76 -2.42 -21.64
C PHE C 99 39.40 -1.80 -21.80
N ALA C 100 39.24 -0.57 -21.30
CA ALA C 100 37.98 0.13 -21.39
C ALA C 100 37.99 1.53 -20.82
N TRP C 101 37.32 2.44 -21.51
CA TRP C 101 37.20 3.83 -21.08
C TRP C 101 35.84 4.33 -21.62
N LYS C 102 35.28 5.32 -20.93
CA LYS C 102 34.00 5.88 -21.30
C LYS C 102 34.13 6.69 -22.58
N GLY C 103 33.40 6.32 -23.63
CA GLY C 103 33.46 7.05 -24.88
C GLY C 103 34.36 6.47 -25.95
N GLU C 104 34.25 5.16 -26.17
CA GLU C 104 35.06 4.49 -27.18
C GLU C 104 34.45 4.52 -28.59
N THR C 105 35.18 3.97 -29.55
CA THR C 105 34.69 3.91 -30.92
C THR C 105 34.42 2.44 -31.19
N ASP C 106 33.63 2.14 -32.21
CA ASP C 106 33.32 0.76 -32.55
C ASP C 106 34.62 0.04 -32.79
N GLU C 107 35.60 0.79 -33.28
CA GLU C 107 36.93 0.28 -33.57
C GLU C 107 37.64 -0.07 -32.26
N GLU C 108 37.68 0.88 -31.34
CA GLU C 108 38.32 0.66 -30.04
C GLU C 108 37.58 -0.40 -29.25
N TYR C 109 36.28 -0.52 -29.52
CA TYR C 109 35.43 -1.49 -28.86
C TYR C 109 35.84 -2.93 -29.24
N LEU C 110 35.82 -3.23 -30.53
CA LEU C 110 36.20 -4.56 -30.99
C LEU C 110 37.63 -4.87 -30.59
N TRP C 111 38.47 -3.84 -30.60
CA TRP C 111 39.88 -3.97 -30.23
C TRP C 111 39.98 -4.48 -28.79
N CYS C 112 39.32 -3.76 -27.89
CA CYS C 112 39.31 -4.10 -26.47
C CYS C 112 38.97 -5.55 -26.23
N ILE C 113 37.88 -6.02 -26.83
CA ILE C 113 37.46 -7.41 -26.65
C ILE C 113 38.53 -8.40 -27.07
N GLU C 114 39.14 -8.16 -28.24
CA GLU C 114 40.19 -9.05 -28.75
C GLU C 114 41.39 -9.10 -27.79
N GLN C 115 41.63 -7.99 -27.11
CA GLN C 115 42.73 -7.88 -26.16
C GLN C 115 42.61 -8.78 -24.93
N THR C 116 41.51 -9.50 -24.78
CA THR C 116 41.33 -10.34 -23.59
C THR C 116 41.38 -11.83 -23.89
N LEU C 117 41.53 -12.16 -25.17
CA LEU C 117 41.54 -13.56 -25.59
C LEU C 117 42.77 -14.33 -25.19
N HIS C 118 43.89 -13.64 -25.03
CA HIS C 118 45.14 -14.35 -24.74
C HIS C 118 45.85 -13.99 -23.45
N PHE C 119 46.01 -14.99 -22.59
CA PHE C 119 46.66 -14.82 -21.31
C PHE C 119 48.16 -15.13 -21.39
N LYS C 120 48.83 -14.96 -20.26
CA LYS C 120 50.27 -15.19 -20.14
C LYS C 120 50.62 -16.63 -20.43
N ASP C 121 49.72 -17.54 -20.11
CA ASP C 121 49.96 -18.95 -20.32
C ASP C 121 48.87 -19.60 -21.16
N GLY C 122 48.56 -18.97 -22.29
CA GLY C 122 47.54 -19.51 -23.17
C GLY C 122 46.33 -18.61 -23.32
N PRO C 123 45.41 -18.96 -24.23
CA PRO C 123 44.19 -18.18 -24.48
C PRO C 123 43.11 -18.54 -23.46
N LEU C 124 42.08 -17.69 -23.39
CA LEU C 124 40.96 -17.88 -22.47
C LEU C 124 40.38 -19.29 -22.51
N ASN C 125 39.91 -19.75 -21.36
CA ASN C 125 39.29 -21.07 -21.24
C ASN C 125 37.91 -20.92 -20.61
N MET C 126 37.48 -19.67 -20.51
CA MET C 126 36.19 -19.34 -19.90
C MET C 126 35.66 -18.03 -20.46
N ILE C 127 34.35 -17.90 -20.47
CA ILE C 127 33.71 -16.68 -20.96
C ILE C 127 32.63 -16.15 -20.00
N LEU C 128 32.65 -14.84 -19.75
CA LEU C 128 31.64 -14.21 -18.91
C LEU C 128 31.11 -13.04 -19.76
N ASP C 129 29.98 -13.27 -20.42
CA ASP C 129 29.44 -12.27 -21.34
C ASP C 129 28.10 -11.64 -20.94
N ASP C 130 27.93 -10.42 -21.43
CA ASP C 130 26.74 -9.62 -21.26
C ASP C 130 26.60 -9.07 -22.69
N GLY C 131 25.56 -9.52 -23.39
CA GLY C 131 25.37 -9.11 -24.77
C GLY C 131 26.28 -10.00 -25.61
N GLY C 132 25.69 -10.92 -26.37
CA GLY C 132 26.44 -11.87 -27.21
C GLY C 132 27.87 -11.61 -27.68
N ASP C 133 28.21 -10.34 -27.92
CA ASP C 133 29.53 -9.89 -28.39
C ASP C 133 30.75 -10.79 -28.16
N LEU C 134 31.13 -11.03 -26.92
CA LEU C 134 32.29 -11.88 -26.66
C LEU C 134 32.11 -13.28 -27.22
N THR C 135 30.95 -13.89 -27.00
CA THR C 135 30.75 -15.25 -27.51
C THR C 135 30.73 -15.21 -29.04
N ASN C 136 30.26 -14.10 -29.59
CA ASN C 136 30.17 -13.94 -31.03
C ASN C 136 31.54 -13.80 -31.69
N LEU C 137 32.25 -12.74 -31.35
CA LEU C 137 33.57 -12.46 -31.90
C LEU C 137 34.43 -13.72 -31.96
N ILE C 138 34.41 -14.50 -30.90
CA ILE C 138 35.19 -15.73 -30.84
C ILE C 138 34.56 -16.74 -31.76
N HIS C 139 33.23 -16.80 -31.78
CA HIS C 139 32.53 -17.76 -32.64
C HIS C 139 32.67 -17.54 -34.13
N THR C 140 32.80 -16.28 -34.54
CA THR C 140 32.92 -15.97 -35.95
C THR C 140 34.34 -15.65 -36.39
N LYS C 141 35.03 -14.83 -35.60
CA LYS C 141 36.37 -14.42 -35.94
C LYS C 141 37.52 -15.13 -35.25
N HIS C 142 37.24 -16.11 -34.41
CA HIS C 142 38.31 -16.83 -33.71
C HIS C 142 37.88 -18.25 -33.29
N PRO C 143 37.18 -18.98 -34.17
CA PRO C 143 36.71 -20.33 -33.89
C PRO C 143 37.74 -21.38 -33.43
N GLN C 144 39.03 -21.08 -33.56
CA GLN C 144 40.07 -22.01 -33.15
C GLN C 144 40.10 -22.09 -31.63
N LEU C 145 39.77 -20.96 -31.00
CA LEU C 145 39.74 -20.84 -29.55
C LEU C 145 38.63 -21.64 -28.89
N LEU C 146 37.47 -21.68 -29.55
CA LEU C 146 36.29 -22.39 -29.06
C LEU C 146 36.54 -23.66 -28.25
N SER C 147 37.34 -24.56 -28.79
CA SER C 147 37.65 -25.83 -28.13
C SER C 147 38.30 -25.70 -26.75
N GLY C 148 39.10 -24.66 -26.56
CA GLY C 148 39.77 -24.45 -25.30
C GLY C 148 38.91 -23.78 -24.25
N ILE C 149 37.75 -23.30 -24.68
CA ILE C 149 36.80 -22.62 -23.79
C ILE C 149 35.89 -23.68 -23.19
N ARG C 150 35.96 -23.86 -21.87
CA ARG C 150 35.14 -24.85 -21.22
C ARG C 150 33.68 -24.43 -21.00
N GLY C 151 33.42 -23.13 -20.93
CA GLY C 151 32.05 -22.66 -20.71
C GLY C 151 31.76 -21.19 -20.88
N ILE C 152 30.46 -20.88 -20.85
CA ILE C 152 29.99 -19.51 -21.00
C ILE C 152 28.87 -19.22 -20.00
N SER C 153 28.80 -17.96 -19.60
CA SER C 153 27.79 -17.46 -18.67
C SER C 153 27.23 -16.24 -19.40
N GLU C 154 25.94 -16.23 -19.63
CA GLU C 154 25.31 -15.11 -20.31
C GLU C 154 24.19 -14.60 -19.41
N GLU C 155 24.10 -13.29 -19.27
CA GLU C 155 23.07 -12.74 -18.41
C GLU C 155 22.14 -11.73 -19.04
N THR C 156 21.94 -11.79 -20.36
CA THR C 156 21.03 -10.86 -21.00
C THR C 156 20.06 -11.56 -21.95
N THR C 157 18.91 -10.92 -22.16
CA THR C 157 17.88 -11.45 -23.03
C THR C 157 18.48 -11.64 -24.42
N THR C 158 19.08 -10.55 -24.92
CA THR C 158 19.71 -10.59 -26.23
C THR C 158 20.64 -11.79 -26.28
N GLY C 159 21.73 -11.70 -25.51
CA GLY C 159 22.71 -12.77 -25.48
C GLY C 159 22.14 -14.17 -25.41
N VAL C 160 21.08 -14.34 -24.63
CA VAL C 160 20.49 -15.66 -24.46
C VAL C 160 19.67 -16.09 -25.68
N HIS C 161 19.06 -15.13 -26.37
CA HIS C 161 18.29 -15.49 -27.57
C HIS C 161 19.27 -16.01 -28.60
N ASN C 162 20.41 -15.33 -28.65
CA ASN C 162 21.51 -15.63 -29.56
C ASN C 162 22.05 -17.02 -29.27
N LEU C 163 22.39 -17.30 -28.03
CA LEU C 163 22.88 -18.63 -27.66
C LEU C 163 21.89 -19.68 -28.14
N TYR C 164 20.61 -19.34 -28.12
CA TYR C 164 19.56 -20.26 -28.58
C TYR C 164 19.53 -20.34 -30.11
N LYS C 165 19.66 -19.20 -30.79
CA LYS C 165 19.67 -19.16 -32.25
C LYS C 165 20.91 -19.90 -32.73
N MET C 166 22.05 -19.53 -32.16
CA MET C 166 23.33 -20.15 -32.49
C MET C 166 23.21 -21.64 -32.28
N MET C 167 22.60 -22.04 -31.19
CA MET C 167 22.45 -23.46 -30.91
C MET C 167 21.67 -24.12 -32.03
N ALA C 168 20.58 -23.47 -32.43
CA ALA C 168 19.71 -23.96 -33.49
C ALA C 168 20.52 -24.25 -34.75
N ASN C 169 21.27 -23.25 -35.17
CA ASN C 169 22.10 -23.33 -36.35
C ASN C 169 23.31 -24.23 -36.16
N GLY C 170 23.47 -24.76 -34.96
CA GLY C 170 24.60 -25.64 -34.66
C GLY C 170 25.92 -24.92 -34.54
N ILE C 171 25.86 -23.60 -34.39
CA ILE C 171 27.06 -22.76 -34.26
C ILE C 171 27.62 -22.79 -32.85
N LEU C 172 26.75 -22.94 -31.86
CA LEU C 172 27.18 -22.96 -30.47
C LEU C 172 28.08 -24.17 -30.24
N LYS C 173 29.36 -23.90 -30.01
CA LYS C 173 30.36 -24.93 -29.80
C LYS C 173 30.68 -25.18 -28.32
N VAL C 174 30.53 -24.13 -27.49
CA VAL C 174 30.81 -24.22 -26.06
C VAL C 174 29.53 -24.04 -25.21
N PRO C 175 29.31 -24.92 -24.20
CA PRO C 175 28.15 -24.92 -23.29
C PRO C 175 27.95 -23.58 -22.63
N ALA C 176 26.70 -23.19 -22.48
CA ALA C 176 26.36 -21.92 -21.86
C ALA C 176 25.44 -22.12 -20.66
N ILE C 177 25.41 -21.11 -19.80
CA ILE C 177 24.56 -21.11 -18.63
C ILE C 177 23.89 -19.76 -18.65
N ASN C 178 22.57 -19.82 -18.78
CA ASN C 178 21.71 -18.66 -18.81
C ASN C 178 21.40 -18.21 -17.39
N VAL C 179 22.05 -17.12 -17.02
CA VAL C 179 21.92 -16.49 -15.73
C VAL C 179 20.83 -15.43 -15.80
N ASN C 180 20.43 -15.10 -17.01
CA ASN C 180 19.43 -14.07 -17.22
C ASN C 180 18.10 -14.41 -16.58
N ASP C 181 17.69 -15.65 -16.69
CA ASP C 181 16.41 -16.07 -16.13
C ASP C 181 16.42 -16.58 -14.69
N SER C 182 17.56 -16.48 -14.01
CA SER C 182 17.58 -16.92 -12.65
C SER C 182 16.54 -16.04 -11.98
N VAL C 183 15.80 -16.59 -11.02
CA VAL C 183 14.80 -15.77 -10.35
C VAL C 183 15.48 -14.66 -9.57
N THR C 184 16.65 -14.93 -8.99
CA THR C 184 17.38 -13.90 -8.25
C THR C 184 17.94 -12.83 -9.18
N LYS C 185 18.31 -13.22 -10.39
CA LYS C 185 18.84 -12.22 -11.33
C LYS C 185 17.71 -11.44 -11.95
N SER C 186 16.69 -12.12 -12.45
CA SER C 186 15.57 -11.44 -13.05
C SER C 186 14.78 -10.53 -12.10
N LYS C 187 14.34 -11.03 -10.96
CA LYS C 187 13.54 -10.19 -10.06
C LYS C 187 14.25 -8.89 -9.74
N PHE C 188 15.58 -8.95 -9.66
CA PHE C 188 16.34 -7.77 -9.32
C PHE C 188 16.62 -6.85 -10.49
N ASP C 189 17.26 -7.39 -11.51
CA ASP C 189 17.58 -6.61 -12.67
C ASP C 189 16.35 -5.89 -13.20
N ASN C 190 15.21 -6.59 -13.17
CA ASN C 190 13.92 -6.13 -13.68
C ASN C 190 12.96 -5.40 -12.74
N LEU C 191 12.41 -6.14 -11.79
CA LEU C 191 11.41 -5.63 -10.83
C LEU C 191 11.98 -4.66 -9.82
N TYR C 192 12.84 -5.16 -8.93
CA TYR C 192 13.43 -4.35 -7.86
C TYR C 192 14.31 -3.19 -8.27
N GLY C 193 15.13 -3.41 -9.29
CA GLY C 193 15.99 -2.36 -9.78
C GLY C 193 15.12 -1.23 -10.32
N CYS C 194 14.29 -1.50 -11.32
CA CYS C 194 13.46 -0.46 -11.90
C CYS C 194 12.53 0.23 -10.91
N ARG C 195 12.03 -0.54 -9.95
CA ARG C 195 11.14 -0.01 -8.94
C ARG C 195 11.85 1.16 -8.26
N GLU C 196 13.11 0.96 -7.87
CA GLU C 196 13.90 1.99 -7.20
C GLU C 196 14.38 3.10 -8.12
N SER C 197 15.07 2.75 -9.21
CA SER C 197 15.61 3.74 -10.12
C SER C 197 14.68 4.56 -11.03
N LEU C 198 13.46 4.08 -11.33
CA LEU C 198 12.57 4.84 -12.19
C LEU C 198 12.31 6.26 -11.72
N ILE C 199 11.73 6.41 -10.53
CA ILE C 199 11.41 7.72 -9.99
C ILE C 199 12.68 8.57 -9.79
N ASP C 200 13.84 7.94 -9.72
CA ASP C 200 15.10 8.66 -9.57
C ASP C 200 15.31 9.43 -10.87
N GLY C 201 15.21 8.72 -11.99
CA GLY C 201 15.35 9.37 -13.27
C GLY C 201 14.37 10.53 -13.39
N ILE C 202 13.07 10.26 -13.22
CA ILE C 202 12.06 11.32 -13.32
C ILE C 202 12.31 12.53 -12.43
N LYS C 203 12.51 12.32 -11.13
CA LYS C 203 12.77 13.42 -10.21
C LYS C 203 14.05 14.17 -10.59
N ARG C 204 15.16 13.47 -10.79
CA ARG C 204 16.41 14.12 -11.15
C ARG C 204 16.30 14.97 -12.41
N ALA C 205 15.50 14.50 -13.36
CA ALA C 205 15.34 15.21 -14.60
C ALA C 205 14.31 16.31 -14.56
N THR C 206 13.29 16.15 -13.72
CA THR C 206 12.21 17.13 -13.70
C THR C 206 11.88 17.75 -12.34
N ASP C 207 12.20 17.03 -11.27
CA ASP C 207 11.92 17.44 -9.89
C ASP C 207 10.42 17.63 -9.74
N VAL C 208 9.69 16.79 -10.48
CA VAL C 208 8.25 16.82 -10.55
C VAL C 208 7.56 16.07 -9.42
N MET C 209 6.46 16.65 -8.93
CA MET C 209 5.63 16.03 -7.90
C MET C 209 4.94 14.86 -8.61
N ILE C 210 5.05 13.66 -8.04
CA ILE C 210 4.41 12.49 -8.63
C ILE C 210 3.00 12.30 -8.06
N ALA C 211 2.83 12.59 -6.78
CA ALA C 211 1.55 12.42 -6.13
C ALA C 211 0.49 13.21 -6.85
N GLY C 212 -0.69 12.62 -7.00
CA GLY C 212 -1.79 13.32 -7.62
C GLY C 212 -1.84 13.34 -9.12
N LYS C 213 -0.85 12.73 -9.76
CA LYS C 213 -0.80 12.66 -11.21
C LYS C 213 -1.27 11.29 -11.69
N VAL C 214 -1.65 11.19 -12.96
CA VAL C 214 -2.04 9.93 -13.58
C VAL C 214 -0.79 9.47 -14.31
N ALA C 215 -0.32 8.25 -14.06
CA ALA C 215 0.87 7.74 -14.72
C ALA C 215 0.47 6.50 -15.46
N VAL C 216 0.74 6.44 -16.77
CA VAL C 216 0.35 5.32 -17.63
C VAL C 216 1.59 4.47 -17.87
N VAL C 217 1.49 3.17 -17.65
CA VAL C 217 2.64 2.31 -17.82
C VAL C 217 2.31 1.25 -18.85
N ALA C 218 3.05 1.26 -19.96
CA ALA C 218 2.80 0.29 -21.00
C ALA C 218 3.53 -0.95 -20.61
N GLY C 219 2.83 -2.07 -20.59
CA GLY C 219 3.47 -3.32 -20.24
C GLY C 219 3.39 -3.49 -18.73
N TYR C 220 3.13 -4.73 -18.31
CA TYR C 220 3.02 -5.11 -16.91
C TYR C 220 3.81 -6.39 -16.68
N GLY C 221 5.03 -6.41 -17.20
CA GLY C 221 5.91 -7.54 -16.98
C GLY C 221 6.67 -7.17 -15.72
N ASP C 222 7.80 -7.83 -15.45
CA ASP C 222 8.56 -7.51 -14.25
C ASP C 222 8.90 -6.03 -14.11
N VAL C 223 9.36 -5.42 -15.19
CA VAL C 223 9.71 -3.99 -15.18
C VAL C 223 8.46 -3.13 -14.94
N GLY C 224 7.36 -3.52 -15.59
CA GLY C 224 6.09 -2.81 -15.44
C GLY C 224 5.55 -2.91 -14.03
N LYS C 225 5.62 -4.10 -13.45
CA LYS C 225 5.15 -4.33 -12.09
C LYS C 225 5.91 -3.42 -11.13
N GLY C 226 7.23 -3.36 -11.29
CA GLY C 226 8.06 -2.50 -10.47
C GLY C 226 7.79 -1.03 -10.71
N CYS C 227 7.65 -0.62 -11.97
CA CYS C 227 7.39 0.78 -12.22
C CYS C 227 6.06 1.23 -11.67
N ALA C 228 5.02 0.41 -11.81
CA ALA C 228 3.70 0.75 -11.29
C ALA C 228 3.70 0.82 -9.77
N GLN C 229 4.27 -0.19 -9.14
CA GLN C 229 4.32 -0.25 -7.69
C GLN C 229 4.97 1.01 -7.15
N ALA C 230 6.08 1.41 -7.78
CA ALA C 230 6.84 2.59 -7.39
C ALA C 230 6.02 3.85 -7.49
N LEU C 231 5.41 4.08 -8.66
CA LEU C 231 4.58 5.27 -8.88
C LEU C 231 3.44 5.26 -7.88
N ARG C 232 2.81 4.10 -7.74
CA ARG C 232 1.68 3.91 -6.83
C ARG C 232 2.02 4.30 -5.41
N GLY C 233 3.23 3.96 -4.96
CA GLY C 233 3.60 4.30 -3.60
C GLY C 233 3.86 5.78 -3.38
N PHE C 234 3.97 6.53 -4.48
CA PHE C 234 4.23 7.95 -4.45
C PHE C 234 3.00 8.80 -4.47
N GLY C 235 1.87 8.20 -4.83
CA GLY C 235 0.62 8.93 -4.84
C GLY C 235 0.00 9.11 -6.20
N ALA C 236 0.49 8.38 -7.19
CA ALA C 236 -0.06 8.54 -8.52
C ALA C 236 -1.14 7.50 -8.87
N ARG C 237 -1.94 7.81 -9.88
CA ARG C 237 -2.98 6.90 -10.36
C ARG C 237 -2.43 6.16 -11.60
N VAL C 238 -1.89 4.96 -11.39
CA VAL C 238 -1.30 4.16 -12.47
C VAL C 238 -2.30 3.43 -13.41
N ILE C 239 -2.24 3.71 -14.71
CA ILE C 239 -3.09 3.06 -15.68
C ILE C 239 -2.12 2.20 -16.44
N ILE C 240 -2.43 0.94 -16.64
CA ILE C 240 -1.53 0.00 -17.32
C ILE C 240 -2.09 -0.35 -18.70
N THR C 241 -1.22 -0.70 -19.65
CA THR C 241 -1.68 -1.13 -20.99
C THR C 241 -1.00 -2.48 -21.19
N GLU C 242 -1.67 -3.45 -21.83
CA GLU C 242 -1.05 -4.77 -22.03
C GLU C 242 -1.58 -5.53 -23.22
N ILE C 243 -0.79 -6.45 -23.75
CA ILE C 243 -1.23 -7.28 -24.86
C ILE C 243 -1.42 -8.70 -24.36
N ASP C 244 -0.81 -9.00 -23.21
CA ASP C 244 -0.95 -10.33 -22.64
C ASP C 244 -2.11 -10.37 -21.64
N PRO C 245 -3.08 -11.29 -21.85
CA PRO C 245 -4.22 -11.37 -20.93
C PRO C 245 -3.83 -11.77 -19.52
N ILE C 246 -2.80 -12.60 -19.38
CA ILE C 246 -2.40 -13.01 -18.05
C ILE C 246 -1.84 -11.82 -17.26
N ASN C 247 -0.96 -11.04 -17.87
CA ASN C 247 -0.37 -9.89 -17.19
C ASN C 247 -1.40 -8.81 -16.94
N ALA C 248 -2.37 -8.68 -17.85
CA ALA C 248 -3.45 -7.68 -17.73
C ALA C 248 -4.34 -8.03 -16.54
N LEU C 249 -4.61 -9.32 -16.38
CA LEU C 249 -5.42 -9.81 -15.28
C LEU C 249 -4.71 -9.47 -13.94
N GLN C 250 -3.40 -9.72 -13.86
CA GLN C 250 -2.62 -9.41 -12.65
C GLN C 250 -2.72 -7.94 -12.30
N ALA C 251 -2.65 -7.07 -13.30
CA ALA C 251 -2.77 -5.64 -13.07
C ALA C 251 -4.15 -5.34 -12.50
N ALA C 252 -5.19 -5.86 -13.14
CA ALA C 252 -6.56 -5.64 -12.69
C ALA C 252 -6.78 -6.10 -11.25
N MET C 253 -6.24 -7.29 -10.94
CA MET C 253 -6.37 -7.88 -9.61
C MET C 253 -5.71 -7.03 -8.55
N GLU C 254 -4.76 -6.21 -8.96
CA GLU C 254 -4.06 -5.34 -8.05
C GLU C 254 -4.67 -3.95 -7.97
N GLY C 255 -5.76 -3.71 -8.69
CA GLY C 255 -6.39 -2.41 -8.59
C GLY C 255 -6.02 -1.35 -9.58
N TYR C 256 -5.33 -1.71 -10.67
CA TYR C 256 -4.91 -0.75 -11.69
C TYR C 256 -5.87 -0.79 -12.84
N GLU C 257 -6.21 0.37 -13.40
CA GLU C 257 -7.05 0.37 -14.57
C GLU C 257 -6.18 -0.16 -15.72
N VAL C 258 -6.76 -0.87 -16.67
CA VAL C 258 -6.00 -1.39 -17.79
C VAL C 258 -6.76 -1.02 -19.06
N THR C 259 -6.19 -0.13 -19.88
CA THR C 259 -6.83 0.22 -21.17
C THR C 259 -5.77 0.17 -22.23
N THR C 260 -6.07 0.82 -23.34
CA THR C 260 -5.20 0.88 -24.48
C THR C 260 -4.51 2.25 -24.47
N MET C 261 -3.37 2.36 -25.13
CA MET C 261 -2.69 3.66 -25.13
C MET C 261 -3.58 4.69 -25.84
N ASP C 262 -4.28 4.27 -26.91
CA ASP C 262 -5.17 5.14 -27.69
C ASP C 262 -6.12 5.89 -26.79
N GLU C 263 -6.40 5.30 -25.63
CA GLU C 263 -7.28 5.93 -24.67
C GLU C 263 -6.47 6.62 -23.58
N ALA C 264 -5.57 5.87 -22.94
CA ALA C 264 -4.76 6.38 -21.84
C ALA C 264 -3.97 7.65 -22.14
N CYS C 265 -3.57 7.81 -23.40
CA CYS C 265 -2.80 8.97 -23.81
C CYS C 265 -3.53 10.27 -23.49
N LYS C 266 -4.86 10.26 -23.60
CA LYS C 266 -5.69 11.42 -23.33
C LYS C 266 -5.77 11.74 -21.84
N GLU C 267 -5.33 10.82 -20.99
CA GLU C 267 -5.44 11.02 -19.54
C GLU C 267 -4.14 11.13 -18.75
N GLY C 268 -3.10 10.47 -19.22
CA GLY C 268 -1.85 10.51 -18.50
C GLY C 268 -1.07 11.82 -18.40
N ASN C 269 -0.41 11.96 -17.26
CA ASN C 269 0.48 13.08 -16.91
C ASN C 269 1.97 12.63 -17.04
N ILE C 270 2.22 11.35 -16.88
CA ILE C 270 3.56 10.81 -16.98
C ILE C 270 3.33 9.52 -17.75
N PHE C 271 4.20 9.19 -18.68
CA PHE C 271 4.05 7.97 -19.45
C PHE C 271 5.37 7.24 -19.36
N VAL C 272 5.33 5.96 -19.00
CA VAL C 272 6.53 5.14 -18.89
C VAL C 272 6.29 3.92 -19.76
N THR C 273 7.25 3.56 -20.60
CA THR C 273 7.10 2.40 -21.46
C THR C 273 7.95 1.29 -20.87
N THR C 274 7.48 0.05 -20.98
CA THR C 274 8.13 -1.12 -20.38
C THR C 274 8.12 -2.32 -21.32
N THR C 275 7.33 -2.18 -22.34
CA THR C 275 7.10 -3.17 -23.35
C THR C 275 8.26 -3.98 -23.88
N GLY C 276 9.24 -3.30 -24.47
CA GLY C 276 10.38 -3.97 -25.07
C GLY C 276 10.02 -4.22 -26.52
N CYS C 277 9.01 -3.49 -26.99
CA CYS C 277 8.48 -3.61 -28.35
C CYS C 277 8.33 -2.22 -28.96
N VAL C 278 8.30 -2.17 -30.28
CA VAL C 278 8.17 -0.92 -31.02
C VAL C 278 6.78 -0.27 -31.01
N ASP C 279 6.73 0.98 -31.45
CA ASP C 279 5.51 1.75 -31.59
C ASP C 279 4.54 1.76 -30.42
N ILE C 280 5.06 1.99 -29.21
CA ILE C 280 4.20 2.04 -28.05
C ILE C 280 3.54 3.41 -28.08
N ILE C 281 4.36 4.48 -28.08
CA ILE C 281 3.84 5.84 -28.11
C ILE C 281 4.11 6.51 -29.47
N LEU C 282 3.03 6.79 -30.19
CA LEU C 282 3.09 7.38 -31.51
C LEU C 282 2.62 8.83 -31.58
N GLY C 283 2.76 9.39 -32.78
CA GLY C 283 2.34 10.75 -33.00
C GLY C 283 0.90 10.93 -32.61
N ARG C 284 0.03 10.03 -33.04
CA ARG C 284 -1.41 10.15 -32.69
C ARG C 284 -1.67 10.24 -31.20
N HIS C 285 -0.70 9.76 -30.41
CA HIS C 285 -0.81 9.81 -28.96
C HIS C 285 -0.40 11.20 -28.46
N PHE C 286 0.74 11.69 -28.94
CA PHE C 286 1.27 13.01 -28.55
C PHE C 286 0.28 14.14 -28.76
N GLU C 287 -0.54 14.00 -29.80
CA GLU C 287 -1.53 15.01 -30.13
C GLU C 287 -2.64 15.04 -29.09
N GLN C 288 -2.82 13.94 -28.38
CA GLN C 288 -3.85 13.85 -27.36
C GLN C 288 -3.39 14.25 -25.96
N MET C 289 -2.12 13.99 -25.67
CA MET C 289 -1.54 14.27 -24.36
C MET C 289 -1.77 15.65 -23.76
N LYS C 290 -1.86 15.67 -22.43
CA LYS C 290 -2.07 16.92 -21.71
C LYS C 290 -0.81 17.77 -21.86
N ASP C 291 -0.97 19.07 -21.63
CA ASP C 291 0.13 20.02 -21.75
C ASP C 291 1.22 19.63 -20.77
N ASP C 292 2.44 19.50 -21.28
CA ASP C 292 3.62 19.16 -20.47
C ASP C 292 3.67 17.75 -19.90
N ALA C 293 3.07 16.79 -20.60
CA ALA C 293 3.10 15.40 -20.12
C ALA C 293 4.57 15.00 -20.12
N ILE C 294 4.99 14.17 -19.17
CA ILE C 294 6.38 13.71 -19.13
C ILE C 294 6.33 12.35 -19.76
N VAL C 295 7.15 12.11 -20.77
CA VAL C 295 7.16 10.82 -21.48
C VAL C 295 8.55 10.25 -21.39
N CYS C 296 8.67 8.99 -20.99
CA CYS C 296 9.97 8.36 -20.85
C CYS C 296 9.92 6.87 -21.06
N ASN C 297 11.08 6.23 -21.15
CA ASN C 297 11.17 4.80 -21.42
C ASN C 297 12.18 4.10 -20.48
N ILE C 298 11.90 2.87 -20.10
CA ILE C 298 12.80 2.16 -19.23
C ILE C 298 12.87 0.70 -19.67
N GLY C 299 12.28 0.43 -20.84
CA GLY C 299 12.29 -0.91 -21.40
C GLY C 299 13.42 -1.09 -22.40
N HIS C 300 13.10 -1.24 -23.69
CA HIS C 300 14.14 -1.43 -24.72
C HIS C 300 14.67 -0.11 -25.24
N PHE C 301 16.00 -0.01 -25.36
CA PHE C 301 16.67 1.19 -25.84
C PHE C 301 15.95 1.81 -27.02
N ASP C 302 15.44 3.01 -26.80
CA ASP C 302 14.73 3.81 -27.79
C ASP C 302 13.67 3.32 -28.81
N VAL C 303 13.45 2.01 -29.04
CA VAL C 303 12.44 1.58 -30.03
C VAL C 303 10.97 1.78 -29.66
N GLU C 304 10.71 2.10 -28.39
CA GLU C 304 9.36 2.26 -27.90
C GLU C 304 8.61 3.57 -28.13
N ILE C 305 9.24 4.70 -27.90
CA ILE C 305 8.56 5.99 -28.13
C ILE C 305 8.95 6.48 -29.52
N ASP C 306 8.00 7.02 -30.27
CA ASP C 306 8.28 7.54 -31.60
C ASP C 306 8.94 8.92 -31.49
N VAL C 307 10.25 8.98 -31.27
CA VAL C 307 10.92 10.27 -31.13
C VAL C 307 11.04 11.00 -32.46
N LYS C 308 11.21 10.26 -33.55
CA LYS C 308 11.31 10.89 -34.87
C LYS C 308 10.09 11.75 -35.15
N TRP C 309 8.92 11.31 -34.70
CA TRP C 309 7.71 12.10 -34.92
C TRP C 309 7.79 13.43 -34.14
N LEU C 310 8.27 13.35 -32.91
CA LEU C 310 8.39 14.52 -32.06
C LEU C 310 9.32 15.52 -32.69
N ASN C 311 10.47 15.03 -33.13
CA ASN C 311 11.49 15.84 -33.80
C ASN C 311 10.96 16.44 -35.09
N GLU C 312 10.23 15.63 -35.87
CA GLU C 312 9.68 16.01 -37.16
C GLU C 312 8.37 16.78 -37.21
N ASN C 313 7.61 16.77 -36.13
CA ASN C 313 6.33 17.48 -36.14
C ASN C 313 6.21 18.61 -35.18
N ALA C 314 7.08 18.67 -34.18
CA ALA C 314 7.02 19.73 -33.20
C ALA C 314 7.33 21.09 -33.82
N VAL C 315 6.74 22.14 -33.29
CA VAL C 315 7.01 23.49 -33.76
C VAL C 315 8.27 24.04 -33.09
N GLU C 316 8.68 23.44 -31.97
CA GLU C 316 9.87 23.87 -31.25
C GLU C 316 10.41 22.70 -30.48
N LYS C 317 11.66 22.82 -30.09
CA LYS C 317 12.34 21.83 -29.27
C LYS C 317 13.40 22.62 -28.55
N VAL C 318 13.43 22.51 -27.23
CA VAL C 318 14.44 23.20 -26.44
C VAL C 318 14.99 22.29 -25.36
N ASN C 319 16.27 22.00 -25.45
CA ASN C 319 16.93 21.14 -24.47
C ASN C 319 16.92 21.94 -23.18
N ILE C 320 16.30 21.40 -22.15
CA ILE C 320 16.21 22.06 -20.87
C ILE C 320 17.44 21.71 -19.99
N LYS C 321 17.98 20.52 -20.24
CA LYS C 321 19.15 20.02 -19.53
C LYS C 321 19.51 18.66 -20.11
N PRO C 322 20.67 18.12 -19.72
CA PRO C 322 21.04 16.82 -20.26
C PRO C 322 20.01 15.77 -19.97
N GLN C 323 19.51 15.18 -21.05
CA GLN C 323 18.48 14.15 -21.02
C GLN C 323 17.08 14.71 -20.81
N VAL C 324 16.90 16.03 -20.96
CA VAL C 324 15.59 16.64 -20.80
C VAL C 324 15.24 17.61 -21.92
N ASP C 325 14.35 17.19 -22.81
CA ASP C 325 13.87 17.99 -23.93
C ASP C 325 12.41 18.31 -23.74
N ARG C 326 12.00 19.47 -24.21
CA ARG C 326 10.62 19.86 -24.08
C ARG C 326 10.19 20.39 -25.44
N TYR C 327 9.36 19.61 -26.12
CA TYR C 327 8.85 19.96 -27.44
C TYR C 327 7.55 20.72 -27.36
N LEU C 328 7.27 21.54 -28.37
CA LEU C 328 6.02 22.31 -28.45
C LEU C 328 5.32 21.83 -29.70
N LEU C 329 4.10 21.32 -29.53
CA LEU C 329 3.36 20.79 -30.66
C LEU C 329 2.57 21.87 -31.35
N LYS C 330 2.03 21.55 -32.51
CA LYS C 330 1.23 22.55 -33.20
C LYS C 330 -0.06 22.85 -32.42
N ASN C 331 -0.51 21.90 -31.60
CA ASN C 331 -1.73 22.11 -30.83
C ASN C 331 -1.52 23.05 -29.68
N GLY C 332 -0.27 23.50 -29.51
CA GLY C 332 0.04 24.43 -28.45
C GLY C 332 0.42 23.78 -27.13
N HIS C 333 0.50 22.46 -27.12
CA HIS C 333 0.83 21.70 -25.91
C HIS C 333 2.28 21.24 -25.92
N ARG C 334 2.94 21.37 -24.78
CA ARG C 334 4.33 20.96 -24.69
C ARG C 334 4.41 19.51 -24.26
N ILE C 335 5.55 18.87 -24.52
CA ILE C 335 5.75 17.47 -24.16
C ILE C 335 7.18 17.39 -23.67
N ILE C 336 7.38 16.98 -22.43
CA ILE C 336 8.70 16.84 -21.86
C ILE C 336 9.15 15.43 -22.11
N LEU C 337 10.21 15.26 -22.89
CA LEU C 337 10.74 13.95 -23.24
C LEU C 337 12.02 13.69 -22.44
N LEU C 338 12.17 12.48 -21.92
CA LEU C 338 13.33 12.10 -21.12
C LEU C 338 14.36 11.14 -21.77
N ALA C 339 15.64 11.53 -21.67
CA ALA C 339 16.78 10.78 -22.18
C ALA C 339 16.60 10.42 -23.66
N GLU C 340 15.85 11.24 -24.37
CA GLU C 340 15.56 11.00 -25.78
C GLU C 340 15.03 9.59 -26.04
N GLY C 341 14.10 9.12 -25.22
CA GLY C 341 13.54 7.79 -25.42
C GLY C 341 14.42 6.64 -24.98
N ARG C 342 15.65 6.95 -24.61
CA ARG C 342 16.57 5.93 -24.15
C ARG C 342 16.15 5.60 -22.72
N LEU C 343 16.90 4.76 -22.01
CA LEU C 343 16.54 4.37 -20.65
C LEU C 343 16.64 5.54 -19.70
N VAL C 344 15.53 5.86 -19.05
CA VAL C 344 15.49 6.98 -18.11
C VAL C 344 16.27 6.78 -16.82
N ASN C 345 16.37 5.53 -16.33
CA ASN C 345 17.11 5.28 -15.10
C ASN C 345 18.62 5.40 -15.25
N LEU C 346 19.14 4.94 -16.39
CA LEU C 346 20.58 5.02 -16.70
C LEU C 346 20.87 6.39 -17.30
N GLY C 347 19.92 6.91 -18.07
CA GLY C 347 20.08 8.18 -18.73
C GLY C 347 19.88 9.42 -17.89
N CYS C 348 18.95 9.42 -16.94
CA CYS C 348 18.70 10.59 -16.09
C CYS C 348 19.05 10.32 -14.63
N ALA C 349 19.55 9.12 -14.33
CA ALA C 349 19.93 8.74 -12.97
C ALA C 349 21.13 7.83 -13.04
N MET C 350 21.30 7.02 -12.02
CA MET C 350 22.46 6.15 -11.98
C MET C 350 22.18 4.68 -12.25
N GLY C 351 20.98 4.38 -12.74
CA GLY C 351 20.66 2.99 -12.98
C GLY C 351 20.42 2.31 -11.65
N HIS C 352 20.53 0.97 -11.62
CA HIS C 352 20.28 0.18 -10.41
C HIS C 352 21.25 0.22 -9.24
N PRO C 353 20.74 0.07 -8.01
CA PRO C 353 21.59 0.08 -6.82
C PRO C 353 22.52 -1.14 -6.78
N SER C 354 23.64 -0.98 -6.09
CA SER C 354 24.66 -2.03 -5.96
C SER C 354 24.10 -3.36 -5.53
N PHE C 355 23.16 -3.35 -4.57
CA PHE C 355 22.52 -4.58 -4.07
C PHE C 355 21.84 -5.38 -5.17
N VAL C 356 21.32 -4.70 -6.18
CA VAL C 356 20.68 -5.43 -7.26
C VAL C 356 21.73 -6.02 -8.17
N MET C 357 22.86 -5.33 -8.29
CA MET C 357 23.98 -5.81 -9.13
C MET C 357 24.61 -6.99 -8.43
N SER C 358 24.65 -6.92 -7.12
CA SER C 358 25.19 -7.98 -6.30
C SER C 358 24.49 -9.30 -6.66
N ASN C 359 23.18 -9.24 -6.88
CA ASN C 359 22.40 -10.44 -7.22
C ASN C 359 22.70 -10.92 -8.63
N SER C 360 22.74 -10.01 -9.59
CA SER C 360 23.03 -10.37 -10.98
C SER C 360 24.45 -10.88 -11.15
N PHE C 361 25.40 -10.16 -10.57
CA PHE C 361 26.79 -10.57 -10.66
C PHE C 361 27.09 -11.81 -9.85
N THR C 362 26.49 -11.97 -8.67
CA THR C 362 26.73 -13.19 -7.91
C THR C 362 26.25 -14.37 -8.76
N ASN C 363 25.27 -14.14 -9.63
CA ASN C 363 24.78 -15.20 -10.50
C ASN C 363 25.89 -15.58 -11.47
N GLN C 364 26.61 -14.58 -11.99
CA GLN C 364 27.77 -14.79 -12.88
C GLN C 364 28.82 -15.68 -12.19
N VAL C 365 29.24 -15.28 -10.99
CA VAL C 365 30.22 -16.07 -10.22
C VAL C 365 29.74 -17.50 -10.03
N MET C 366 28.46 -17.68 -9.73
CA MET C 366 27.90 -19.03 -9.53
C MET C 366 27.99 -19.86 -10.80
N ALA C 367 27.81 -19.25 -11.96
CA ALA C 367 27.86 -19.98 -13.22
C ALA C 367 29.29 -20.39 -13.50
N GLN C 368 30.17 -19.41 -13.40
CA GLN C 368 31.61 -19.56 -13.64
C GLN C 368 32.20 -20.70 -12.80
N ILE C 369 31.90 -20.70 -11.50
CA ILE C 369 32.38 -21.75 -10.59
C ILE C 369 31.84 -23.12 -10.98
N GLU C 370 30.57 -23.19 -11.40
CA GLU C 370 29.92 -24.45 -11.78
C GLU C 370 30.43 -25.04 -13.11
N LEU C 371 30.45 -24.23 -14.17
CA LEU C 371 30.92 -24.67 -15.47
C LEU C 371 32.35 -25.19 -15.34
N TRP C 372 33.22 -24.29 -14.88
CA TRP C 372 34.64 -24.60 -14.69
C TRP C 372 34.86 -25.83 -13.84
N THR C 373 34.28 -25.85 -12.65
CA THR C 373 34.44 -26.97 -11.74
C THR C 373 33.70 -28.21 -12.21
N HIS C 374 32.92 -28.09 -13.29
CA HIS C 374 32.19 -29.25 -13.82
C HIS C 374 32.46 -29.48 -15.29
N PRO C 375 33.66 -30.01 -15.59
CA PRO C 375 34.22 -30.34 -16.90
C PRO C 375 33.30 -31.01 -17.93
N ASP C 376 32.64 -32.09 -17.54
CA ASP C 376 31.82 -32.80 -18.50
C ASP C 376 30.32 -32.96 -18.22
N LYS C 377 29.78 -32.26 -17.22
CA LYS C 377 28.35 -32.47 -16.97
C LYS C 377 27.42 -31.60 -17.79
N TYR C 378 27.93 -30.55 -18.42
CA TYR C 378 27.08 -29.70 -19.23
C TYR C 378 27.36 -29.81 -20.72
N PRO C 379 26.39 -30.34 -21.48
CA PRO C 379 26.50 -30.49 -22.93
C PRO C 379 26.48 -29.12 -23.58
N VAL C 380 26.86 -29.06 -24.85
CA VAL C 380 26.85 -27.81 -25.59
C VAL C 380 25.40 -27.36 -25.57
N GLY C 381 25.18 -26.05 -25.47
CA GLY C 381 23.83 -25.55 -25.45
C GLY C 381 23.59 -24.64 -24.27
N VAL C 382 22.55 -23.82 -24.37
CA VAL C 382 22.18 -22.87 -23.32
C VAL C 382 21.29 -23.49 -22.23
N HIS C 383 21.88 -23.72 -21.06
CA HIS C 383 21.23 -24.34 -19.89
C HIS C 383 20.89 -23.27 -18.88
N PHE C 384 19.97 -23.57 -17.96
CA PHE C 384 19.61 -22.60 -16.93
C PHE C 384 20.47 -22.92 -15.71
N LEU C 385 20.71 -21.91 -14.88
CA LEU C 385 21.48 -22.11 -13.64
C LEU C 385 20.72 -23.04 -12.71
N PRO C 386 21.34 -24.13 -12.27
CA PRO C 386 20.61 -25.03 -11.37
C PRO C 386 20.08 -24.30 -10.15
N LYS C 387 18.79 -24.46 -9.91
CA LYS C 387 18.08 -23.84 -8.80
C LYS C 387 18.82 -23.81 -7.47
N LYS C 388 19.46 -24.91 -7.08
CA LYS C 388 20.13 -24.89 -5.79
C LYS C 388 21.15 -23.77 -5.73
N LEU C 389 21.68 -23.41 -6.89
CA LEU C 389 22.65 -22.32 -7.00
C LEU C 389 21.90 -21.00 -6.96
N ASP C 390 20.70 -21.00 -7.51
CA ASP C 390 19.85 -19.82 -7.52
C ASP C 390 19.43 -19.54 -6.07
N GLU C 391 19.10 -20.59 -5.34
CA GLU C 391 18.70 -20.45 -3.95
C GLU C 391 19.88 -19.92 -3.19
N ALA C 392 21.08 -20.35 -3.58
CA ALA C 392 22.34 -19.95 -2.95
C ALA C 392 22.63 -18.46 -3.03
N VAL C 393 22.45 -17.88 -4.21
CA VAL C 393 22.71 -16.46 -4.33
C VAL C 393 21.69 -15.69 -3.49
N ALA C 394 20.47 -16.21 -3.40
CA ALA C 394 19.46 -15.55 -2.58
C ALA C 394 19.98 -15.57 -1.14
N GLU C 395 20.38 -16.76 -0.68
CA GLU C 395 20.90 -16.91 0.67
C GLU C 395 22.14 -16.08 0.98
N ALA C 396 22.91 -15.71 -0.03
CA ALA C 396 24.09 -14.89 0.20
C ALA C 396 23.69 -13.47 0.60
N HIS C 397 22.45 -13.09 0.31
CA HIS C 397 21.97 -11.73 0.65
C HIS C 397 21.19 -11.60 1.94
N LEU C 398 20.62 -12.71 2.41
CA LEU C 398 19.90 -12.70 3.69
C LEU C 398 21.08 -12.45 4.61
N GLY C 399 20.87 -11.83 5.75
CA GLY C 399 22.05 -11.59 6.58
C GLY C 399 22.28 -10.10 6.47
N LYS C 400 22.66 -9.64 5.29
CA LYS C 400 22.81 -8.22 5.08
C LYS C 400 21.41 -7.70 5.44
N LEU C 401 20.40 -8.41 4.96
CA LEU C 401 18.99 -8.09 5.20
C LEU C 401 18.54 -8.51 6.60
N ASN C 402 19.42 -9.20 7.32
CA ASN C 402 19.11 -9.70 8.65
C ASN C 402 17.81 -10.48 8.65
N VAL C 403 17.79 -11.48 7.79
CA VAL C 403 16.67 -12.38 7.64
C VAL C 403 17.14 -13.64 8.35
N LYS C 404 16.24 -14.37 8.98
CA LYS C 404 16.60 -15.61 9.63
C LYS C 404 15.84 -16.74 8.97
N LEU C 405 16.54 -17.45 8.11
CA LEU C 405 15.96 -18.58 7.41
C LEU C 405 15.76 -19.67 8.47
N THR C 406 14.67 -20.40 8.40
CA THR C 406 14.42 -21.43 9.37
C THR C 406 14.78 -22.72 8.62
N LYS C 407 15.40 -23.65 9.32
CA LYS C 407 15.86 -24.91 8.73
C LYS C 407 14.85 -26.05 8.83
N LEU C 408 14.63 -26.73 7.73
CA LEU C 408 13.71 -27.85 7.69
C LEU C 408 14.29 -28.96 8.58
N THR C 409 13.48 -29.58 9.43
CA THR C 409 14.02 -30.66 10.26
C THR C 409 14.02 -31.95 9.45
N GLU C 410 14.81 -32.94 9.87
CA GLU C 410 14.85 -34.21 9.14
C GLU C 410 13.45 -34.77 8.92
N LYS C 411 12.60 -34.64 9.94
CA LYS C 411 11.23 -35.10 9.83
C LYS C 411 10.45 -34.31 8.77
N GLN C 412 10.49 -32.98 8.81
CA GLN C 412 9.78 -32.17 7.80
C GLN C 412 10.35 -32.41 6.39
N ALA C 413 11.65 -32.60 6.32
CA ALA C 413 12.34 -32.82 5.07
C ALA C 413 11.75 -34.03 4.38
N GLN C 414 11.75 -35.14 5.10
CA GLN C 414 11.21 -36.38 4.56
C GLN C 414 9.73 -36.23 4.25
N TYR C 415 9.02 -35.52 5.11
CA TYR C 415 7.58 -35.31 4.92
C TYR C 415 7.33 -34.61 3.60
N LEU C 416 8.08 -33.53 3.36
CA LEU C 416 7.97 -32.76 2.12
C LEU C 416 8.70 -33.48 0.98
N GLY C 417 9.49 -34.48 1.33
CA GLY C 417 10.24 -35.22 0.34
C GLY C 417 11.25 -34.33 -0.36
N MET C 418 11.95 -33.52 0.44
CA MET C 418 12.97 -32.63 -0.10
C MET C 418 14.14 -32.56 0.86
N PRO C 419 15.34 -32.30 0.33
CA PRO C 419 16.52 -32.21 1.19
C PRO C 419 16.45 -31.00 2.13
N ILE C 420 17.13 -31.10 3.28
CA ILE C 420 17.16 -30.02 4.25
C ILE C 420 17.67 -28.72 3.61
N ASN C 421 18.53 -28.86 2.60
CA ASN C 421 19.05 -27.69 1.90
C ASN C 421 19.03 -27.81 0.39
N GLY C 422 18.55 -28.95 -0.09
CA GLY C 422 18.48 -29.18 -1.52
C GLY C 422 17.38 -28.30 -2.04
N PRO C 423 17.18 -28.25 -3.37
CA PRO C 423 16.12 -27.41 -3.94
C PRO C 423 14.79 -27.60 -3.21
N PHE C 424 14.14 -26.48 -2.95
CA PHE C 424 12.90 -26.47 -2.25
C PHE C 424 11.67 -26.41 -3.12
N LYS C 425 11.87 -26.07 -4.39
CA LYS C 425 10.74 -25.96 -5.30
C LYS C 425 11.08 -26.65 -6.60
N PRO C 426 10.07 -27.12 -7.33
CA PRO C 426 10.28 -27.80 -8.60
C PRO C 426 10.67 -26.78 -9.65
N ASP C 427 11.22 -27.27 -10.74
CA ASP C 427 11.67 -26.42 -11.84
C ASP C 427 10.60 -25.54 -12.47
N HIS C 428 9.32 -25.86 -12.30
CA HIS C 428 8.24 -25.05 -12.90
C HIS C 428 7.68 -24.01 -11.92
N TYR C 429 8.19 -23.98 -10.71
CA TYR C 429 7.69 -23.04 -9.74
C TYR C 429 7.98 -21.60 -10.15
N ARG C 430 6.93 -20.82 -10.34
CA ARG C 430 7.04 -19.39 -10.65
C ARG C 430 7.01 -18.88 -9.22
N TYR C 431 7.85 -17.93 -8.84
CA TYR C 431 7.76 -17.52 -7.45
C TYR C 431 6.70 -16.45 -7.28
N LEU D 4 -30.49 -46.14 -11.46
CA LEU D 4 -30.83 -44.78 -11.07
C LEU D 4 -30.35 -43.70 -12.03
N PRO D 5 -31.09 -42.59 -12.10
CA PRO D 5 -30.77 -41.45 -12.97
C PRO D 5 -29.89 -40.44 -12.22
N TYR D 6 -29.99 -40.47 -10.90
CA TYR D 6 -29.24 -39.57 -10.08
C TYR D 6 -29.48 -39.98 -8.65
N LYS D 7 -28.85 -39.29 -7.72
CA LYS D 7 -29.03 -39.58 -6.31
C LYS D 7 -28.57 -38.36 -5.53
N VAL D 8 -29.54 -37.51 -5.20
CA VAL D 8 -29.28 -36.29 -4.46
C VAL D 8 -30.03 -36.43 -3.14
N ALA D 9 -29.49 -35.84 -2.08
CA ALA D 9 -30.14 -35.91 -0.77
C ALA D 9 -31.59 -35.40 -0.80
N ASP D 10 -31.86 -34.43 -1.68
CA ASP D 10 -33.20 -33.86 -1.78
C ASP D 10 -33.31 -33.01 -3.05
N ILE D 11 -34.14 -33.48 -3.98
CA ILE D 11 -34.33 -32.75 -5.23
C ILE D 11 -35.34 -31.60 -5.09
N GLY D 12 -35.78 -31.37 -3.85
CA GLY D 12 -36.73 -30.31 -3.58
C GLY D 12 -36.08 -28.94 -3.56
N LEU D 13 -34.78 -28.91 -3.31
CA LEU D 13 -34.04 -27.66 -3.25
C LEU D 13 -33.69 -27.16 -4.65
N ALA D 14 -34.02 -27.95 -5.65
CA ALA D 14 -33.74 -27.63 -7.04
C ALA D 14 -34.04 -26.19 -7.47
N ALA D 15 -35.30 -25.77 -7.33
CA ALA D 15 -35.70 -24.42 -7.72
C ALA D 15 -34.92 -23.35 -6.97
N TRP D 16 -34.39 -23.72 -5.81
CA TRP D 16 -33.60 -22.82 -4.99
C TRP D 16 -32.14 -22.87 -5.47
N GLY D 17 -31.73 -24.06 -5.91
CA GLY D 17 -30.38 -24.23 -6.40
C GLY D 17 -30.21 -23.35 -7.62
N ARG D 18 -31.17 -23.44 -8.53
CA ARG D 18 -31.13 -22.64 -9.74
C ARG D 18 -30.94 -21.19 -9.37
N LYS D 19 -31.68 -20.72 -8.37
CA LYS D 19 -31.56 -19.32 -7.94
C LYS D 19 -30.10 -19.02 -7.65
N ALA D 20 -29.48 -19.85 -6.82
CA ALA D 20 -28.08 -19.68 -6.48
C ALA D 20 -27.23 -19.63 -7.75
N LEU D 21 -27.45 -20.60 -8.62
CA LEU D 21 -26.70 -20.69 -9.87
C LEU D 21 -26.79 -19.42 -10.73
N ASP D 22 -28.01 -18.93 -10.93
CA ASP D 22 -28.21 -17.75 -11.75
C ASP D 22 -27.53 -16.51 -11.20
N ILE D 23 -27.14 -16.56 -9.93
CA ILE D 23 -26.45 -15.44 -9.31
C ILE D 23 -24.94 -15.60 -9.46
N ALA D 24 -24.45 -16.82 -9.20
CA ALA D 24 -23.03 -17.16 -9.30
C ALA D 24 -22.50 -17.00 -10.72
N GLU D 25 -23.35 -17.26 -11.71
CA GLU D 25 -22.96 -17.15 -13.11
C GLU D 25 -22.32 -15.79 -13.41
N ASN D 26 -22.90 -14.72 -12.86
CA ASN D 26 -22.39 -13.37 -13.06
C ASN D 26 -20.96 -13.20 -12.61
N GLU D 27 -20.59 -13.98 -11.60
CA GLU D 27 -19.24 -13.94 -11.08
C GLU D 27 -18.39 -15.03 -11.65
N MET D 28 -18.89 -15.77 -12.63
CA MET D 28 -18.12 -16.84 -13.23
C MET D 28 -18.12 -16.65 -14.73
N PRO D 29 -17.64 -15.46 -15.19
CA PRO D 29 -17.58 -15.08 -16.61
C PRO D 29 -16.78 -16.06 -17.45
N GLY D 30 -15.86 -16.76 -16.81
CA GLY D 30 -15.05 -17.73 -17.52
C GLY D 30 -15.94 -18.80 -18.08
N LEU D 31 -16.87 -19.26 -17.26
CA LEU D 31 -17.78 -20.33 -17.68
C LEU D 31 -18.79 -19.81 -18.67
N MET D 32 -19.15 -18.55 -18.49
CA MET D 32 -20.12 -17.91 -19.36
C MET D 32 -19.56 -17.62 -20.75
N ARG D 33 -18.26 -17.35 -20.86
CA ARG D 33 -17.65 -17.07 -22.15
C ARG D 33 -17.44 -18.36 -22.91
N MET D 34 -17.10 -19.43 -22.20
CA MET D 34 -16.90 -20.70 -22.88
C MET D 34 -18.20 -21.06 -23.61
N ARG D 35 -19.32 -20.78 -22.96
CA ARG D 35 -20.63 -21.07 -23.53
C ARG D 35 -20.89 -20.18 -24.72
N GLU D 36 -20.94 -18.87 -24.53
CA GLU D 36 -21.20 -17.98 -25.66
C GLU D 36 -20.19 -18.18 -26.77
N MET D 37 -19.10 -18.84 -26.44
CA MET D 37 -18.04 -19.09 -27.39
C MET D 37 -18.09 -20.45 -28.04
N TYR D 38 -18.58 -21.46 -27.32
CA TYR D 38 -18.61 -22.82 -27.84
C TYR D 38 -19.91 -23.63 -27.77
N SER D 39 -20.97 -23.04 -27.21
CA SER D 39 -22.25 -23.73 -27.08
C SER D 39 -22.90 -24.04 -28.43
N ALA D 40 -22.72 -23.15 -29.39
CA ALA D 40 -23.27 -23.38 -30.72
C ALA D 40 -22.43 -24.46 -31.42
N SER D 41 -21.11 -24.28 -31.41
CA SER D 41 -20.18 -25.19 -32.06
C SER D 41 -20.03 -26.57 -31.40
N LYS D 42 -20.45 -26.68 -30.14
CA LYS D 42 -20.37 -27.94 -29.40
C LYS D 42 -19.05 -28.67 -29.58
N PRO D 43 -17.94 -28.09 -29.08
CA PRO D 43 -16.64 -28.78 -29.24
C PRO D 43 -16.53 -30.12 -28.50
N LEU D 44 -17.29 -30.26 -27.41
CA LEU D 44 -17.27 -31.48 -26.60
C LEU D 44 -18.27 -32.52 -27.06
N LYS D 45 -18.82 -32.27 -28.25
CA LYS D 45 -19.80 -33.16 -28.86
C LYS D 45 -19.27 -34.58 -28.96
N GLY D 46 -19.91 -35.49 -28.23
CA GLY D 46 -19.51 -36.88 -28.26
C GLY D 46 -18.82 -37.36 -27.00
N ALA D 47 -18.25 -36.43 -26.25
CA ALA D 47 -17.56 -36.80 -25.03
C ALA D 47 -18.55 -37.24 -23.96
N ARG D 48 -18.12 -38.23 -23.19
CA ARG D 48 -18.90 -38.76 -22.08
C ARG D 48 -18.01 -38.56 -20.86
N ILE D 49 -18.17 -37.38 -20.25
CA ILE D 49 -17.37 -36.97 -19.09
C ILE D 49 -17.86 -37.44 -17.72
N ALA D 50 -16.97 -38.14 -17.02
CA ALA D 50 -17.25 -38.58 -15.67
C ALA D 50 -16.49 -37.54 -14.85
N GLY D 51 -17.18 -36.88 -13.95
CA GLY D 51 -16.53 -35.87 -13.14
C GLY D 51 -16.71 -36.19 -11.68
N CYS D 52 -15.64 -35.95 -10.93
CA CYS D 52 -15.57 -36.17 -9.50
C CYS D 52 -15.03 -34.86 -8.97
N LEU D 53 -15.93 -34.02 -8.47
CA LEU D 53 -15.54 -32.71 -7.97
C LEU D 53 -16.62 -32.20 -7.05
N HIS D 54 -16.21 -31.57 -5.94
CA HIS D 54 -17.14 -31.03 -4.94
C HIS D 54 -18.37 -30.47 -5.61
N MET D 55 -19.53 -31.05 -5.31
CA MET D 55 -20.76 -30.58 -5.94
C MET D 55 -21.26 -29.30 -5.28
N THR D 56 -20.88 -28.17 -5.84
CA THR D 56 -21.25 -26.87 -5.32
C THR D 56 -21.95 -26.03 -6.38
N VAL D 57 -22.39 -24.84 -5.98
CA VAL D 57 -23.03 -23.90 -6.88
C VAL D 57 -22.06 -23.63 -8.05
N GLU D 58 -20.84 -23.25 -7.69
CA GLU D 58 -19.80 -22.98 -8.67
C GLU D 58 -19.52 -24.18 -9.57
N THR D 59 -19.55 -25.37 -9.00
CA THR D 59 -19.29 -26.57 -9.78
C THR D 59 -20.43 -26.89 -10.70
N ALA D 60 -21.63 -26.50 -10.29
CA ALA D 60 -22.83 -26.73 -11.09
C ALA D 60 -22.70 -25.92 -12.35
N VAL D 61 -22.31 -24.65 -12.20
CA VAL D 61 -22.14 -23.76 -13.35
C VAL D 61 -21.18 -24.44 -14.32
N LEU D 62 -20.08 -24.97 -13.77
CA LEU D 62 -19.14 -25.67 -14.62
C LEU D 62 -19.87 -26.77 -15.38
N ILE D 63 -20.55 -27.65 -14.66
CA ILE D 63 -21.25 -28.78 -15.28
C ILE D 63 -22.15 -28.38 -16.44
N GLU D 64 -22.96 -27.35 -16.24
CA GLU D 64 -23.84 -26.91 -17.32
C GLU D 64 -23.06 -26.38 -18.51
N THR D 65 -21.84 -25.91 -18.27
CA THR D 65 -20.97 -25.42 -19.32
C THR D 65 -20.47 -26.60 -20.18
N LEU D 66 -19.97 -27.64 -19.53
CA LEU D 66 -19.51 -28.82 -20.24
C LEU D 66 -20.69 -29.36 -21.03
N VAL D 67 -21.86 -29.33 -20.41
CA VAL D 67 -23.13 -29.81 -21.00
C VAL D 67 -23.53 -29.00 -22.23
N ALA D 68 -23.43 -27.68 -22.10
CA ALA D 68 -23.78 -26.74 -23.16
C ALA D 68 -22.84 -26.86 -24.35
N LEU D 69 -21.72 -27.53 -24.16
CA LEU D 69 -20.72 -27.68 -25.22
C LEU D 69 -20.80 -29.02 -25.93
N GLY D 70 -21.91 -29.73 -25.74
CA GLY D 70 -22.07 -31.03 -26.39
C GLY D 70 -21.56 -32.25 -25.65
N ALA D 71 -21.20 -32.07 -24.38
CA ALA D 71 -20.70 -33.17 -23.57
C ALA D 71 -21.78 -33.90 -22.80
N GLU D 72 -21.54 -35.18 -22.56
CA GLU D 72 -22.46 -36.02 -21.81
C GLU D 72 -21.76 -36.09 -20.45
N VAL D 73 -22.48 -35.83 -19.38
CA VAL D 73 -21.84 -35.82 -18.06
C VAL D 73 -22.56 -36.56 -16.95
N ARG D 74 -21.77 -37.15 -16.06
CA ARG D 74 -22.24 -37.85 -14.88
C ARG D 74 -21.33 -37.25 -13.82
N TRP D 75 -21.85 -36.99 -12.63
CA TRP D 75 -21.03 -36.34 -11.62
C TRP D 75 -21.25 -36.90 -10.22
N SER D 76 -20.26 -36.64 -9.38
CA SER D 76 -20.24 -37.01 -7.95
C SER D 76 -19.28 -36.00 -7.30
N SER D 77 -19.23 -36.00 -5.98
CA SER D 77 -18.34 -35.07 -5.28
C SER D 77 -16.93 -35.68 -5.23
N CYS D 78 -16.05 -35.09 -4.44
CA CYS D 78 -14.68 -35.59 -4.28
C CYS D 78 -14.35 -35.37 -2.80
N ASN D 79 -15.44 -35.24 -2.04
CA ASN D 79 -15.41 -35.03 -0.60
C ASN D 79 -16.84 -35.35 -0.15
N ILE D 80 -16.98 -35.98 1.02
CA ILE D 80 -18.30 -36.35 1.53
C ILE D 80 -19.20 -35.23 2.04
N PHE D 81 -18.59 -34.12 2.47
CA PHE D 81 -19.36 -32.98 3.00
C PHE D 81 -19.50 -31.80 2.03
N SER D 82 -18.42 -31.50 1.30
CA SER D 82 -18.35 -30.39 0.33
C SER D 82 -19.60 -30.05 -0.49
N THR D 83 -20.29 -31.10 -0.94
CA THR D 83 -21.48 -30.99 -1.77
C THR D 83 -22.68 -30.21 -1.21
N GLN D 84 -23.00 -29.08 -1.85
CA GLN D 84 -24.15 -28.26 -1.44
C GLN D 84 -25.36 -28.90 -2.08
N ASP D 85 -26.25 -29.42 -1.25
CA ASP D 85 -27.45 -30.13 -1.70
C ASP D 85 -28.43 -29.46 -2.67
N HIS D 86 -28.67 -28.16 -2.50
CA HIS D 86 -29.57 -27.44 -3.42
C HIS D 86 -28.91 -27.31 -4.78
N ALA D 87 -27.57 -27.29 -4.79
CA ALA D 87 -26.83 -27.18 -6.03
C ALA D 87 -26.95 -28.53 -6.71
N ALA D 88 -26.71 -29.58 -5.94
CA ALA D 88 -26.81 -30.96 -6.43
C ALA D 88 -28.21 -31.21 -6.98
N ALA D 89 -29.21 -30.80 -6.23
CA ALA D 89 -30.63 -30.94 -6.60
C ALA D 89 -30.98 -30.32 -7.96
N ALA D 90 -30.54 -29.09 -8.19
CA ALA D 90 -30.80 -28.38 -9.45
C ALA D 90 -30.19 -29.07 -10.68
N ILE D 91 -28.98 -29.59 -10.52
CA ILE D 91 -28.30 -30.29 -11.60
C ILE D 91 -29.10 -31.54 -11.95
N ALA D 92 -29.47 -32.31 -10.91
CA ALA D 92 -30.27 -33.51 -11.07
C ALA D 92 -31.61 -33.10 -11.71
N LYS D 93 -32.17 -32.00 -11.22
CA LYS D 93 -33.45 -31.47 -11.72
C LYS D 93 -33.38 -31.06 -13.19
N ALA D 94 -32.19 -30.72 -13.67
CA ALA D 94 -32.03 -30.33 -15.07
C ALA D 94 -31.77 -31.57 -15.97
N GLY D 95 -31.78 -32.74 -15.34
CA GLY D 95 -31.58 -33.97 -16.07
C GLY D 95 -30.16 -34.48 -16.13
N ILE D 96 -29.31 -33.96 -15.25
CA ILE D 96 -27.93 -34.40 -15.24
C ILE D 96 -27.76 -35.39 -14.09
N PRO D 97 -27.18 -36.56 -14.39
CA PRO D 97 -26.93 -37.65 -13.44
C PRO D 97 -25.92 -37.32 -12.32
N VAL D 98 -26.36 -36.66 -11.25
CA VAL D 98 -25.45 -36.38 -10.14
C VAL D 98 -25.69 -37.30 -8.98
N PHE D 99 -24.62 -37.91 -8.49
CA PHE D 99 -24.70 -38.83 -7.37
C PHE D 99 -23.95 -38.22 -6.21
N ALA D 100 -24.59 -37.26 -5.54
CA ALA D 100 -23.94 -36.60 -4.43
C ALA D 100 -24.88 -35.91 -3.44
N TRP D 101 -24.48 -35.96 -2.17
CA TRP D 101 -25.23 -35.33 -1.08
C TRP D 101 -24.26 -35.06 0.08
N LYS D 102 -24.54 -34.03 0.86
CA LYS D 102 -23.68 -33.69 1.99
C LYS D 102 -23.78 -34.70 3.11
N GLY D 103 -22.63 -35.15 3.61
CA GLY D 103 -22.59 -36.11 4.70
C GLY D 103 -22.70 -37.56 4.28
N GLU D 104 -22.04 -37.94 3.20
CA GLU D 104 -22.08 -39.33 2.74
C GLU D 104 -21.13 -40.20 3.57
N THR D 105 -21.48 -41.47 3.68
CA THR D 105 -20.62 -42.38 4.41
C THR D 105 -19.53 -42.75 3.41
N ASP D 106 -18.35 -43.06 3.92
CA ASP D 106 -17.22 -43.44 3.07
C ASP D 106 -17.64 -44.49 2.04
N GLU D 107 -18.60 -45.32 2.42
CA GLU D 107 -19.10 -46.38 1.56
C GLU D 107 -19.94 -45.86 0.39
N GLU D 108 -20.83 -44.90 0.67
CA GLU D 108 -21.69 -44.33 -0.37
C GLU D 108 -20.87 -43.52 -1.36
N TYR D 109 -19.73 -43.01 -0.90
CA TYR D 109 -18.84 -42.21 -1.74
C TYR D 109 -18.34 -43.04 -2.91
N LEU D 110 -17.72 -44.18 -2.62
CA LEU D 110 -17.18 -45.07 -3.64
C LEU D 110 -18.30 -45.41 -4.62
N TRP D 111 -19.49 -45.69 -4.10
CA TRP D 111 -20.65 -46.03 -4.91
C TRP D 111 -21.01 -44.87 -5.86
N CYS D 112 -21.10 -43.66 -5.32
CA CYS D 112 -21.42 -42.46 -6.10
C CYS D 112 -20.48 -42.32 -7.28
N ILE D 113 -19.19 -42.55 -7.04
CA ILE D 113 -18.20 -42.49 -8.11
C ILE D 113 -18.56 -43.52 -9.19
N GLU D 114 -18.74 -44.77 -8.76
CA GLU D 114 -19.09 -45.88 -9.66
C GLU D 114 -20.19 -45.52 -10.66
N GLN D 115 -21.18 -44.79 -10.18
CA GLN D 115 -22.30 -44.39 -11.00
C GLN D 115 -21.93 -43.55 -12.23
N THR D 116 -20.97 -42.66 -12.07
CA THR D 116 -20.54 -41.78 -13.15
C THR D 116 -19.76 -42.48 -14.27
N LEU D 117 -19.49 -43.77 -14.10
CA LEU D 117 -18.70 -44.52 -15.07
C LEU D 117 -19.38 -45.02 -16.33
N HIS D 118 -20.72 -45.11 -16.32
CA HIS D 118 -21.43 -45.63 -17.48
C HIS D 118 -22.59 -44.80 -18.01
N PHE D 119 -22.62 -44.62 -19.32
CA PHE D 119 -23.64 -43.82 -20.01
C PHE D 119 -24.52 -44.72 -20.89
N LYS D 120 -25.67 -44.20 -21.30
CA LYS D 120 -26.63 -44.93 -22.14
C LYS D 120 -26.01 -45.49 -23.42
N ASP D 121 -25.12 -44.73 -24.02
CA ASP D 121 -24.44 -45.12 -25.25
C ASP D 121 -23.13 -45.87 -24.99
N GLY D 122 -22.71 -45.92 -23.73
CA GLY D 122 -21.48 -46.59 -23.38
C GLY D 122 -20.79 -46.01 -22.16
N PRO D 123 -19.59 -46.52 -21.79
CA PRO D 123 -18.83 -46.05 -20.63
C PRO D 123 -18.16 -44.71 -20.89
N LEU D 124 -17.59 -44.13 -19.82
CA LEU D 124 -16.92 -42.84 -19.92
C LEU D 124 -15.68 -42.87 -20.82
N ASN D 125 -15.47 -41.79 -21.58
CA ASN D 125 -14.31 -41.69 -22.45
C ASN D 125 -13.50 -40.45 -22.09
N MET D 126 -13.79 -39.88 -20.92
CA MET D 126 -13.09 -38.68 -20.48
C MET D 126 -13.22 -38.53 -18.98
N ILE D 127 -12.16 -38.06 -18.34
CA ILE D 127 -12.15 -37.87 -16.90
C ILE D 127 -11.87 -36.43 -16.53
N LEU D 128 -12.66 -35.91 -15.60
CA LEU D 128 -12.49 -34.56 -15.09
C LEU D 128 -12.39 -34.88 -13.61
N ASP D 129 -11.17 -34.82 -13.08
CA ASP D 129 -10.95 -35.19 -11.70
C ASP D 129 -10.38 -34.09 -10.82
N ASP D 130 -10.73 -34.18 -9.54
CA ASP D 130 -10.25 -33.24 -8.54
C ASP D 130 -9.81 -34.10 -7.35
N GLY D 131 -8.53 -34.48 -7.33
CA GLY D 131 -8.03 -35.29 -6.23
C GLY D 131 -7.41 -36.63 -6.62
N GLY D 132 -7.79 -37.16 -7.78
CA GLY D 132 -7.23 -38.43 -8.20
C GLY D 132 -8.16 -39.62 -8.04
N ASP D 133 -9.14 -39.51 -7.13
CA ASP D 133 -10.10 -40.59 -6.88
C ASP D 133 -10.67 -41.26 -8.11
N LEU D 134 -11.27 -40.49 -8.99
CA LEU D 134 -11.85 -41.03 -10.21
C LEU D 134 -10.78 -41.79 -10.99
N THR D 135 -9.65 -41.13 -11.25
CA THR D 135 -8.55 -41.71 -12.00
C THR D 135 -7.91 -42.91 -11.32
N ASN D 136 -7.95 -42.95 -10.00
CA ASN D 136 -7.38 -44.08 -9.27
C ASN D 136 -8.37 -45.23 -9.35
N LEU D 137 -9.65 -44.92 -9.15
CA LEU D 137 -10.71 -45.91 -9.19
C LEU D 137 -10.75 -46.58 -10.56
N ILE D 138 -10.73 -45.77 -11.62
CA ILE D 138 -10.74 -46.32 -12.96
C ILE D 138 -9.54 -47.23 -13.20
N HIS D 139 -8.38 -46.83 -12.71
CA HIS D 139 -7.18 -47.62 -12.91
C HIS D 139 -7.16 -48.91 -12.12
N THR D 140 -7.33 -48.79 -10.82
CA THR D 140 -7.32 -49.95 -9.94
C THR D 140 -8.53 -50.89 -10.08
N LYS D 141 -9.72 -50.31 -10.20
CA LYS D 141 -10.95 -51.11 -10.28
C LYS D 141 -11.66 -51.19 -11.61
N HIS D 142 -11.18 -50.51 -12.63
CA HIS D 142 -11.88 -50.57 -13.93
C HIS D 142 -10.98 -50.42 -15.15
N PRO D 143 -9.85 -51.14 -15.16
CA PRO D 143 -8.90 -51.09 -16.28
C PRO D 143 -9.50 -51.41 -17.63
N GLN D 144 -10.64 -52.12 -17.64
CA GLN D 144 -11.30 -52.48 -18.88
C GLN D 144 -11.66 -51.20 -19.61
N LEU D 145 -11.96 -50.18 -18.82
CA LEU D 145 -12.36 -48.88 -19.34
C LEU D 145 -11.20 -47.99 -19.80
N LEU D 146 -10.02 -48.22 -19.23
CA LEU D 146 -8.83 -47.44 -19.55
C LEU D 146 -8.59 -47.09 -21.01
N SER D 147 -8.56 -48.10 -21.87
CA SER D 147 -8.33 -47.88 -23.30
C SER D 147 -9.53 -47.23 -24.00
N GLY D 148 -10.54 -46.87 -23.21
CA GLY D 148 -11.73 -46.23 -23.74
C GLY D 148 -11.77 -44.76 -23.38
N ILE D 149 -10.96 -44.35 -22.41
CA ILE D 149 -10.91 -42.96 -21.99
C ILE D 149 -9.85 -42.22 -22.80
N ARG D 150 -10.23 -41.10 -23.40
CA ARG D 150 -9.32 -40.31 -24.21
C ARG D 150 -8.34 -39.47 -23.40
N GLY D 151 -8.80 -38.88 -22.31
CA GLY D 151 -7.89 -38.07 -21.52
C GLY D 151 -8.36 -37.73 -20.14
N ILE D 152 -7.39 -37.32 -19.31
CA ILE D 152 -7.61 -36.92 -17.94
C ILE D 152 -7.35 -35.43 -17.76
N SER D 153 -8.08 -34.83 -16.82
CA SER D 153 -7.96 -33.42 -16.49
C SER D 153 -7.88 -33.43 -14.98
N GLU D 154 -6.81 -32.85 -14.41
CA GLU D 154 -6.61 -32.82 -12.96
C GLU D 154 -6.24 -31.42 -12.50
N GLU D 155 -6.77 -31.01 -11.35
CA GLU D 155 -6.52 -29.67 -10.86
C GLU D 155 -6.06 -29.51 -9.43
N THR D 156 -5.58 -30.57 -8.79
CA THR D 156 -5.10 -30.45 -7.41
C THR D 156 -3.67 -30.95 -7.28
N THR D 157 -2.97 -30.49 -6.24
CA THR D 157 -1.58 -30.91 -6.01
C THR D 157 -1.55 -32.40 -5.70
N THR D 158 -2.46 -32.83 -4.84
CA THR D 158 -2.56 -34.23 -4.46
C THR D 158 -2.76 -35.03 -5.75
N GLY D 159 -3.87 -34.74 -6.44
CA GLY D 159 -4.18 -35.42 -7.68
C GLY D 159 -3.02 -35.47 -8.67
N VAL D 160 -2.37 -34.33 -8.86
CA VAL D 160 -1.26 -34.23 -9.80
C VAL D 160 -0.02 -35.00 -9.39
N HIS D 161 0.27 -35.01 -8.09
CA HIS D 161 1.42 -35.72 -7.59
C HIS D 161 1.18 -37.19 -7.84
N ASN D 162 -0.08 -37.59 -7.70
CA ASN D 162 -0.54 -38.95 -7.92
C ASN D 162 -0.27 -39.36 -9.37
N LEU D 163 -0.66 -38.50 -10.30
CA LEU D 163 -0.46 -38.76 -11.73
C LEU D 163 1.01 -38.98 -12.04
N TYR D 164 1.85 -38.08 -11.53
CA TYR D 164 3.29 -38.18 -11.76
C TYR D 164 3.83 -39.50 -11.20
N LYS D 165 3.39 -39.86 -10.00
CA LYS D 165 3.79 -41.09 -9.33
C LYS D 165 3.33 -42.34 -10.09
N MET D 166 2.07 -42.36 -10.52
CA MET D 166 1.58 -43.51 -11.27
C MET D 166 2.34 -43.63 -12.57
N MET D 167 2.60 -42.48 -13.20
CA MET D 167 3.32 -42.42 -14.47
C MET D 167 4.76 -42.86 -14.26
N ALA D 168 5.28 -42.63 -13.05
CA ALA D 168 6.63 -43.02 -12.70
C ALA D 168 6.70 -44.55 -12.53
N ASN D 169 5.58 -45.13 -12.10
CA ASN D 169 5.48 -46.57 -11.89
C ASN D 169 4.92 -47.26 -13.13
N GLY D 170 4.78 -46.49 -14.22
CA GLY D 170 4.28 -47.02 -15.47
C GLY D 170 2.84 -47.51 -15.44
N ILE D 171 2.10 -47.11 -14.41
CA ILE D 171 0.71 -47.52 -14.25
C ILE D 171 -0.26 -46.62 -15.00
N LEU D 172 0.11 -45.35 -15.16
CA LEU D 172 -0.73 -44.39 -15.87
C LEU D 172 -0.86 -44.90 -17.29
N LYS D 173 -2.10 -45.05 -17.73
CA LYS D 173 -2.44 -45.58 -19.05
C LYS D 173 -3.17 -44.60 -19.97
N VAL D 174 -3.54 -43.44 -19.45
CA VAL D 174 -4.25 -42.44 -20.24
C VAL D 174 -3.61 -41.08 -19.98
N PRO D 175 -3.45 -40.25 -21.02
CA PRO D 175 -2.85 -38.92 -20.87
C PRO D 175 -3.65 -38.03 -19.92
N ALA D 176 -2.95 -37.12 -19.26
CA ALA D 176 -3.57 -36.21 -18.33
C ALA D 176 -3.05 -34.82 -18.62
N ILE D 177 -3.78 -33.81 -18.18
CA ILE D 177 -3.37 -32.43 -18.33
C ILE D 177 -3.46 -31.86 -16.91
N ASN D 178 -2.38 -31.22 -16.49
CA ASN D 178 -2.29 -30.65 -15.16
C ASN D 178 -2.68 -29.19 -15.25
N VAL D 179 -3.90 -28.92 -14.83
CA VAL D 179 -4.48 -27.60 -14.85
C VAL D 179 -4.15 -26.92 -13.53
N ASN D 180 -3.58 -27.70 -12.62
CA ASN D 180 -3.26 -27.19 -11.30
C ASN D 180 -2.16 -26.16 -11.34
N ASP D 181 -1.18 -26.37 -12.22
CA ASP D 181 -0.06 -25.45 -12.33
C ASP D 181 -0.19 -24.36 -13.38
N SER D 182 -1.39 -24.12 -13.87
CA SER D 182 -1.59 -23.05 -14.84
C SER D 182 -1.50 -21.80 -13.98
N VAL D 183 -0.99 -20.71 -14.54
CA VAL D 183 -0.87 -19.49 -13.74
C VAL D 183 -2.23 -19.01 -13.23
N THR D 184 -3.25 -19.05 -14.09
CA THR D 184 -4.60 -18.63 -13.70
C THR D 184 -5.27 -19.56 -12.69
N LYS D 185 -4.89 -20.82 -12.65
CA LYS D 185 -5.47 -21.70 -11.66
C LYS D 185 -4.75 -21.41 -10.34
N SER D 186 -3.43 -21.56 -10.32
CA SER D 186 -2.67 -21.31 -9.10
C SER D 186 -2.83 -19.94 -8.52
N LYS D 187 -2.70 -18.89 -9.32
CA LYS D 187 -2.83 -17.54 -8.78
C LYS D 187 -4.14 -17.24 -8.09
N PHE D 188 -5.24 -17.74 -8.62
CA PHE D 188 -6.55 -17.48 -8.02
C PHE D 188 -6.85 -18.40 -6.84
N ASP D 189 -6.40 -19.64 -6.94
CA ASP D 189 -6.65 -20.58 -5.87
C ASP D 189 -5.73 -20.33 -4.66
N ASN D 190 -4.43 -20.26 -4.88
CA ASN D 190 -3.47 -20.03 -3.79
C ASN D 190 -3.35 -18.57 -3.33
N LEU D 191 -2.95 -17.68 -4.24
CA LEU D 191 -2.72 -16.26 -3.92
C LEU D 191 -3.96 -15.44 -3.62
N TYR D 192 -4.69 -15.09 -4.67
CA TYR D 192 -5.89 -14.26 -4.59
C TYR D 192 -7.04 -14.74 -3.71
N GLY D 193 -7.41 -16.01 -3.84
CA GLY D 193 -8.48 -16.56 -3.05
C GLY D 193 -8.23 -16.34 -1.57
N CYS D 194 -7.17 -16.94 -1.07
CA CYS D 194 -6.83 -16.80 0.33
C CYS D 194 -6.71 -15.35 0.79
N ARG D 195 -6.25 -14.47 -0.08
CA ARG D 195 -6.11 -13.07 0.29
C ARG D 195 -7.48 -12.55 0.66
N GLU D 196 -8.47 -12.82 -0.18
CA GLU D 196 -9.84 -12.36 0.08
C GLU D 196 -10.46 -13.01 1.34
N SER D 197 -10.33 -14.33 1.47
CA SER D 197 -10.95 -15.07 2.56
C SER D 197 -10.28 -15.21 3.91
N LEU D 198 -8.95 -15.23 3.98
CA LEU D 198 -8.29 -15.36 5.26
C LEU D 198 -8.89 -14.46 6.34
N ILE D 199 -8.84 -13.15 6.14
CA ILE D 199 -9.37 -12.21 7.13
C ILE D 199 -10.85 -12.44 7.42
N ASP D 200 -11.58 -12.92 6.43
CA ASP D 200 -13.00 -13.17 6.66
C ASP D 200 -13.15 -14.25 7.73
N GLY D 201 -12.37 -15.33 7.59
CA GLY D 201 -12.39 -16.40 8.57
C GLY D 201 -12.09 -15.86 9.98
N ILE D 202 -11.00 -15.12 10.11
CA ILE D 202 -10.60 -14.57 11.42
C ILE D 202 -11.69 -13.68 12.01
N LYS D 203 -12.34 -12.88 11.17
CA LYS D 203 -13.38 -11.97 11.66
C LYS D 203 -14.66 -12.69 12.05
N ARG D 204 -15.14 -13.62 11.22
CA ARG D 204 -16.35 -14.34 11.54
C ARG D 204 -16.16 -15.10 12.84
N ALA D 205 -14.99 -15.67 13.01
CA ALA D 205 -14.72 -16.42 14.21
C ALA D 205 -14.43 -15.56 15.43
N THR D 206 -13.82 -14.39 15.25
CA THR D 206 -13.42 -13.58 16.40
C THR D 206 -13.91 -12.13 16.46
N ASP D 207 -14.24 -11.56 15.31
CA ASP D 207 -14.66 -10.17 15.22
C ASP D 207 -13.58 -9.29 15.87
N VAL D 208 -12.34 -9.68 15.66
CA VAL D 208 -11.17 -9.02 16.24
C VAL D 208 -10.64 -7.87 15.38
N MET D 209 -10.13 -6.84 16.05
CA MET D 209 -9.52 -5.72 15.35
C MET D 209 -8.16 -6.21 14.84
N ILE D 210 -7.92 -6.13 13.54
CA ILE D 210 -6.66 -6.57 12.94
C ILE D 210 -5.52 -5.55 13.02
N ALA D 211 -5.81 -4.29 12.72
CA ALA D 211 -4.82 -3.24 12.78
C ALA D 211 -4.16 -3.17 14.12
N GLY D 212 -2.84 -2.93 14.12
CA GLY D 212 -2.12 -2.79 15.36
C GLY D 212 -1.62 -4.09 15.96
N LYS D 213 -1.95 -5.21 15.32
CA LYS D 213 -1.53 -6.53 15.81
C LYS D 213 -0.38 -7.07 14.99
N VAL D 214 0.46 -7.90 15.62
CA VAL D 214 1.57 -8.51 14.93
C VAL D 214 1.00 -9.82 14.45
N ALA D 215 0.99 -10.04 13.14
CA ALA D 215 0.48 -11.27 12.60
C ALA D 215 1.71 -12.01 12.10
N VAL D 216 1.83 -13.30 12.43
CA VAL D 216 2.98 -14.12 12.02
C VAL D 216 2.50 -15.13 11.00
N VAL D 217 2.99 -15.03 9.78
CA VAL D 217 2.59 -15.93 8.72
C VAL D 217 3.71 -16.89 8.40
N ALA D 218 3.49 -18.19 8.62
CA ALA D 218 4.52 -19.18 8.37
C ALA D 218 4.51 -19.67 6.94
N GLY D 219 5.46 -19.17 6.16
CA GLY D 219 5.57 -19.55 4.77
C GLY D 219 5.34 -18.31 3.94
N TYR D 220 5.86 -18.32 2.72
CA TYR D 220 5.72 -17.16 1.85
C TYR D 220 5.60 -17.59 0.39
N GLY D 221 4.83 -18.65 0.16
CA GLY D 221 4.58 -19.10 -1.19
C GLY D 221 3.36 -18.31 -1.60
N ASP D 222 2.54 -18.82 -2.51
CA ASP D 222 1.37 -18.08 -2.94
C ASP D 222 0.36 -17.79 -1.87
N VAL D 223 0.11 -18.77 -1.02
CA VAL D 223 -0.84 -18.58 0.09
C VAL D 223 -0.23 -17.55 1.06
N GLY D 224 1.05 -17.73 1.40
CA GLY D 224 1.71 -16.83 2.34
C GLY D 224 1.72 -15.41 1.84
N LYS D 225 1.93 -15.25 0.54
CA LYS D 225 1.96 -13.93 -0.08
C LYS D 225 0.64 -13.20 0.05
N GLY D 226 -0.45 -13.88 -0.31
CA GLY D 226 -1.78 -13.30 -0.20
C GLY D 226 -2.20 -13.05 1.23
N CYS D 227 -1.88 -13.98 2.12
CA CYS D 227 -2.23 -13.81 3.53
C CYS D 227 -1.52 -12.64 4.12
N ALA D 228 -0.21 -12.50 3.84
CA ALA D 228 0.60 -11.40 4.36
C ALA D 228 0.11 -10.05 3.81
N GLN D 229 -0.14 -10.01 2.51
CA GLN D 229 -0.64 -8.81 1.84
C GLN D 229 -1.97 -8.37 2.45
N ALA D 230 -2.88 -9.34 2.67
CA ALA D 230 -4.20 -9.09 3.29
C ALA D 230 -4.05 -8.41 4.65
N LEU D 231 -3.42 -9.12 5.58
CA LEU D 231 -3.20 -8.64 6.93
C LEU D 231 -2.51 -7.28 6.91
N ARG D 232 -1.56 -7.11 5.98
CA ARG D 232 -0.83 -5.86 5.88
C ARG D 232 -1.78 -4.71 5.56
N GLY D 233 -2.69 -4.93 4.63
CA GLY D 233 -3.65 -3.92 4.24
C GLY D 233 -4.58 -3.49 5.35
N PHE D 234 -4.63 -4.30 6.41
CA PHE D 234 -5.48 -4.04 7.57
C PHE D 234 -4.75 -3.31 8.65
N GLY D 235 -3.43 -3.25 8.57
CA GLY D 235 -2.70 -2.52 9.59
C GLY D 235 -1.94 -3.38 10.56
N ALA D 236 -1.76 -4.64 10.25
CA ALA D 236 -1.01 -5.50 11.13
C ALA D 236 0.47 -5.47 10.75
N ARG D 237 1.33 -5.77 11.70
CA ARG D 237 2.76 -5.82 11.45
C ARG D 237 3.08 -7.31 11.20
N VAL D 238 3.12 -7.69 9.93
CA VAL D 238 3.38 -9.05 9.51
C VAL D 238 4.86 -9.47 9.65
N ILE D 239 5.09 -10.67 10.18
CA ILE D 239 6.42 -11.24 10.33
C ILE D 239 6.36 -12.55 9.58
N ILE D 240 7.30 -12.80 8.70
CA ILE D 240 7.32 -14.00 7.88
C ILE D 240 8.34 -15.05 8.37
N THR D 241 8.06 -16.31 8.12
CA THR D 241 9.00 -17.36 8.48
C THR D 241 9.12 -18.15 7.17
N GLU D 242 10.31 -18.69 6.90
CA GLU D 242 10.53 -19.41 5.65
C GLU D 242 11.73 -20.31 5.73
N ILE D 243 11.74 -21.35 4.88
CA ILE D 243 12.86 -22.27 4.80
C ILE D 243 13.60 -22.02 3.49
N ASP D 244 12.89 -21.51 2.49
CA ASP D 244 13.44 -21.24 1.17
C ASP D 244 14.04 -19.83 1.06
N PRO D 245 15.36 -19.74 0.80
CA PRO D 245 16.07 -18.45 0.68
C PRO D 245 15.47 -17.43 -0.30
N ILE D 246 14.94 -17.90 -1.43
CA ILE D 246 14.34 -17.02 -2.41
C ILE D 246 13.05 -16.37 -1.90
N ASN D 247 12.07 -17.19 -1.48
CA ASN D 247 10.80 -16.69 -0.98
C ASN D 247 11.08 -15.74 0.15
N ALA D 248 12.04 -16.13 1.00
CA ALA D 248 12.45 -15.31 2.13
C ALA D 248 13.01 -13.96 1.64
N LEU D 249 13.79 -13.96 0.56
CA LEU D 249 14.31 -12.71 0.04
C LEU D 249 13.12 -11.89 -0.46
N GLN D 250 12.20 -12.55 -1.17
CA GLN D 250 11.02 -11.87 -1.69
C GLN D 250 10.27 -11.12 -0.60
N ALA D 251 10.06 -11.77 0.54
CA ALA D 251 9.36 -11.16 1.65
C ALA D 251 10.12 -9.95 2.16
N ALA D 252 11.44 -10.10 2.30
CA ALA D 252 12.32 -9.03 2.77
C ALA D 252 12.27 -7.83 1.85
N MET D 253 12.28 -8.09 0.54
CA MET D 253 12.21 -7.02 -0.45
C MET D 253 10.88 -6.27 -0.40
N GLU D 254 9.88 -6.78 0.33
CA GLU D 254 8.57 -6.10 0.43
C GLU D 254 8.39 -5.38 1.75
N GLY D 255 9.32 -5.55 2.66
CA GLY D 255 9.21 -4.86 3.93
C GLY D 255 8.95 -5.75 5.12
N TYR D 256 8.66 -7.03 4.89
CA TYR D 256 8.36 -7.96 5.98
C TYR D 256 9.61 -8.44 6.69
N GLU D 257 9.53 -8.56 8.00
CA GLU D 257 10.65 -9.09 8.78
C GLU D 257 10.55 -10.59 8.62
N VAL D 258 11.67 -11.27 8.50
CA VAL D 258 11.67 -12.72 8.33
C VAL D 258 12.52 -13.33 9.45
N THR D 259 11.89 -14.15 10.28
CA THR D 259 12.60 -14.84 11.36
C THR D 259 12.19 -16.30 11.39
N THR D 260 12.29 -16.87 12.58
CA THR D 260 11.97 -18.25 12.86
C THR D 260 10.80 -18.26 13.84
N MET D 261 9.93 -19.27 13.71
CA MET D 261 8.79 -19.36 14.61
C MET D 261 9.24 -19.36 16.05
N ASP D 262 10.41 -19.96 16.30
CA ASP D 262 11.01 -20.06 17.65
C ASP D 262 11.17 -18.69 18.27
N GLU D 263 11.19 -17.66 17.44
CA GLU D 263 11.35 -16.30 17.91
C GLU D 263 10.06 -15.51 17.73
N ALA D 264 9.39 -15.73 16.61
CA ALA D 264 8.16 -15.01 16.32
C ALA D 264 7.02 -15.27 17.29
N CYS D 265 6.94 -16.50 17.80
CA CYS D 265 5.88 -16.90 18.76
C CYS D 265 5.75 -15.97 19.97
N LYS D 266 6.89 -15.50 20.45
CA LYS D 266 6.94 -14.60 21.59
C LYS D 266 6.35 -13.24 21.27
N GLU D 267 6.13 -12.96 19.99
CA GLU D 267 5.68 -11.64 19.59
C GLU D 267 4.31 -11.45 18.96
N GLY D 268 3.91 -12.40 18.12
CA GLY D 268 2.63 -12.30 17.45
C GLY D 268 1.38 -12.40 18.28
N ASN D 269 0.29 -11.90 17.71
CA ASN D 269 -1.05 -11.90 18.30
C ASN D 269 -1.96 -12.77 17.46
N ILE D 270 -1.62 -12.94 16.18
CA ILE D 270 -2.38 -13.77 15.26
C ILE D 270 -1.31 -14.61 14.60
N PHE D 271 -1.59 -15.90 14.35
CA PHE D 271 -0.64 -16.81 13.71
C PHE D 271 -1.32 -17.53 12.56
N VAL D 272 -0.75 -17.44 11.36
CA VAL D 272 -1.34 -18.07 10.21
C VAL D 272 -0.33 -19.02 9.60
N THR D 273 -0.68 -20.29 9.44
CA THR D 273 0.22 -21.22 8.81
C THR D 273 -0.20 -21.35 7.33
N THR D 274 0.80 -21.44 6.45
CA THR D 274 0.64 -21.45 5.00
C THR D 274 1.61 -22.45 4.36
N THR D 275 2.40 -23.06 5.20
CA THR D 275 3.45 -23.99 4.84
C THR D 275 3.12 -25.23 4.01
N GLY D 276 2.18 -26.05 4.47
CA GLY D 276 1.85 -27.29 3.77
C GLY D 276 2.79 -28.40 4.27
N CYS D 277 3.41 -28.10 5.40
CA CYS D 277 4.37 -28.95 6.06
C CYS D 277 3.96 -29.14 7.51
N VAL D 278 4.47 -30.20 8.12
CA VAL D 278 4.18 -30.57 9.51
C VAL D 278 5.02 -29.85 10.54
N ASP D 279 4.52 -29.86 11.76
CA ASP D 279 5.23 -29.26 12.89
C ASP D 279 5.63 -27.80 12.71
N ILE D 280 4.65 -26.94 12.44
CA ILE D 280 4.93 -25.51 12.28
C ILE D 280 4.73 -24.82 13.64
N ILE D 281 3.59 -25.08 14.29
CA ILE D 281 3.38 -24.48 15.61
C ILE D 281 3.28 -25.60 16.63
N LEU D 282 4.33 -25.74 17.43
CA LEU D 282 4.41 -26.76 18.43
C LEU D 282 4.11 -26.21 19.81
N GLY D 283 4.07 -27.10 20.79
CA GLY D 283 3.79 -26.71 22.17
C GLY D 283 4.76 -25.67 22.68
N ARG D 284 6.05 -25.84 22.38
CA ARG D 284 7.07 -24.89 22.83
C ARG D 284 6.80 -23.47 22.37
N HIS D 285 6.05 -23.35 21.28
CA HIS D 285 5.71 -22.05 20.76
C HIS D 285 4.51 -21.56 21.52
N PHE D 286 3.50 -22.43 21.67
CA PHE D 286 2.29 -22.06 22.40
C PHE D 286 2.64 -21.49 23.76
N GLU D 287 3.49 -22.18 24.49
CA GLU D 287 3.92 -21.73 25.81
C GLU D 287 4.53 -20.33 25.83
N GLN D 288 4.92 -19.81 24.68
CA GLN D 288 5.55 -18.48 24.58
C GLN D 288 4.59 -17.38 24.10
N MET D 289 3.53 -17.77 23.42
CA MET D 289 2.55 -16.83 22.91
C MET D 289 1.93 -15.94 23.97
N LYS D 290 1.52 -14.77 23.52
CA LYS D 290 0.89 -13.79 24.36
C LYS D 290 -0.54 -14.27 24.68
N ASP D 291 -1.17 -13.60 25.64
CA ASP D 291 -2.51 -13.94 26.07
C ASP D 291 -3.51 -13.72 24.98
N ASP D 292 -4.28 -14.76 24.69
CA ASP D 292 -5.30 -14.71 23.66
C ASP D 292 -4.81 -14.57 22.22
N ALA D 293 -3.67 -15.18 21.93
CA ALA D 293 -3.15 -15.12 20.59
C ALA D 293 -4.15 -15.93 19.75
N ILE D 294 -4.25 -15.65 18.46
CA ILE D 294 -5.15 -16.41 17.60
C ILE D 294 -4.22 -17.26 16.76
N VAL D 295 -4.57 -18.52 16.58
CA VAL D 295 -3.72 -19.42 15.84
C VAL D 295 -4.59 -20.20 14.89
N CYS D 296 -4.40 -20.02 13.60
CA CYS D 296 -5.22 -20.71 12.63
C CYS D 296 -4.34 -21.21 11.50
N ASN D 297 -4.91 -22.09 10.67
CA ASN D 297 -4.16 -22.69 9.58
C ASN D 297 -4.92 -22.54 8.27
N ILE D 298 -4.20 -22.20 7.20
CA ILE D 298 -4.87 -22.04 5.92
C ILE D 298 -4.13 -22.83 4.83
N GLY D 299 -3.12 -23.59 5.25
CA GLY D 299 -2.36 -24.38 4.28
C GLY D 299 -2.88 -25.79 4.02
N HIS D 300 -2.27 -26.75 4.71
CA HIS D 300 -2.57 -28.17 4.59
C HIS D 300 -3.46 -28.54 5.77
N PHE D 301 -4.60 -29.16 5.50
CA PHE D 301 -5.55 -29.58 6.52
C PHE D 301 -4.86 -30.21 7.73
N ASP D 302 -5.13 -29.64 8.89
CA ASP D 302 -4.61 -30.09 10.21
C ASP D 302 -3.14 -30.43 10.60
N VAL D 303 -2.25 -30.65 9.63
CA VAL D 303 -0.85 -31.01 9.97
C VAL D 303 0.08 -29.93 10.50
N GLU D 304 -0.23 -28.67 10.23
CA GLU D 304 0.64 -27.57 10.60
C GLU D 304 0.71 -27.11 12.05
N ILE D 305 -0.37 -27.29 12.78
CA ILE D 305 -0.40 -26.90 14.18
C ILE D 305 -0.53 -28.14 15.06
N ASP D 306 0.18 -28.18 16.18
CA ASP D 306 0.13 -29.33 17.09
C ASP D 306 -1.09 -29.14 17.99
N VAL D 307 -2.28 -29.50 17.48
CA VAL D 307 -3.52 -29.36 18.23
C VAL D 307 -3.57 -30.33 19.39
N LYS D 308 -3.15 -31.56 19.15
CA LYS D 308 -3.14 -32.56 20.22
C LYS D 308 -2.45 -32.00 21.44
N TRP D 309 -1.35 -31.30 21.24
CA TRP D 309 -0.64 -30.72 22.37
C TRP D 309 -1.60 -29.84 23.15
N LEU D 310 -2.34 -28.99 22.44
CA LEU D 310 -3.29 -28.09 23.07
C LEU D 310 -4.26 -28.93 23.89
N ASN D 311 -4.82 -29.93 23.21
CA ASN D 311 -5.77 -30.83 23.83
C ASN D 311 -5.22 -31.55 25.05
N GLU D 312 -3.95 -31.95 25.01
CA GLU D 312 -3.35 -32.67 26.12
C GLU D 312 -2.62 -31.88 27.18
N ASN D 313 -2.47 -30.56 26.99
CA ASN D 313 -1.74 -29.76 27.97
C ASN D 313 -2.47 -28.53 28.49
N ALA D 314 -3.66 -28.27 27.98
CA ALA D 314 -4.41 -27.11 28.45
C ALA D 314 -5.22 -27.48 29.69
N VAL D 315 -5.23 -26.59 30.67
CA VAL D 315 -5.99 -26.83 31.89
C VAL D 315 -7.49 -26.84 31.57
N GLU D 316 -7.94 -25.89 30.75
CA GLU D 316 -9.34 -25.79 30.36
C GLU D 316 -9.37 -25.81 28.84
N LYS D 317 -10.58 -25.78 28.30
CA LYS D 317 -10.81 -25.75 26.86
C LYS D 317 -12.28 -25.42 26.77
N VAL D 318 -12.60 -24.41 25.99
CA VAL D 318 -13.99 -24.06 25.88
C VAL D 318 -14.35 -23.77 24.44
N ASN D 319 -15.49 -24.27 24.01
CA ASN D 319 -15.90 -24.00 22.67
C ASN D 319 -16.62 -22.69 22.76
N ILE D 320 -16.07 -21.66 22.15
CA ILE D 320 -16.67 -20.33 22.15
C ILE D 320 -17.86 -20.27 21.16
N LYS D 321 -17.74 -20.93 20.01
CA LYS D 321 -18.80 -20.97 18.99
C LYS D 321 -18.26 -22.01 18.00
N PRO D 322 -19.07 -22.48 17.05
CA PRO D 322 -18.54 -23.49 16.13
C PRO D 322 -17.25 -23.07 15.49
N GLN D 323 -16.29 -24.00 15.48
CA GLN D 323 -14.95 -23.81 14.93
C GLN D 323 -14.11 -22.80 15.72
N VAL D 324 -14.54 -22.38 16.90
CA VAL D 324 -13.77 -21.46 17.72
C VAL D 324 -13.61 -22.06 19.13
N ASP D 325 -12.39 -22.48 19.45
CA ASP D 325 -12.04 -23.06 20.75
C ASP D 325 -10.99 -22.20 21.46
N ARG D 326 -11.01 -22.19 22.79
CA ARG D 326 -10.08 -21.39 23.58
C ARG D 326 -9.52 -22.23 24.73
N TYR D 327 -8.20 -22.32 24.79
CA TYR D 327 -7.52 -23.12 25.81
C TYR D 327 -6.85 -22.30 26.89
N LEU D 328 -6.90 -22.78 28.12
CA LEU D 328 -6.22 -22.08 29.19
C LEU D 328 -4.99 -22.94 29.35
N LEU D 329 -3.80 -22.32 29.34
CA LEU D 329 -2.55 -23.07 29.51
C LEU D 329 -2.11 -22.94 30.97
N LYS D 330 -1.22 -23.82 31.40
CA LYS D 330 -0.78 -23.76 32.78
C LYS D 330 -0.11 -22.46 33.13
N ASN D 331 0.33 -21.71 32.13
CA ASN D 331 1.02 -20.45 32.40
C ASN D 331 0.07 -19.29 32.55
N GLY D 332 -1.22 -19.57 32.38
CA GLY D 332 -2.23 -18.54 32.53
C GLY D 332 -2.72 -17.87 31.27
N HIS D 333 -2.06 -18.16 30.15
CA HIS D 333 -2.46 -17.54 28.89
C HIS D 333 -3.48 -18.41 28.19
N ARG D 334 -4.33 -17.78 27.38
CA ARG D 334 -5.36 -18.49 26.64
C ARG D 334 -4.97 -18.52 25.17
N ILE D 335 -5.23 -19.64 24.50
CA ILE D 335 -4.92 -19.77 23.10
C ILE D 335 -6.22 -20.03 22.33
N ILE D 336 -6.60 -19.09 21.46
CA ILE D 336 -7.79 -19.17 20.64
C ILE D 336 -7.37 -19.85 19.34
N LEU D 337 -7.87 -21.07 19.14
CA LEU D 337 -7.55 -21.88 17.98
C LEU D 337 -8.77 -21.87 17.07
N LEU D 338 -8.56 -21.69 15.77
CA LEU D 338 -9.66 -21.63 14.83
C LEU D 338 -9.74 -22.87 13.95
N ALA D 339 -10.97 -23.31 13.68
CA ALA D 339 -11.31 -24.46 12.87
C ALA D 339 -10.62 -25.74 13.28
N GLU D 340 -10.29 -25.82 14.58
CA GLU D 340 -9.58 -26.97 15.11
C GLU D 340 -8.30 -27.27 14.34
N GLY D 341 -7.64 -26.21 13.85
CA GLY D 341 -6.39 -26.36 13.10
C GLY D 341 -6.59 -26.68 11.63
N ARG D 342 -7.83 -26.66 11.17
CA ARG D 342 -8.13 -26.94 9.77
C ARG D 342 -8.19 -25.62 9.01
N LEU D 343 -8.44 -25.69 7.70
CA LEU D 343 -8.48 -24.50 6.87
C LEU D 343 -9.47 -23.46 7.38
N VAL D 344 -8.95 -22.36 7.93
CA VAL D 344 -9.80 -21.29 8.46
C VAL D 344 -10.73 -20.68 7.40
N ASN D 345 -10.28 -20.55 6.16
CA ASN D 345 -11.14 -19.96 5.14
C ASN D 345 -12.38 -20.81 4.85
N LEU D 346 -12.21 -22.12 4.89
CA LEU D 346 -13.31 -23.05 4.67
C LEU D 346 -14.03 -23.37 5.99
N GLY D 347 -13.29 -23.48 7.09
CA GLY D 347 -13.89 -23.79 8.35
C GLY D 347 -14.63 -22.65 9.02
N CYS D 348 -14.11 -21.44 8.90
CA CYS D 348 -14.73 -20.26 9.53
C CYS D 348 -15.33 -19.22 8.58
N ALA D 349 -15.19 -19.43 7.28
CA ALA D 349 -15.72 -18.46 6.33
C ALA D 349 -16.41 -19.25 5.25
N MET D 350 -16.50 -18.70 4.07
CA MET D 350 -17.18 -19.41 3.02
C MET D 350 -16.25 -19.88 1.89
N GLY D 351 -14.96 -20.02 2.19
CA GLY D 351 -14.01 -20.45 1.18
C GLY D 351 -13.75 -19.35 0.14
N HIS D 352 -13.24 -19.72 -1.03
CA HIS D 352 -12.94 -18.72 -2.08
C HIS D 352 -14.16 -18.22 -2.84
N PRO D 353 -14.13 -16.95 -3.27
CA PRO D 353 -15.24 -16.36 -4.03
C PRO D 353 -15.49 -17.10 -5.34
N SER D 354 -16.67 -16.92 -5.92
CA SER D 354 -16.96 -17.60 -7.17
C SER D 354 -15.92 -17.29 -8.25
N PHE D 355 -15.56 -16.01 -8.37
CA PHE D 355 -14.59 -15.56 -9.38
C PHE D 355 -13.29 -16.38 -9.36
N VAL D 356 -12.76 -16.75 -8.19
CA VAL D 356 -11.55 -17.57 -8.22
C VAL D 356 -11.91 -18.92 -8.78
N MET D 357 -13.07 -19.47 -8.42
CA MET D 357 -13.47 -20.79 -8.95
C MET D 357 -13.65 -20.69 -10.45
N SER D 358 -14.20 -19.57 -10.91
CA SER D 358 -14.38 -19.37 -12.34
C SER D 358 -13.08 -19.57 -13.11
N ASN D 359 -11.94 -19.27 -12.48
CA ASN D 359 -10.65 -19.46 -13.13
C ASN D 359 -10.24 -20.92 -13.13
N SER D 360 -10.40 -21.58 -11.98
CA SER D 360 -10.03 -23.00 -11.85
C SER D 360 -10.87 -23.88 -12.80
N PHE D 361 -12.16 -23.57 -12.89
CA PHE D 361 -13.04 -24.35 -13.75
C PHE D 361 -12.89 -24.06 -15.23
N THR D 362 -12.70 -22.81 -15.64
CA THR D 362 -12.50 -22.56 -17.05
C THR D 362 -11.24 -23.28 -17.45
N ASN D 363 -10.31 -23.44 -16.52
CA ASN D 363 -9.08 -24.17 -16.83
C ASN D 363 -9.48 -25.60 -17.15
N GLN D 364 -10.43 -26.12 -16.39
CA GLN D 364 -10.89 -27.48 -16.62
C GLN D 364 -11.65 -27.64 -17.96
N VAL D 365 -12.58 -26.73 -18.26
CA VAL D 365 -13.33 -26.77 -19.52
C VAL D 365 -12.31 -26.79 -20.66
N MET D 366 -11.28 -25.96 -20.53
CA MET D 366 -10.20 -25.85 -21.52
C MET D 366 -9.52 -27.20 -21.78
N ALA D 367 -9.03 -27.82 -20.71
CA ALA D 367 -8.35 -29.11 -20.79
C ALA D 367 -9.24 -30.17 -21.44
N GLN D 368 -10.51 -30.19 -21.04
CA GLN D 368 -11.50 -31.13 -21.56
C GLN D 368 -11.59 -30.94 -23.06
N ILE D 369 -11.87 -29.72 -23.48
CA ILE D 369 -12.01 -29.38 -24.89
C ILE D 369 -10.78 -29.74 -25.68
N GLU D 370 -9.60 -29.46 -25.13
CA GLU D 370 -8.36 -29.74 -25.85
C GLU D 370 -8.01 -31.20 -26.05
N LEU D 371 -7.94 -31.96 -24.97
CA LEU D 371 -7.62 -33.38 -25.04
C LEU D 371 -8.62 -34.10 -25.93
N TRP D 372 -9.90 -33.75 -25.77
CA TRP D 372 -10.99 -34.33 -26.53
C TRP D 372 -10.85 -34.04 -28.04
N THR D 373 -10.54 -32.80 -28.38
CA THR D 373 -10.40 -32.39 -29.77
C THR D 373 -9.05 -32.70 -30.42
N HIS D 374 -8.15 -33.32 -29.66
CA HIS D 374 -6.83 -33.68 -30.16
C HIS D 374 -6.43 -35.08 -29.70
N PRO D 375 -7.22 -36.11 -30.13
CA PRO D 375 -6.98 -37.51 -29.78
C PRO D 375 -5.57 -38.01 -30.02
N ASP D 376 -4.98 -37.67 -31.16
CA ASP D 376 -3.64 -38.12 -31.47
C ASP D 376 -2.65 -36.97 -31.27
N LYS D 377 -2.63 -36.42 -30.06
CA LYS D 377 -1.74 -35.30 -29.75
C LYS D 377 -0.98 -35.49 -28.45
N TYR D 378 -1.65 -36.07 -27.46
CA TYR D 378 -1.04 -36.27 -26.16
C TYR D 378 -0.60 -37.69 -25.84
N PRO D 379 0.71 -37.87 -25.61
CA PRO D 379 1.29 -39.18 -25.27
C PRO D 379 0.85 -39.51 -23.84
N VAL D 380 0.77 -40.78 -23.50
CA VAL D 380 0.37 -41.13 -22.15
C VAL D 380 1.35 -40.47 -21.21
N GLY D 381 0.85 -39.54 -20.41
CA GLY D 381 1.69 -38.82 -19.48
C GLY D 381 0.91 -37.66 -18.96
N VAL D 382 1.46 -36.95 -17.97
CA VAL D 382 0.78 -35.80 -17.38
C VAL D 382 1.43 -34.52 -17.91
N HIS D 383 0.69 -33.78 -18.71
CA HIS D 383 1.19 -32.55 -19.33
C HIS D 383 0.65 -31.31 -18.65
N PHE D 384 1.12 -30.14 -19.08
CA PHE D 384 0.67 -28.86 -18.55
C PHE D 384 -0.30 -28.27 -19.58
N LEU D 385 -1.14 -27.32 -19.16
CA LEU D 385 -2.08 -26.71 -20.09
C LEU D 385 -1.34 -25.80 -21.07
N PRO D 386 -1.51 -26.03 -22.38
CA PRO D 386 -0.84 -25.17 -23.37
C PRO D 386 -1.04 -23.72 -22.95
N LYS D 387 0.05 -22.95 -22.99
CA LYS D 387 0.00 -21.55 -22.57
C LYS D 387 -1.07 -20.75 -23.28
N LYS D 388 -1.34 -21.05 -24.55
CA LYS D 388 -2.36 -20.26 -25.20
C LYS D 388 -3.75 -20.51 -24.57
N LEU D 389 -3.92 -21.67 -23.93
CA LEU D 389 -5.18 -21.98 -23.26
C LEU D 389 -5.24 -21.26 -21.92
N ASP D 390 -4.11 -21.25 -21.22
CA ASP D 390 -4.00 -20.54 -19.94
C ASP D 390 -4.31 -19.02 -20.20
N GLU D 391 -3.67 -18.43 -21.22
CA GLU D 391 -3.92 -17.02 -21.57
C GLU D 391 -5.38 -16.84 -21.94
N ALA D 392 -5.97 -17.91 -22.49
CA ALA D 392 -7.36 -17.90 -22.92
C ALA D 392 -8.31 -17.85 -21.73
N VAL D 393 -8.05 -18.64 -20.70
CA VAL D 393 -8.93 -18.57 -19.54
C VAL D 393 -8.77 -17.19 -18.89
N ALA D 394 -7.57 -16.63 -18.95
CA ALA D 394 -7.30 -15.30 -18.38
C ALA D 394 -8.13 -14.28 -19.11
N GLU D 395 -8.13 -14.34 -20.43
CA GLU D 395 -8.89 -13.38 -21.23
C GLU D 395 -10.40 -13.46 -21.05
N ALA D 396 -10.94 -14.64 -20.79
CA ALA D 396 -12.38 -14.80 -20.59
C ALA D 396 -12.88 -13.96 -19.43
N HIS D 397 -11.96 -13.65 -18.50
CA HIS D 397 -12.27 -12.85 -17.31
C HIS D 397 -12.05 -11.36 -17.48
N LEU D 398 -11.21 -10.98 -18.43
CA LEU D 398 -10.99 -9.55 -18.72
C LEU D 398 -12.33 -9.23 -19.31
N GLY D 399 -12.87 -8.07 -19.02
CA GLY D 399 -14.18 -7.84 -19.62
C GLY D 399 -15.06 -7.65 -18.44
N LYS D 400 -15.19 -8.68 -17.62
CA LYS D 400 -15.99 -8.51 -16.42
C LYS D 400 -15.16 -7.55 -15.58
N LEU D 401 -13.82 -7.69 -15.67
CA LEU D 401 -12.90 -6.83 -14.94
C LEU D 401 -12.79 -5.38 -15.48
N ASN D 402 -13.49 -5.09 -16.58
CA ASN D 402 -13.46 -3.75 -17.18
C ASN D 402 -12.05 -3.45 -17.70
N VAL D 403 -11.40 -4.49 -18.21
CA VAL D 403 -10.06 -4.40 -18.75
C VAL D 403 -10.10 -4.37 -20.26
N LYS D 404 -9.32 -3.47 -20.85
CA LYS D 404 -9.25 -3.34 -22.30
C LYS D 404 -7.88 -3.81 -22.85
N LEU D 405 -7.81 -5.09 -23.20
CA LEU D 405 -6.61 -5.72 -23.71
C LEU D 405 -6.29 -5.21 -25.11
N THR D 406 -5.03 -4.82 -25.33
CA THR D 406 -4.63 -4.28 -26.61
C THR D 406 -4.08 -5.39 -27.53
N LYS D 407 -4.31 -5.21 -28.82
CA LYS D 407 -3.84 -6.17 -29.81
C LYS D 407 -2.57 -5.73 -30.51
N LEU D 408 -1.61 -6.63 -30.52
CA LEU D 408 -0.31 -6.40 -31.13
C LEU D 408 -0.52 -6.27 -32.66
N THR D 409 0.03 -5.22 -33.26
CA THR D 409 -0.06 -5.05 -34.73
C THR D 409 0.84 -6.12 -35.34
N GLU D 410 0.70 -6.31 -36.66
CA GLU D 410 1.53 -7.30 -37.36
C GLU D 410 3.01 -6.91 -37.30
N LYS D 411 3.29 -5.61 -37.32
CA LYS D 411 4.66 -5.13 -37.26
C LYS D 411 5.27 -5.47 -35.92
N GLN D 412 4.58 -5.05 -34.85
CA GLN D 412 5.05 -5.31 -33.48
C GLN D 412 5.14 -6.81 -33.25
N ALA D 413 4.16 -7.56 -33.75
CA ALA D 413 4.14 -9.00 -33.61
C ALA D 413 5.45 -9.53 -34.17
N GLN D 414 5.75 -9.10 -35.40
CA GLN D 414 6.96 -9.54 -36.07
C GLN D 414 8.22 -9.07 -35.38
N TYR D 415 8.21 -7.87 -34.81
CA TYR D 415 9.37 -7.35 -34.07
C TYR D 415 9.60 -8.22 -32.85
N LEU D 416 8.51 -8.56 -32.17
CA LEU D 416 8.55 -9.39 -30.97
C LEU D 416 8.74 -10.87 -31.28
N GLY D 417 8.41 -11.26 -32.51
CA GLY D 417 8.60 -12.64 -32.90
C GLY D 417 7.63 -13.55 -32.19
N MET D 418 6.35 -13.18 -32.23
CA MET D 418 5.31 -13.97 -31.60
C MET D 418 4.04 -13.69 -32.40
N PRO D 419 3.12 -14.66 -32.44
CA PRO D 419 1.86 -14.52 -33.17
C PRO D 419 1.00 -13.49 -32.48
N ILE D 420 0.21 -12.75 -33.24
CA ILE D 420 -0.61 -11.74 -32.65
C ILE D 420 -1.48 -12.31 -31.54
N ASN D 421 -2.00 -13.52 -31.78
CA ASN D 421 -2.89 -14.21 -30.85
C ASN D 421 -2.16 -15.33 -30.15
N GLY D 422 -1.13 -15.85 -30.81
CA GLY D 422 -0.35 -16.97 -30.28
C GLY D 422 0.12 -16.67 -28.90
N PRO D 423 0.78 -17.63 -28.22
CA PRO D 423 1.27 -17.43 -26.85
C PRO D 423 2.11 -16.17 -26.84
N PHE D 424 2.18 -15.51 -25.68
CA PHE D 424 2.96 -14.28 -25.57
C PHE D 424 4.19 -14.33 -24.69
N LYS D 425 4.44 -15.47 -24.06
CA LYS D 425 5.57 -15.66 -23.14
C LYS D 425 6.09 -17.08 -23.26
N PRO D 426 7.40 -17.28 -23.02
CA PRO D 426 7.96 -18.64 -23.11
C PRO D 426 7.47 -19.45 -21.93
N ASP D 427 7.56 -20.76 -22.04
CA ASP D 427 7.09 -21.62 -20.98
C ASP D 427 7.76 -21.37 -19.63
N HIS D 428 9.02 -20.96 -19.66
CA HIS D 428 9.74 -20.68 -18.40
C HIS D 428 9.43 -19.31 -17.77
N TYR D 429 8.49 -18.56 -18.35
CA TYR D 429 8.13 -17.24 -17.86
C TYR D 429 7.38 -17.39 -16.55
N ARG D 430 7.88 -16.75 -15.50
CA ARG D 430 7.23 -16.81 -14.21
C ARG D 430 6.63 -15.45 -14.16
N TYR D 431 5.32 -15.37 -14.11
CA TYR D 431 4.65 -14.09 -14.13
C TYR D 431 4.86 -13.23 -12.86
PA NAD E . 4.88 17.83 14.34
O1A NAD E . 3.66 17.57 13.53
O2A NAD E . 4.76 18.54 15.64
O5B NAD E . 5.64 16.46 14.50
C5B NAD E . 6.70 16.37 15.43
C4B NAD E . 6.51 15.03 16.05
O4B NAD E . 7.76 14.56 16.59
C3B NAD E . 5.48 15.17 17.16
O3B NAD E . 4.39 14.28 16.95
C2B NAD E . 6.24 14.68 18.40
O2B NAD E . 5.38 13.91 19.25
C1B NAD E . 7.49 13.95 17.87
N9A NAD E . 8.68 14.06 18.75
C8A NAD E . 9.04 15.15 19.46
N7A NAD E . 10.12 14.89 20.25
C5A NAD E . 10.38 13.62 19.96
C6A NAD E . 11.40 12.92 20.52
N6A NAD E . 12.19 13.54 21.37
N1A NAD E . 11.58 11.64 20.18
C2A NAD E . 10.75 11.11 19.29
N3A NAD E . 9.73 11.80 18.76
C4A NAD E . 9.52 13.08 19.06
O3 NAD E . 5.93 18.48 13.36
PN NAD E . 6.16 18.43 11.78
O1N NAD E . 6.26 17.03 11.35
O2N NAD E . 5.27 19.41 11.07
O5D NAD E . 7.63 19.04 11.78
C5D NAD E . 8.75 18.31 12.16
C4D NAD E . 10.01 19.09 11.81
O4D NAD E . 10.32 19.17 10.39
C3D NAD E . 9.87 20.49 12.29
O3D NAD E . 11.11 21.01 12.74
C2D NAD E . 9.41 21.14 11.03
O2D NAD E . 9.54 22.54 11.14
C1D NAD E . 10.36 20.55 10.03
N1N NAD E . 9.93 20.67 8.65
C2N NAD E . 10.93 20.45 7.67
C3N NAD E . 10.60 20.59 6.32
C7N NAD E . 11.66 20.32 5.25
O7N NAD E . 12.69 19.67 5.43
N7N NAD E . 11.42 20.85 4.07
C4N NAD E . 9.27 20.89 5.98
C5N NAD E . 8.27 21.09 6.94
C6N NAD E . 8.61 20.98 8.27
HO3A NAD E . 3.98 14.05 17.83
HO2A NAD E . 4.75 14.54 19.71
H61A NAD E . 12.04 14.50 21.55
H62A NAD E . 12.87 13.04 21.91
HO3N NAD E . 11.68 21.16 11.93
HO2N NAD E . 10.04 22.75 11.98
H71N NAD E . 10.70 21.54 3.97
H72N NAD E . 11.95 20.54 3.29
PA NAD F . -16.92 13.77 7.85
O1A NAD F . -15.52 13.57 8.23
O2A NAD F . -17.61 15.03 8.29
O5B NAD F . -16.99 13.47 6.27
C5B NAD F . -18.21 13.49 5.56
C4B NAD F . -17.80 13.74 4.14
O4B NAD F . -18.91 13.63 3.24
C3B NAD F . -17.32 15.18 4.03
O3B NAD F . -16.01 15.28 3.54
C2B NAD F . -18.23 15.83 3.02
O2B NAD F . -17.57 16.83 2.28
C1B NAD F . -18.66 14.62 2.23
N9A NAD F . -19.90 14.94 1.57
C8A NAD F . -20.95 15.63 2.08
N7A NAD F . -21.97 15.65 1.22
C5A NAD F . -21.48 14.94 0.19
C6A NAD F . -22.16 14.75 -1.00
N6A NAD F . -23.38 15.20 -1.19
N1A NAD F . -21.47 14.14 -1.98
C2A NAD F . -20.18 13.78 -1.79
N3A NAD F . -19.53 13.96 -0.63
C4A NAD F . -20.19 14.53 0.37
O3 NAD F . -17.77 12.52 8.35
PN NAD F . -17.50 11.03 8.81
O1N NAD F . -16.80 10.28 7.74
O2N NAD F . -16.99 11.00 10.20
O5D NAD F . -19.02 10.60 8.92
C5D NAD F . -19.80 10.19 7.80
C4D NAD F . -21.11 9.51 8.22
O4D NAD F . -21.06 8.17 8.73
C3D NAD F . -21.76 10.31 9.28
O3D NAD F . -23.16 10.19 9.15
C2D NAD F . -21.30 9.60 10.52
O2D NAD F . -22.31 10.02 11.44
C1D NAD F . -21.38 8.15 10.12
N1N NAD F . -20.53 7.17 10.85
C2N NAD F . -20.88 5.81 10.69
C3N NAD F . -20.30 4.79 11.44
C7N NAD F . -20.66 3.29 11.18
O7N NAD F . -21.30 2.96 10.17
N7N NAD F . -20.28 2.42 12.14
C4N NAD F . -19.31 5.16 12.34
C5N NAD F . -18.94 6.50 12.52
C6N NAD F . -19.55 7.52 11.78
HO3A NAD F . -15.81 16.24 3.33
HO2A NAD F . -17.57 17.67 2.83
H61A NAD F . -23.87 15.64 -0.44
H62A NAD F . -23.80 15.16 -2.09
HO3N NAD F . -23.48 9.68 9.94
HO2N NAD F . -21.92 9.94 12.36
H71N NAD F . -20.00 2.76 13.02
H72N NAD F . -20.29 1.44 11.93
PA NAD G . 8.54 -8.91 -19.75
O1A NAD G . 8.34 -9.44 -18.38
O2A NAD G . 8.59 -9.90 -20.89
O5B NAD G . 7.41 -7.80 -19.86
C5B NAD G . 7.13 -7.18 -21.12
C4B NAD G . 5.66 -6.86 -21.07
O4B NAD G . 5.35 -5.86 -22.03
C3B NAD G . 4.93 -8.14 -21.45
O3B NAD G . 3.92 -8.55 -20.55
C2B NAD G . 4.22 -7.81 -22.73
O2B NAD G . 2.94 -8.43 -22.79
C1B NAD G . 4.14 -6.32 -22.66
N9A NAD G . 3.97 -5.83 -24.02
C8A NAD G . 4.54 -6.29 -25.15
N7A NAD G . 4.08 -5.60 -26.22
C5A NAD G . 3.23 -4.73 -25.68
C6A NAD G . 2.58 -3.76 -26.40
N6A NAD G . 2.88 -3.48 -27.65
N1A NAD G . 1.80 -2.96 -25.65
C2A NAD G . 1.65 -3.08 -24.31
N3A NAD G . 2.31 -4.02 -23.63
C4A NAD G . 3.12 -4.85 -24.32
O3 NAD G . 9.75 -7.89 -19.76
PN NAD G . 10.54 -7.03 -18.71
O1N NAD G . 9.65 -6.17 -17.88
O2N NAD G . 11.50 -7.93 -18.02
O5D NAD G . 11.44 -6.15 -19.69
C5D NAD G . 10.84 -5.19 -20.52
C4D NAD G . 11.98 -4.34 -21.07
O4D NAD G . 12.84 -3.57 -20.20
C3D NAD G . 12.90 -5.25 -21.81
O3D NAD G . 13.28 -4.52 -22.96
C2D NAD G . 14.03 -5.44 -20.83
O2D NAD G . 15.10 -5.81 -21.68
C1D NAD G . 14.16 -4.07 -20.27
N1N NAD G . 14.82 -3.87 -18.99
C2N NAD G . 15.34 -2.55 -18.71
C3N NAD G . 16.09 -2.27 -17.56
C7N NAD G . 16.55 -0.83 -17.22
O7N NAD G . 16.12 0.17 -17.78
N7N NAD G . 17.44 -0.74 -16.22
C4N NAD G . 16.30 -3.35 -16.68
C5N NAD G . 15.82 -4.65 -16.96
C6N NAD G . 15.07 -4.93 -18.11
HO3A NAD G . 3.28 -9.15 -21.03
HO2A NAD G . 3.06 -9.22 -23.40
H61A NAD G . 3.67 -3.92 -28.08
H62A NAD G . 2.29 -2.91 -28.22
HO3N NAD G . 13.66 -3.65 -22.62
HO2N NAD G . 14.81 -5.68 -22.64
H71N NAD G . 17.88 -1.56 -15.88
H72N NAD G . 17.63 0.15 -15.82
PA NAD H . 4.06 -23.08 -1.89
O1A NAD H . 3.96 -22.16 -3.03
O2A NAD H . 4.98 -24.23 -2.04
O5B NAD H . 4.31 -22.35 -0.55
C5B NAD H . 4.81 -23.04 0.60
C4B NAD H . 5.89 -22.22 1.24
O4B NAD H . 6.06 -22.50 2.63
C3B NAD H . 7.21 -22.50 0.55
O3B NAD H . 7.73 -21.28 0.04
C2B NAD H . 8.12 -23.04 1.62
O2B NAD H . 9.44 -22.50 1.46
C1B NAD H . 7.47 -22.60 2.93
N9A NAD H . 7.73 -23.56 4.03
C8A NAD H . 7.72 -24.91 3.92
N7A NAD H . 8.05 -25.46 5.09
C5A NAD H . 8.27 -24.42 5.89
C6A NAD H . 8.52 -24.50 7.25
N6A NAD H . 8.87 -25.64 7.80
N1A NAD H . 8.51 -23.35 7.95
C2A NAD H . 8.32 -22.20 7.33
N3A NAD H . 8.14 -22.13 6.01
C4A NAD H . 8.07 -23.23 5.26
O3 NAD H . 2.57 -23.45 -1.62
PN NAD H . 1.19 -22.69 -1.54
O1N NAD H . 1.36 -21.42 -0.79
O2N NAD H . 0.51 -22.68 -2.86
O5D NAD H . 0.41 -23.73 -0.63
C5D NAD H . 0.59 -23.76 0.77
C4D NAD H . -0.50 -24.58 1.38
O4D NAD H . -1.82 -24.03 1.29
C3D NAD H . -0.51 -25.89 0.68
O3D NAD H . -0.83 -26.94 1.54
C2D NAD H . -1.64 -25.67 -0.27
O2D NAD H . -2.04 -26.98 -0.65
C1D NAD H . -2.62 -24.93 0.59
N1N NAD H . -3.75 -24.23 -0.10
C2N NAD H . -4.89 -23.89 0.69
C3N NAD H . -6.00 -23.27 0.12
C7N NAD H . -7.20 -22.83 0.98
O7N NAD H . -7.20 -22.80 2.21
N7N NAD H . -8.31 -22.55 0.32
C4N NAD H . -5.94 -22.94 -1.25
C5N NAD H . -4.81 -23.24 -2.02
C6N NAD H . -3.71 -23.89 -1.46
HO3A NAD H . 8.71 -21.42 -0.13
HO2A NAD H . 10.09 -23.22 1.65
H61A NAD H . 8.82 -26.47 7.26
H62A NAD H . 9.30 -25.69 8.70
HO3N NAD H . -1.66 -27.36 1.19
HO2N NAD H . -3.04 -27.06 -0.53
H71N NAD H . -8.39 -22.74 -0.66
H72N NAD H . -9.08 -22.13 0.81
#